data_3V2Z
# 
_entry.id   3V2Z 
# 
_audit_conform.dict_name       mmcif_pdbx.dic 
_audit_conform.dict_version    5.381 
_audit_conform.dict_location   http://mmcif.pdb.org/dictionaries/ascii/mmcif_pdbx.dic 
# 
loop_
_database_2.database_id 
_database_2.database_code 
_database_2.pdbx_database_accession 
_database_2.pdbx_DOI 
PDB   3V2Z         pdb_00003v2z 10.2210/pdb3v2z/pdb 
RCSB  RCSB069529   ?            ?                   
WWPDB D_1000069529 ?            ?                   
# 
_pdbx_database_related.db_name        PDB 
_pdbx_database_related.db_id          3V2V 
_pdbx_database_related.details        . 
_pdbx_database_related.content_type   unspecified 
# 
_pdbx_database_status.status_code                     REL 
_pdbx_database_status.entry_id                        3V2Z 
_pdbx_database_status.recvd_initial_deposition_date   2011-12-12 
_pdbx_database_status.deposit_site                    RCSB 
_pdbx_database_status.process_site                    PDBJ 
_pdbx_database_status.status_code_sf                  REL 
_pdbx_database_status.status_code_mr                  ? 
_pdbx_database_status.SG_entry                        ? 
_pdbx_database_status.status_code_cs                  ? 
_pdbx_database_status.methods_development_category    ? 
_pdbx_database_status.pdb_format_compatible           Y 
_pdbx_database_status.status_code_nmr_data            ? 
# 
loop_
_audit_author.name 
_audit_author.pdbx_ordinal 
'Yi, J.'             1 
'Thomas, L.M.'       2 
'Ricther-Addo, G.B.' 3 
# 
_citation.id                        primary 
_citation.title                     'Distal pocket control of nitrite binding in myoglobin' 
_citation.journal_abbrev            Angew.Chem.Int.Ed.Engl. 
_citation.journal_volume            51 
_citation.page_first                3625 
_citation.page_last                 3627 
_citation.year                      2012 
_citation.journal_id_ASTM           ? 
_citation.country                   GE 
_citation.journal_id_ISSN           1433-7851 
_citation.journal_id_CSD            9999 
_citation.book_publisher            ? 
_citation.pdbx_database_id_PubMed   22383424 
_citation.pdbx_database_id_DOI      10.1002/anie.201200010 
# 
loop_
_citation_author.citation_id 
_citation_author.name 
_citation_author.ordinal 
_citation_author.identifier_ORCID 
primary 'Yi, J.'             1 ? 
primary 'Thomas, L.M.'       2 ? 
primary 'Richter-Addo, G.B.' 3 ? 
# 
_cell.entry_id           3V2Z 
_cell.length_a           34.285 
_cell.length_b           30.360 
_cell.length_c           64.060 
_cell.angle_alpha        90.00 
_cell.angle_beta         104.94 
_cell.angle_gamma        90.00 
_cell.Z_PDB              2 
_cell.pdbx_unique_axis   ? 
_cell.length_a_esd       ? 
_cell.length_b_esd       ? 
_cell.length_c_esd       ? 
_cell.angle_alpha_esd    ? 
_cell.angle_beta_esd     ? 
_cell.angle_gamma_esd    ? 
# 
_symmetry.entry_id                         3V2Z 
_symmetry.space_group_name_H-M             'P 1 21 1' 
_symmetry.pdbx_full_space_group_name_H-M   ? 
_symmetry.cell_setting                     ? 
_symmetry.Int_Tables_number                4 
_symmetry.space_group_name_Hall            ? 
# 
loop_
_entity.id 
_entity.type 
_entity.src_method 
_entity.pdbx_description 
_entity.formula_weight 
_entity.pdbx_number_of_molecules 
_entity.pdbx_ec 
_entity.pdbx_mutation 
_entity.pdbx_fragment 
_entity.details 
1 polymer     nat Myoglobin                                 16983.514 1   ? ? ? ? 
2 non-polymer syn 'Fe(III) pyropheophorbide-a methyl ester' 602.504   1   ? ? ? ? 
3 non-polymer syn 'NITRITE ION'                             46.005    2   ? ? ? ? 
4 non-polymer syn 'SULFATE ION'                             96.063    2   ? ? ? ? 
5 water       nat water                                     18.015    137 ? ? ? ? 
# 
_entity_poly.entity_id                      1 
_entity_poly.type                           'polypeptide(L)' 
_entity_poly.nstd_linkage                   no 
_entity_poly.nstd_monomer                   no 
_entity_poly.pdbx_seq_one_letter_code       
;GLSDGEWQQVLNVWGKVEADIAGHGQEVLIRLFTGHPETLEKFDKFKHLKTEAEMKASEDLKKHGTVVLTALGGILKKKG
HHEAELKPLAQSHATKHKIPIKYLEFISDAIIHVLHSKHPGDFGADAQGAMTKALELFRNDIAAKYKELGFQG
;
_entity_poly.pdbx_seq_one_letter_code_can   
;GLSDGEWQQVLNVWGKVEADIAGHGQEVLIRLFTGHPETLEKFDKFKHLKTEAEMKASEDLKKHGTVVLTALGGILKKKG
HHEAELKPLAQSHATKHKIPIKYLEFISDAIIHVLHSKHPGDFGADAQGAMTKALELFRNDIAAKYKELGFQG
;
_entity_poly.pdbx_strand_id                 A 
_entity_poly.pdbx_target_identifier         ? 
# 
loop_
_entity_poly_seq.entity_id 
_entity_poly_seq.num 
_entity_poly_seq.mon_id 
_entity_poly_seq.hetero 
1 1   GLY n 
1 2   LEU n 
1 3   SER n 
1 4   ASP n 
1 5   GLY n 
1 6   GLU n 
1 7   TRP n 
1 8   GLN n 
1 9   GLN n 
1 10  VAL n 
1 11  LEU n 
1 12  ASN n 
1 13  VAL n 
1 14  TRP n 
1 15  GLY n 
1 16  LYS n 
1 17  VAL n 
1 18  GLU n 
1 19  ALA n 
1 20  ASP n 
1 21  ILE n 
1 22  ALA n 
1 23  GLY n 
1 24  HIS n 
1 25  GLY n 
1 26  GLN n 
1 27  GLU n 
1 28  VAL n 
1 29  LEU n 
1 30  ILE n 
1 31  ARG n 
1 32  LEU n 
1 33  PHE n 
1 34  THR n 
1 35  GLY n 
1 36  HIS n 
1 37  PRO n 
1 38  GLU n 
1 39  THR n 
1 40  LEU n 
1 41  GLU n 
1 42  LYS n 
1 43  PHE n 
1 44  ASP n 
1 45  LYS n 
1 46  PHE n 
1 47  LYS n 
1 48  HIS n 
1 49  LEU n 
1 50  LYS n 
1 51  THR n 
1 52  GLU n 
1 53  ALA n 
1 54  GLU n 
1 55  MET n 
1 56  LYS n 
1 57  ALA n 
1 58  SER n 
1 59  GLU n 
1 60  ASP n 
1 61  LEU n 
1 62  LYS n 
1 63  LYS n 
1 64  HIS n 
1 65  GLY n 
1 66  THR n 
1 67  VAL n 
1 68  VAL n 
1 69  LEU n 
1 70  THR n 
1 71  ALA n 
1 72  LEU n 
1 73  GLY n 
1 74  GLY n 
1 75  ILE n 
1 76  LEU n 
1 77  LYS n 
1 78  LYS n 
1 79  LYS n 
1 80  GLY n 
1 81  HIS n 
1 82  HIS n 
1 83  GLU n 
1 84  ALA n 
1 85  GLU n 
1 86  LEU n 
1 87  LYS n 
1 88  PRO n 
1 89  LEU n 
1 90  ALA n 
1 91  GLN n 
1 92  SER n 
1 93  HIS n 
1 94  ALA n 
1 95  THR n 
1 96  LYS n 
1 97  HIS n 
1 98  LYS n 
1 99  ILE n 
1 100 PRO n 
1 101 ILE n 
1 102 LYS n 
1 103 TYR n 
1 104 LEU n 
1 105 GLU n 
1 106 PHE n 
1 107 ILE n 
1 108 SER n 
1 109 ASP n 
1 110 ALA n 
1 111 ILE n 
1 112 ILE n 
1 113 HIS n 
1 114 VAL n 
1 115 LEU n 
1 116 HIS n 
1 117 SER n 
1 118 LYS n 
1 119 HIS n 
1 120 PRO n 
1 121 GLY n 
1 122 ASP n 
1 123 PHE n 
1 124 GLY n 
1 125 ALA n 
1 126 ASP n 
1 127 ALA n 
1 128 GLN n 
1 129 GLY n 
1 130 ALA n 
1 131 MET n 
1 132 THR n 
1 133 LYS n 
1 134 ALA n 
1 135 LEU n 
1 136 GLU n 
1 137 LEU n 
1 138 PHE n 
1 139 ARG n 
1 140 ASN n 
1 141 ASP n 
1 142 ILE n 
1 143 ALA n 
1 144 ALA n 
1 145 LYS n 
1 146 TYR n 
1 147 LYS n 
1 148 GLU n 
1 149 LEU n 
1 150 GLY n 
1 151 PHE n 
1 152 GLN n 
1 153 GLY n 
# 
_entity_src_nat.entity_id                  1 
_entity_src_nat.pdbx_src_id                1 
_entity_src_nat.pdbx_alt_source_flag       sample 
_entity_src_nat.pdbx_beg_seq_num           ? 
_entity_src_nat.pdbx_end_seq_num           ? 
_entity_src_nat.common_name                horse 
_entity_src_nat.pdbx_organism_scientific   'Equus caballus' 
_entity_src_nat.pdbx_ncbi_taxonomy_id      9796 
_entity_src_nat.genus                      ? 
_entity_src_nat.species                    ? 
_entity_src_nat.strain                     ? 
_entity_src_nat.tissue                     heart 
_entity_src_nat.tissue_fraction            ? 
_entity_src_nat.pdbx_secretion             ? 
_entity_src_nat.pdbx_fragment              ? 
_entity_src_nat.pdbx_variant               ? 
_entity_src_nat.pdbx_cell_line             ? 
_entity_src_nat.pdbx_atcc                  ? 
_entity_src_nat.pdbx_cellular_location     ? 
_entity_src_nat.pdbx_organ                 ? 
_entity_src_nat.pdbx_organelle             ? 
_entity_src_nat.pdbx_cell                  ? 
_entity_src_nat.pdbx_plasmid_name          ? 
_entity_src_nat.pdbx_plasmid_details       ? 
_entity_src_nat.details                    ? 
# 
_struct_ref.id                         1 
_struct_ref.db_name                    UNP 
_struct_ref.db_code                    MYG_HORSE 
_struct_ref.pdbx_db_accession          P68082 
_struct_ref.entity_id                  1 
_struct_ref.pdbx_seq_one_letter_code   
;GLSDGEWQQVLNVWGKVEADIAGHGQEVLIRLFTGHPETLEKFDKFKHLKTEAEMKASEDLKKHGTVVLTALGGILKKKG
HHEAELKPLAQSHATKHKIPIKYLEFISDAIIHVLHSKHPGDFGADAQGAMTKALELFRNDIAAKYKELGFQG
;
_struct_ref.pdbx_align_begin           2 
_struct_ref.pdbx_db_isoform            ? 
# 
_struct_ref_seq.align_id                      1 
_struct_ref_seq.ref_id                        1 
_struct_ref_seq.pdbx_PDB_id_code              3V2Z 
_struct_ref_seq.pdbx_strand_id                A 
_struct_ref_seq.seq_align_beg                 1 
_struct_ref_seq.pdbx_seq_align_beg_ins_code   ? 
_struct_ref_seq.seq_align_end                 153 
_struct_ref_seq.pdbx_seq_align_end_ins_code   ? 
_struct_ref_seq.pdbx_db_accession             P68082 
_struct_ref_seq.db_align_beg                  2 
_struct_ref_seq.pdbx_db_align_beg_ins_code    ? 
_struct_ref_seq.db_align_end                  154 
_struct_ref_seq.pdbx_db_align_end_ins_code    ? 
_struct_ref_seq.pdbx_auth_seq_align_beg       1 
_struct_ref_seq.pdbx_auth_seq_align_end       153 
# 
loop_
_chem_comp.id 
_chem_comp.type 
_chem_comp.mon_nstd_flag 
_chem_comp.name 
_chem_comp.pdbx_synonyms 
_chem_comp.formula 
_chem_comp.formula_weight 
ALA 'L-peptide linking' y ALANINE                                   ? 'C3 H7 N O2'       89.093  
ARG 'L-peptide linking' y ARGININE                                  ? 'C6 H15 N4 O2 1'   175.209 
ASN 'L-peptide linking' y ASPARAGINE                                ? 'C4 H8 N2 O3'      132.118 
ASP 'L-peptide linking' y 'ASPARTIC ACID'                           ? 'C4 H7 N O4'       133.103 
GLN 'L-peptide linking' y GLUTAMINE                                 ? 'C5 H10 N2 O3'     146.144 
GLU 'L-peptide linking' y 'GLUTAMIC ACID'                           ? 'C5 H9 N O4'       147.129 
GLY 'peptide linking'   y GLYCINE                                   ? 'C2 H5 N O2'       75.067  
HIS 'L-peptide linking' y HISTIDINE                                 ? 'C6 H10 N3 O2 1'   156.162 
HKL non-polymer         . 'Fe(III) pyropheophorbide-a methyl ester' ? 'C34 H34 Fe N4 O3' 602.504 
HOH non-polymer         . WATER                                     ? 'H2 O'             18.015  
ILE 'L-peptide linking' y ISOLEUCINE                                ? 'C6 H13 N O2'      131.173 
LEU 'L-peptide linking' y LEUCINE                                   ? 'C6 H13 N O2'      131.173 
LYS 'L-peptide linking' y LYSINE                                    ? 'C6 H15 N2 O2 1'   147.195 
MET 'L-peptide linking' y METHIONINE                                ? 'C5 H11 N O2 S'    149.211 
NO2 non-polymer         . 'NITRITE ION'                             ? 'N O2 -1'          46.005  
PHE 'L-peptide linking' y PHENYLALANINE                             ? 'C9 H11 N O2'      165.189 
PRO 'L-peptide linking' y PROLINE                                   ? 'C5 H9 N O2'       115.130 
SER 'L-peptide linking' y SERINE                                    ? 'C3 H7 N O3'       105.093 
SO4 non-polymer         . 'SULFATE ION'                             ? 'O4 S -2'          96.063  
THR 'L-peptide linking' y THREONINE                                 ? 'C4 H9 N O3'       119.119 
TRP 'L-peptide linking' y TRYPTOPHAN                                ? 'C11 H12 N2 O2'    204.225 
TYR 'L-peptide linking' y TYROSINE                                  ? 'C9 H11 N O3'      181.189 
VAL 'L-peptide linking' y VALINE                                    ? 'C5 H11 N O2'      117.146 
# 
_exptl.entry_id          3V2Z 
_exptl.method            'X-RAY DIFFRACTION' 
_exptl.crystals_number   1 
# 
_exptl_crystal.id                    1 
_exptl_crystal.density_meas          ? 
_exptl_crystal.density_Matthews      1.90 
_exptl_crystal.density_percent_sol   35.15 
_exptl_crystal.description           ? 
_exptl_crystal.F_000                 ? 
_exptl_crystal.preparation           ? 
# 
_exptl_crystal_grow.crystal_id      1 
_exptl_crystal_grow.method          'VAPOR DIFFUSION, HANGING DROP' 
_exptl_crystal_grow.temp            295 
_exptl_crystal_grow.temp_details    ? 
_exptl_crystal_grow.pH              7.4 
_exptl_crystal_grow.pdbx_details    'ammonium sulfate, 100mM TrisHCl, pH 7.4, VAPOR DIFFUSION, HANGING DROP, temperature 295K' 
_exptl_crystal_grow.pdbx_pH_range   . 
# 
_diffrn.id                     1 
_diffrn.ambient_temp           100 
_diffrn.ambient_temp_details   ? 
_diffrn.crystal_id             1 
# 
_diffrn_detector.diffrn_id              1 
_diffrn_detector.detector               'IMAGE PLATE' 
_diffrn_detector.type                   'RIGAKU RAXIS IV++' 
_diffrn_detector.pdbx_collection_date   2010-05-24 
_diffrn_detector.details                Osmic 
# 
_diffrn_radiation.diffrn_id                        1 
_diffrn_radiation.wavelength_id                    1 
_diffrn_radiation.pdbx_monochromatic_or_laue_m_l   M 
_diffrn_radiation.monochromator                    'Osmic mirrors' 
_diffrn_radiation.pdbx_diffrn_protocol             'SINGLE WAVELENGTH' 
_diffrn_radiation.pdbx_scattering_type             x-ray 
# 
_diffrn_radiation_wavelength.id           1 
_diffrn_radiation_wavelength.wavelength   1.5418 
_diffrn_radiation_wavelength.wt           1.0 
# 
_diffrn_source.diffrn_id                   1 
_diffrn_source.source                      'ROTATING ANODE' 
_diffrn_source.type                        'RIGAKU RUH3R' 
_diffrn_source.pdbx_synchrotron_site       ? 
_diffrn_source.pdbx_synchrotron_beamline   ? 
_diffrn_source.pdbx_wavelength             ? 
_diffrn_source.pdbx_wavelength_list        1.5418 
# 
_reflns.entry_id                     3V2Z 
_reflns.observed_criterion_sigma_I   2 
_reflns.observed_criterion_sigma_F   2 
_reflns.d_resolution_low             26.50 
_reflns.d_resolution_high            1.65 
_reflns.number_obs                   15230 
_reflns.number_all                   ? 
_reflns.percent_possible_obs         97.5 
_reflns.pdbx_Rmerge_I_obs            0.038 
_reflns.pdbx_Rsym_value              ? 
_reflns.pdbx_netI_over_sigmaI        16.8 
_reflns.B_iso_Wilson_estimate        ? 
_reflns.pdbx_redundancy              3.21 
_reflns.R_free_details               ? 
_reflns.limit_h_max                  ? 
_reflns.limit_h_min                  ? 
_reflns.limit_k_max                  ? 
_reflns.limit_k_min                  ? 
_reflns.limit_l_max                  ? 
_reflns.limit_l_min                  ? 
_reflns.observed_criterion_F_max     ? 
_reflns.observed_criterion_F_min     ? 
_reflns.pdbx_chi_squared             ? 
_reflns.pdbx_scaling_rejects         ? 
_reflns.pdbx_ordinal                 1 
_reflns.pdbx_diffrn_id               1 
# 
_reflns_shell.d_res_high                  1.65 
_reflns_shell.d_res_low                   1.71 
_reflns_shell.percent_possible_all        94.5 
_reflns_shell.Rmerge_I_obs                0.143 
_reflns_shell.pdbx_Rsym_value             ? 
_reflns_shell.meanI_over_sigI_obs         5.9 
_reflns_shell.pdbx_redundancy             3.18 
_reflns_shell.percent_possible_obs        ? 
_reflns_shell.number_unique_all           1370 
_reflns_shell.number_measured_all         ? 
_reflns_shell.number_measured_obs         ? 
_reflns_shell.number_unique_obs           ? 
_reflns_shell.pdbx_chi_squared            ? 
_reflns_shell.pdbx_rejects                ? 
_reflns_shell.pdbx_netI_over_sigmaI_obs   ? 
_reflns_shell.number_possible             ? 
_reflns_shell.Rmerge_F_all                ? 
_reflns_shell.Rmerge_F_obs                ? 
_reflns_shell.Rmerge_I_all                ? 
_reflns_shell.meanI_over_sigI_all         ? 
_reflns_shell.pdbx_Rrim_I_all             ? 
_reflns_shell.pdbx_Rpim_I_all             ? 
_reflns_shell.pdbx_ordinal                1 
_reflns_shell.pdbx_diffrn_id              1 
# 
_refine.entry_id                                 3V2Z 
_refine.ls_number_reflns_obs                     14385 
_refine.ls_number_reflns_all                     14436 
_refine.pdbx_ls_sigma_I                          2 
_refine.pdbx_ls_sigma_F                          2 
_refine.pdbx_data_cutoff_high_absF               ? 
_refine.pdbx_data_cutoff_low_absF                ? 
_refine.pdbx_data_cutoff_high_rms_absF           ? 
_refine.ls_d_res_low                             26.50 
_refine.ls_d_res_high                            1.65 
_refine.ls_percent_reflns_obs                    97.15 
_refine.ls_R_factor_obs                          0.18647 
_refine.ls_R_factor_all                          ? 
_refine.ls_R_factor_R_work                       0.18396 
_refine.ls_R_factor_R_free                       0.23202 
_refine.ls_R_factor_R_free_error                 ? 
_refine.ls_R_factor_R_free_error_details         ? 
_refine.ls_percent_reflns_R_free                 5.2 
_refine.ls_number_reflns_R_free                  795 
_refine.ls_number_parameters                     ? 
_refine.ls_number_restraints                     ? 
_refine.occupancy_min                            ? 
_refine.occupancy_max                            ? 
_refine.correlation_coeff_Fo_to_Fc               0.958 
_refine.correlation_coeff_Fo_to_Fc_free          0.940 
_refine.B_iso_mean                               15.878 
_refine.aniso_B[1][1]                            0.42 
_refine.aniso_B[2][2]                            -0.12 
_refine.aniso_B[3][3]                            -0.34 
_refine.aniso_B[1][2]                            0.00 
_refine.aniso_B[1][3]                            -0.07 
_refine.aniso_B[2][3]                            -0.00 
_refine.solvent_model_details                    MASK 
_refine.solvent_model_param_ksol                 ? 
_refine.solvent_model_param_bsol                 ? 
_refine.pdbx_solvent_vdw_probe_radii             1.40 
_refine.pdbx_solvent_ion_probe_radii             0.80 
_refine.pdbx_solvent_shrinkage_radii             0.80 
_refine.pdbx_ls_cross_valid_method               THROUGHOUT 
_refine.details                                  'HYDROGENS HAVE BEEN ADDED IN THE RIDING POSITIONS' 
_refine.pdbx_starting_model                      3BA2 
_refine.pdbx_method_to_determine_struct          'MOLECULAR REPLACEMENT' 
_refine.pdbx_isotropic_thermal_model             Isotropic 
_refine.pdbx_stereochemistry_target_values       'MAXIMUM LIKELIHOOD' 
_refine.pdbx_stereochem_target_val_spec_case     ? 
_refine.pdbx_R_Free_selection_details            RANDOM 
_refine.pdbx_overall_ESU_R                       0.124 
_refine.pdbx_overall_ESU_R_Free                  0.123 
_refine.overall_SU_ML                            0.073 
_refine.pdbx_overall_phase_error                 ? 
_refine.overall_SU_B                             2.116 
_refine.overall_SU_R_Cruickshank_DPI             ? 
_refine.ls_redundancy_reflns_obs                 ? 
_refine.B_iso_min                                ? 
_refine.B_iso_max                                ? 
_refine.overall_SU_R_free                        ? 
_refine.ls_wR_factor_R_free                      ? 
_refine.ls_wR_factor_R_work                      ? 
_refine.overall_FOM_free_R_set                   ? 
_refine.overall_FOM_work_R_set                   ? 
_refine.pdbx_diffrn_id                           1 
_refine.pdbx_refine_id                           'X-RAY DIFFRACTION' 
_refine.pdbx_TLS_residual_ADP_flag               ? 
_refine.pdbx_overall_SU_R_free_Cruickshank_DPI   ? 
_refine.pdbx_overall_SU_R_Blow_DPI               ? 
_refine.pdbx_overall_SU_R_free_Blow_DPI          ? 
# 
_refine_hist.pdbx_refine_id                   'X-RAY DIFFRACTION' 
_refine_hist.cycle_id                         LAST 
_refine_hist.pdbx_number_atoms_protein        1194 
_refine_hist.pdbx_number_atoms_nucleic_acid   0 
_refine_hist.pdbx_number_atoms_ligand         58 
_refine_hist.number_atoms_solvent             137 
_refine_hist.number_atoms_total               1389 
_refine_hist.d_res_high                       1.65 
_refine_hist.d_res_low                        26.50 
# 
loop_
_refine_ls_restr.type 
_refine_ls_restr.dev_ideal 
_refine_ls_restr.dev_ideal_target 
_refine_ls_restr.weight 
_refine_ls_restr.number 
_refine_ls_restr.pdbx_restraint_function 
_refine_ls_restr.pdbx_refine_id 
r_bond_refined_d       0.022  0.021  ? 1289 ? 'X-RAY DIFFRACTION' 
r_angle_refined_deg    2.135  2.011  ? 1748 ? 'X-RAY DIFFRACTION' 
r_dihedral_angle_1_deg 5.316  5.000  ? 153  ? 'X-RAY DIFFRACTION' 
r_dihedral_angle_2_deg 36.989 25.094 ? 53   ? 'X-RAY DIFFRACTION' 
r_dihedral_angle_3_deg 14.299 15.000 ? 230  ? 'X-RAY DIFFRACTION' 
r_dihedral_angle_4_deg 16.834 15.000 ? 2    ? 'X-RAY DIFFRACTION' 
r_chiral_restr         0.139  0.200  ? 182  ? 'X-RAY DIFFRACTION' 
r_gen_planes_refined   0.013  0.021  ? 950  ? 'X-RAY DIFFRACTION' 
r_mcbond_it            1.325  1.500  ? 756  ? 'X-RAY DIFFRACTION' 
r_mcangle_it           2.237  2.000  ? 1198 ? 'X-RAY DIFFRACTION' 
r_scbond_it            3.470  3.000  ? 533  ? 'X-RAY DIFFRACTION' 
r_scangle_it           5.333  4.500  ? 549  ? 'X-RAY DIFFRACTION' 
# 
_refine_ls_shell.pdbx_refine_id                   'X-RAY DIFFRACTION' 
_refine_ls_shell.pdbx_total_number_of_bins_used   20 
_refine_ls_shell.d_res_high                       1.650 
_refine_ls_shell.d_res_low                        1.693 
_refine_ls_shell.number_reflns_R_work             1016 
_refine_ls_shell.R_factor_R_work                  0.360 
_refine_ls_shell.percent_reflns_obs               93.16 
_refine_ls_shell.R_factor_R_free                  0.344 
_refine_ls_shell.R_factor_R_free_error            ? 
_refine_ls_shell.percent_reflns_R_free            ? 
_refine_ls_shell.number_reflns_R_free             60 
_refine_ls_shell.number_reflns_all                ? 
_refine_ls_shell.R_factor_all                     ? 
_refine_ls_shell.number_reflns_obs                ? 
_refine_ls_shell.redundancy_reflns_obs            ? 
# 
_struct.entry_id                  3V2Z 
_struct.title                     'Nitrite Bound Chlorin Substituted Myoglobin- Method 2' 
_struct.pdbx_model_details        ? 
_struct.pdbx_CASP_flag            ? 
_struct.pdbx_model_type_details   ? 
# 
_struct_keywords.entry_id        3V2Z 
_struct_keywords.pdbx_keywords   'TRANSPORT PROTEIN' 
_struct_keywords.text            'nitrite, myoglobin, chlorin, chlorin reconstituted myoglobin, TRANSPORT PROTEIN' 
# 
loop_
_struct_asym.id 
_struct_asym.pdbx_blank_PDB_chainid_flag 
_struct_asym.pdbx_modified 
_struct_asym.entity_id 
_struct_asym.details 
A N N 1 ? 
B N N 2 ? 
C N N 3 ? 
D N N 3 ? 
E N N 4 ? 
F N N 4 ? 
G N N 5 ? 
# 
_struct_biol.id        1 
_struct_biol.details   ? 
# 
loop_
_struct_conf.conf_type_id 
_struct_conf.id 
_struct_conf.pdbx_PDB_helix_id 
_struct_conf.beg_label_comp_id 
_struct_conf.beg_label_asym_id 
_struct_conf.beg_label_seq_id 
_struct_conf.pdbx_beg_PDB_ins_code 
_struct_conf.end_label_comp_id 
_struct_conf.end_label_asym_id 
_struct_conf.end_label_seq_id 
_struct_conf.pdbx_end_PDB_ins_code 
_struct_conf.beg_auth_comp_id 
_struct_conf.beg_auth_asym_id 
_struct_conf.beg_auth_seq_id 
_struct_conf.end_auth_comp_id 
_struct_conf.end_auth_asym_id 
_struct_conf.end_auth_seq_id 
_struct_conf.pdbx_PDB_helix_class 
_struct_conf.details 
_struct_conf.pdbx_PDB_helix_length 
HELX_P HELX_P1  1  SER A 3   ? GLU A 18  ? SER A 3   GLU A 18  1 ? 16 
HELX_P HELX_P2  2  ASP A 20  ? HIS A 36  ? ASP A 20  HIS A 36  1 ? 17 
HELX_P HELX_P3  3  HIS A 36  ? GLU A 41  ? HIS A 36  GLU A 41  1 ? 6  
HELX_P HELX_P4  4  LYS A 42  ? LYS A 47  ? LYS A 42  LYS A 47  5 ? 6  
HELX_P HELX_P5  5  THR A 51  ? SER A 58  ? THR A 51  SER A 58  1 ? 8  
HELX_P HELX_P6  6  SER A 58  ? LYS A 78  ? SER A 58  LYS A 78  1 ? 21 
HELX_P HELX_P7  7  HIS A 82  ? LYS A 96  ? HIS A 82  LYS A 96  1 ? 15 
HELX_P HELX_P8  8  PRO A 100 ? HIS A 119 ? PRO A 100 HIS A 119 1 ? 20 
HELX_P HELX_P9  9  PRO A 120 ? PHE A 123 ? PRO A 120 PHE A 123 5 ? 4  
HELX_P HELX_P10 10 GLY A 124 ? GLY A 150 ? GLY A 124 GLY A 150 1 ? 27 
# 
_struct_conf_type.id          HELX_P 
_struct_conf_type.criteria    ? 
_struct_conf_type.reference   ? 
# 
loop_
_struct_conn.id 
_struct_conn.conn_type_id 
_struct_conn.pdbx_leaving_atom_flag 
_struct_conn.pdbx_PDB_id 
_struct_conn.ptnr1_label_asym_id 
_struct_conn.ptnr1_label_comp_id 
_struct_conn.ptnr1_label_seq_id 
_struct_conn.ptnr1_label_atom_id 
_struct_conn.pdbx_ptnr1_label_alt_id 
_struct_conn.pdbx_ptnr1_PDB_ins_code 
_struct_conn.pdbx_ptnr1_standard_comp_id 
_struct_conn.ptnr1_symmetry 
_struct_conn.ptnr2_label_asym_id 
_struct_conn.ptnr2_label_comp_id 
_struct_conn.ptnr2_label_seq_id 
_struct_conn.ptnr2_label_atom_id 
_struct_conn.pdbx_ptnr2_label_alt_id 
_struct_conn.pdbx_ptnr2_PDB_ins_code 
_struct_conn.ptnr1_auth_asym_id 
_struct_conn.ptnr1_auth_comp_id 
_struct_conn.ptnr1_auth_seq_id 
_struct_conn.ptnr2_auth_asym_id 
_struct_conn.ptnr2_auth_comp_id 
_struct_conn.ptnr2_auth_seq_id 
_struct_conn.ptnr2_symmetry 
_struct_conn.pdbx_ptnr3_label_atom_id 
_struct_conn.pdbx_ptnr3_label_seq_id 
_struct_conn.pdbx_ptnr3_label_comp_id 
_struct_conn.pdbx_ptnr3_label_asym_id 
_struct_conn.pdbx_ptnr3_label_alt_id 
_struct_conn.pdbx_ptnr3_PDB_ins_code 
_struct_conn.details 
_struct_conn.pdbx_dist_value 
_struct_conn.pdbx_value_order 
_struct_conn.pdbx_role 
metalc1 metalc ? ? A HIS 93 NE2 ? ? ? 1_555 B HKL . FE ? ? A HIS 93  A HKL 154 1_555 ? ? ? ? ? ? ? 2.073 ? ? 
metalc2 metalc ? ? B HKL .  FE  ? ? ? 1_555 C NO2 . N  ? ? A HKL 154 A NO2 155 1_555 ? ? ? ? ? ? ? 2.035 ? ? 
# 
_struct_conn_type.id          metalc 
_struct_conn_type.criteria    ? 
_struct_conn_type.reference   ? 
# 
loop_
_struct_site.id 
_struct_site.pdbx_evidence_code 
_struct_site.pdbx_auth_asym_id 
_struct_site.pdbx_auth_comp_id 
_struct_site.pdbx_auth_seq_id 
_struct_site.pdbx_auth_ins_code 
_struct_site.pdbx_num_residues 
_struct_site.details 
AC1 Software A HKL 154 ? 15 'BINDING SITE FOR RESIDUE HKL A 154' 
AC2 Software A NO2 155 ? 4  'BINDING SITE FOR RESIDUE NO2 A 155' 
AC3 Software A NO2 156 ? 2  'BINDING SITE FOR RESIDUE NO2 A 156' 
AC4 Software A SO4 157 ? 7  'BINDING SITE FOR RESIDUE SO4 A 157' 
AC5 Software A SO4 158 ? 4  'BINDING SITE FOR RESIDUE SO4 A 158' 
# 
loop_
_struct_site_gen.id 
_struct_site_gen.site_id 
_struct_site_gen.pdbx_num_res 
_struct_site_gen.label_comp_id 
_struct_site_gen.label_asym_id 
_struct_site_gen.label_seq_id 
_struct_site_gen.pdbx_auth_ins_code 
_struct_site_gen.auth_comp_id 
_struct_site_gen.auth_asym_id 
_struct_site_gen.auth_seq_id 
_struct_site_gen.label_atom_id 
_struct_site_gen.label_alt_id 
_struct_site_gen.symmetry 
_struct_site_gen.details 
1  AC1 15 LYS A 42  ? LYS A 42  . ? 1_555 ? 
2  AC1 15 PHE A 43  ? PHE A 43  . ? 1_555 ? 
3  AC1 15 VAL A 67  ? VAL A 67  . ? 1_555 ? 
4  AC1 15 VAL A 68  ? VAL A 68  . ? 1_555 ? 
5  AC1 15 PRO A 88  ? PRO A 88  . ? 1_555 ? 
6  AC1 15 LEU A 89  ? LEU A 89  . ? 1_555 ? 
7  AC1 15 SER A 92  ? SER A 92  . ? 1_555 ? 
8  AC1 15 HIS A 93  ? HIS A 93  . ? 1_555 ? 
9  AC1 15 HIS A 97  ? HIS A 97  . ? 1_555 ? 
10 AC1 15 ILE A 99  ? ILE A 99  . ? 1_555 ? 
11 AC1 15 TYR A 103 ? TYR A 103 . ? 1_555 ? 
12 AC1 15 ILE A 107 ? ILE A 107 . ? 1_555 ? 
13 AC1 15 ALA A 125 ? ALA A 125 . ? 1_545 ? 
14 AC1 15 GLN A 128 ? GLN A 128 . ? 1_545 ? 
15 AC1 15 NO2 C .   ? NO2 A 155 . ? 1_555 ? 
16 AC2 4  PHE A 43  ? PHE A 43  . ? 1_555 ? 
17 AC2 4  HIS A 64  ? HIS A 64  . ? 1_555 ? 
18 AC2 4  VAL A 68  ? VAL A 68  . ? 1_555 ? 
19 AC2 4  HKL B .   ? HKL A 154 . ? 1_555 ? 
20 AC3 2  GLY A 121 ? GLY A 121 . ? 1_555 ? 
21 AC3 2  HOH G .   ? HOH A 222 . ? 1_555 ? 
22 AC4 7  SER A 58  ? SER A 58  . ? 1_555 ? 
23 AC4 7  GLU A 59  ? GLU A 59  . ? 1_555 ? 
24 AC4 7  ASP A 60  ? ASP A 60  . ? 1_555 ? 
25 AC4 7  HOH G .   ? HOH A 190 . ? 1_555 ? 
26 AC4 7  HOH G .   ? HOH A 196 . ? 1_555 ? 
27 AC4 7  HOH G .   ? HOH A 202 . ? 1_555 ? 
28 AC4 7  HOH G .   ? HOH A 226 . ? 1_555 ? 
29 AC5 4  HIS A 81  ? HIS A 81  . ? 1_555 ? 
30 AC5 4  HIS A 82  ? HIS A 82  . ? 1_555 ? 
31 AC5 4  GLU A 83  ? GLU A 83  . ? 1_555 ? 
32 AC5 4  HOH G .   ? HOH A 255 . ? 1_555 ? 
# 
_atom_sites.entry_id                    3V2Z 
_atom_sites.fract_transf_matrix[1][1]   0.01419702 
_atom_sites.fract_transf_matrix[1][2]   0.00047792 
_atom_sites.fract_transf_matrix[1][3]   0.02663763 
_atom_sites.fract_transf_matrix[2][1]   -0.02856022 
_atom_sites.fract_transf_matrix[2][2]   -0.00585787 
_atom_sites.fract_transf_matrix[2][3]   0.01532680 
_atom_sites.fract_transf_matrix[3][1]   0.00452369 
_atom_sites.fract_transf_matrix[3][2]   -0.01529402 
_atom_sites.fract_transf_matrix[3][3]   0.00258418 
_atom_sites.fract_transf_vector[1]      0.254258 
_atom_sites.fract_transf_vector[2]      0.048835 
_atom_sites.fract_transf_vector[3]      0.250078 
# 
loop_
_atom_type.symbol 
C  
FE 
N  
O  
S  
# 
loop_
_atom_site.group_PDB 
_atom_site.id 
_atom_site.type_symbol 
_atom_site.label_atom_id 
_atom_site.label_alt_id 
_atom_site.label_comp_id 
_atom_site.label_asym_id 
_atom_site.label_entity_id 
_atom_site.label_seq_id 
_atom_site.pdbx_PDB_ins_code 
_atom_site.Cartn_x 
_atom_site.Cartn_y 
_atom_site.Cartn_z 
_atom_site.occupancy 
_atom_site.B_iso_or_equiv 
_atom_site.pdbx_formal_charge 
_atom_site.auth_seq_id 
_atom_site.auth_comp_id 
_atom_site.auth_asym_id 
_atom_site.auth_atom_id 
_atom_site.pdbx_PDB_model_num 
ATOM   1    N  N   . GLY A 1 1   ? -4.597  16.450  8.729   1.00 28.59 ? 1   GLY A N   1 
ATOM   2    C  CA  . GLY A 1 1   ? -3.748  15.538  9.572   1.00 26.88 ? 1   GLY A CA  1 
ATOM   3    C  C   . GLY A 1 1   ? -4.442  14.472  10.418  1.00 25.26 ? 1   GLY A C   1 
ATOM   4    O  O   . GLY A 1 1   ? -5.680  14.391  10.531  1.00 26.47 ? 1   GLY A O   1 
ATOM   5    N  N   . LEU A 1 2   ? -3.629  13.591  10.980  1.00 21.55 ? 2   LEU A N   1 
ATOM   6    C  CA  . LEU A 1 2   ? -4.162  12.669  11.967  1.00 18.22 ? 2   LEU A CA  1 
ATOM   7    C  C   . LEU A 1 2   ? -3.843  13.180  13.347  1.00 17.17 ? 2   LEU A C   1 
ATOM   8    O  O   . LEU A 1 2   ? -2.851  13.822  13.516  1.00 17.86 ? 2   LEU A O   1 
ATOM   9    C  CB  . LEU A 1 2   ? -3.563  11.279  11.819  1.00 16.76 ? 2   LEU A CB  1 
ATOM   10   C  CG  . LEU A 1 2   ? -4.103  10.412  10.664  1.00 13.34 ? 2   LEU A CG  1 
ATOM   11   C  CD1 . LEU A 1 2   ? -3.808  11.006  9.265   1.00 15.12 ? 2   LEU A CD1 1 
ATOM   12   C  CD2 . LEU A 1 2   ? -3.381  9.069   10.798  1.00 12.47 ? 2   LEU A CD2 1 
ATOM   13   N  N   . SER A 1 3   ? -4.635  12.778  14.334  1.00 14.31 ? 3   SER A N   1 
ATOM   14   C  CA  . SER A 1 3   ? -4.266  13.124  15.711  1.00 14.42 ? 3   SER A CA  1 
ATOM   15   C  C   . SER A 1 3   ? -3.167  12.235  16.231  1.00 14.89 ? 3   SER A C   1 
ATOM   16   O  O   . SER A 1 3   ? -2.881  11.192  15.655  1.00 13.55 ? 3   SER A O   1 
ATOM   17   C  CB  . SER A 1 3   ? -5.453  12.962  16.634  1.00 14.99 ? 3   SER A CB  1 
ATOM   18   O  OG  . SER A 1 3   ? -5.849  11.618  16.774  1.00 15.04 ? 3   SER A OG  1 
ATOM   19   N  N   . ASP A 1 4   ? -2.587  12.598  17.366  1.00 14.70 ? 4   ASP A N   1 
ATOM   20   C  CA  . ASP A 1 4   ? -1.652  11.677  17.979  1.00 14.56 ? 4   ASP A CA  1 
ATOM   21   C  C   . ASP A 1 4   ? -2.244  10.305  18.246  1.00 14.06 ? 4   ASP A C   1 
ATOM   22   O  O   . ASP A 1 4   ? -1.586  9.309   18.022  1.00 14.44 ? 4   ASP A O   1 
ATOM   23   C  CB  . ASP A 1 4   ? -1.114  12.266  19.304  1.00 14.51 ? 4   ASP A CB  1 
ATOM   24   C  CG  . ASP A 1 4   ? -0.321  13.523  19.091  1.00 18.40 ? 4   ASP A CG  1 
ATOM   25   O  OD1 . ASP A 1 4   ? 0.405   13.619  18.105  1.00 20.96 ? 4   ASP A OD1 1 
ATOM   26   O  OD2 . ASP A 1 4   ? -0.467  14.440  19.940  1.00 26.40 ? 4   ASP A OD2 1 
ATOM   27   N  N   . GLY A 1 5   ? -3.487  10.240  18.732  1.00 12.69 ? 5   GLY A N   1 
ATOM   28   C  CA  . GLY A 1 5   ? -4.129  8.973   19.048  1.00 14.32 ? 5   GLY A CA  1 
ATOM   29   C  C   . GLY A 1 5   ? -4.351  8.187   17.741  1.00 13.10 ? 5   GLY A C   1 
ATOM   30   O  O   . GLY A 1 5   ? -4.131  6.975   17.739  1.00 14.23 ? 5   GLY A O   1 
ATOM   31   N  N   . GLU A 1 6   ? -4.671  8.877   16.637  1.00 13.13 ? 6   GLU A N   1 
ATOM   32   C  CA  . GLU A 1 6   ? -4.824  8.179   15.332  1.00 12.56 ? 6   GLU A CA  1 
ATOM   33   C  C   . GLU A 1 6   ? -3.483  7.611   14.848  1.00 11.29 ? 6   GLU A C   1 
ATOM   34   O  O   . GLU A 1 6   ? -3.440  6.426   14.460  1.00 11.20 ? 6   GLU A O   1 
ATOM   35   C  CB  . GLU A 1 6   ? -5.429  9.085   14.274  1.00 12.20 ? 6   GLU A CB  1 
ATOM   36   C  CG  . GLU A 1 6   ? -6.936  9.274   14.544  1.00 17.41 ? 6   GLU A CG  1 
ATOM   37   C  CD  . GLU A 1 6   ? -7.547  10.393  13.736  1.00 20.29 ? 6   GLU A CD  1 
ATOM   38   O  OE1 . GLU A 1 6   ? -6.870  11.410  13.415  1.00 16.69 ? 6   GLU A OE1 1 
ATOM   39   O  OE2 . GLU A 1 6   ? -8.755  10.229  13.425  1.00 22.23 ? 6   GLU A OE2 1 
ATOM   40   N  N   . TRP A 1 7   ? -2.406  8.431   14.900  1.00 10.53 ? 7   TRP A N   1 
ATOM   41   C  CA  . TRP A 1 7   ? -1.099  7.880   14.561  1.00 8.76  ? 7   TRP A CA  1 
ATOM   42   C  C   . TRP A 1 7   ? -0.725  6.660   15.388  1.00 9.38  ? 7   TRP A C   1 
ATOM   43   O  O   . TRP A 1 7   ? -0.129  5.715   14.867  1.00 10.03 ? 7   TRP A O   1 
ATOM   44   C  CB  . TRP A 1 7   ? 0.029   8.902   14.553  1.00 9.89  ? 7   TRP A CB  1 
ATOM   45   C  CG  . TRP A 1 7   ? -0.004  9.850   13.416  1.00 10.18 ? 7   TRP A CG  1 
ATOM   46   C  CD1 . TRP A 1 7   ? -0.160  11.201  13.469  1.00 10.80 ? 7   TRP A CD1 1 
ATOM   47   C  CD2 . TRP A 1 7   ? 0.164   9.510   12.025  1.00 9.83  ? 7   TRP A CD2 1 
ATOM   48   N  NE1 . TRP A 1 7   ? -0.120  11.736  12.190  1.00 12.55 ? 7   TRP A NE1 1 
ATOM   49   C  CE2 . TRP A 1 7   ? 0.058   10.709  11.290  1.00 11.41 ? 7   TRP A CE2 1 
ATOM   50   C  CE3 . TRP A 1 7   ? 0.375   8.292   11.325  1.00 7.64  ? 7   TRP A CE3 1 
ATOM   51   C  CZ2 . TRP A 1 7   ? 0.130   10.734  9.889   1.00 12.97 ? 7   TRP A CZ2 1 
ATOM   52   C  CZ3 . TRP A 1 7   ? 0.495   8.328   9.924   1.00 8.68  ? 7   TRP A CZ3 1 
ATOM   53   C  CH2 . TRP A 1 7   ? 0.385   9.547   9.238   1.00 11.57 ? 7   TRP A CH2 1 
ATOM   54   N  N   . GLN A 1 8   ? -0.999  6.717   16.704  1.00 10.16 ? 8   GLN A N   1 
ATOM   55   C  CA  . GLN A 1 8   ? -0.684  5.566   17.537  1.00 11.61 ? 8   GLN A CA  1 
ATOM   56   C  C   . GLN A 1 8   ? -1.477  4.328   17.112  1.00 12.53 ? 8   GLN A C   1 
ATOM   57   O  O   . GLN A 1 8   ? -0.955  3.242   17.117  1.00 12.66 ? 8   GLN A O   1 
ATOM   58   C  CB  . GLN A 1 8   ? -0.952  5.884   19.014  1.00 12.97 ? 8   GLN A CB  1 
ATOM   59   C  CG  . GLN A 1 8   ? -0.473  4.751   19.895  1.00 17.08 ? 8   GLN A CG  1 
ATOM   60   C  CD  . GLN A 1 8   ? -0.421  5.147   21.357  1.00 26.26 ? 8   GLN A CD  1 
ATOM   61   O  OE1 . GLN A 1 8   ? -1.379  5.716   21.895  1.00 26.88 ? 8   GLN A OE1 1 
ATOM   62   N  NE2 . GLN A 1 8   ? 0.693   4.801   22.024  1.00 28.63 ? 8   GLN A NE2 1 
ATOM   63   N  N   . GLN A 1 9   ? -2.733  4.493   16.727  1.00 10.42 ? 9   GLN A N   1 
ATOM   64   C  CA  . GLN A 1 9   ? -3.515  3.308   16.245  1.00 10.48 ? 9   GLN A CA  1 
ATOM   65   C  C   . GLN A 1 9   ? -2.920  2.714   14.945  1.00 9.19  ? 9   GLN A C   1 
ATOM   66   O  O   . GLN A 1 9   ? -2.877  1.460   14.783  1.00 8.71  ? 9   GLN A O   1 
ATOM   67   C  CB  . GLN A 1 9   ? -4.941  3.697   15.986  1.00 10.29 ? 9   GLN A CB  1 
ATOM   68   C  CG  . GLN A 1 9   ? -5.763  3.922   17.245  1.00 14.27 ? 9   GLN A CG  1 
ATOM   69   C  CD  . GLN A 1 9   ? -7.180  4.407   16.905  1.00 22.53 ? 9   GLN A CD  1 
ATOM   70   O  OE1 . GLN A 1 9   ? -7.394  5.535   16.416  1.00 27.98 ? 9   GLN A OE1 1 
ATOM   71   N  NE2 . GLN A 1 9   ? -8.152  3.573   17.215  1.00 31.68 ? 9   GLN A NE2 1 
ATOM   72   N  N   . VAL A 1 10  ? -2.492  3.616   14.044  1.00 9.60  ? 10  VAL A N   1 
ATOM   73   C  CA  . VAL A 1 10  ? -1.897  3.263   12.747  1.00 8.41  ? 10  VAL A CA  1 
ATOM   74   C  C   . VAL A 1 10  ? -0.649  2.435   12.997  1.00 9.21  ? 10  VAL A C   1 
ATOM   75   O  O   . VAL A 1 10  ? -0.502  1.366   12.437  1.00 8.87  ? 10  VAL A O   1 
ATOM   76   C  CB  . VAL A 1 10  ? -1.580  4.556   11.909  1.00 8.67  ? 10  VAL A CB  1 
ATOM   77   C  CG1 . VAL A 1 10  ? -0.670  4.195   10.746  1.00 9.69  ? 10  VAL A CG1 1 
ATOM   78   C  CG2 . VAL A 1 10  ? -2.946  5.193   11.442  1.00 10.50 ? 10  VAL A CG2 1 
ATOM   79   N  N   . LEU A 1 11  ? 0.200   2.917   13.906  1.00 8.88  ? 11  LEU A N   1 
ATOM   80   C  CA  . LEU A 1 11  ? 1.513   2.291   14.089  1.00 10.63 ? 11  LEU A CA  1 
ATOM   81   C  C   . LEU A 1 11  ? 1.383   1.079   14.991  1.00 10.55 ? 11  LEU A C   1 
ATOM   82   O  O   . LEU A 1 11  ? 2.249   0.170   14.935  1.00 11.99 ? 11  LEU A O   1 
ATOM   83   C  CB  . LEU A 1 11  ? 2.546   3.290   14.594  1.00 9.73  ? 11  LEU A CB  1 
ATOM   84   C  CG  . LEU A 1 11  ? 2.871   4.437   13.617  1.00 8.62  ? 11  LEU A CG  1 
ATOM   85   C  CD1 . LEU A 1 11  ? 3.886   5.427   14.152  1.00 9.42  ? 11  LEU A CD1 1 
ATOM   86   C  CD2 . LEU A 1 11  ? 3.319   3.950   12.237  1.00 11.75 ? 11  LEU A CD2 1 
ATOM   87   N  N   . ASN A 1 12  ? 0.310   1.010   15.783  1.00 11.79 ? 12  ASN A N   1 
ATOM   88   C  CA  . ASN A 1 12  ? 0.082   -0.203  16.573  1.00 11.88 ? 12  ASN A CA  1 
ATOM   89   C  C   . ASN A 1 12  ? -0.283  -1.387  15.696  1.00 13.30 ? 12  ASN A C   1 
ATOM   90   O  O   . ASN A 1 12  ? 0.338   -2.475  15.798  1.00 14.89 ? 12  ASN A O   1 
ATOM   91   C  CB  . ASN A 1 12  ? -0.993  0.063   17.590  1.00 12.88 ? 12  ASN A CB  1 
ATOM   92   C  CG  . ASN A 1 12  ? -1.317  -1.148  18.396  1.00 13.76 ? 12  ASN A CG  1 
ATOM   93   O  OD1 . ASN A 1 12  ? -2.350  -1.801  18.167  1.00 19.22 ? 12  ASN A OD1 1 
ATOM   94   N  ND2 . ASN A 1 12  ? -0.410  -1.510  19.279  1.00 18.16 ? 12  ASN A ND2 1 
ATOM   95   N  N   . VAL A 1 13  ? -1.241  -1.158  14.783  1.00 12.38 ? 13  VAL A N   1 
ATOM   96   C  CA  . VAL A 1 13  ? -1.535  -2.231  13.829  1.00 11.34 ? 13  VAL A CA  1 
ATOM   97   C  C   . VAL A 1 13  ? -0.354  -2.510  12.904  1.00 11.26 ? 13  VAL A C   1 
ATOM   98   O  O   . VAL A 1 13  ? -0.126  -3.685  12.546  1.00 11.66 ? 13  VAL A O   1 
ATOM   99   C  CB  . VAL A 1 13  ? -2.845  -2.066  13.057  1.00 12.10 ? 13  VAL A CB  1 
ATOM   100  C  CG1 . VAL A 1 13  ? -2.734  -0.954  12.023  1.00 13.83 ? 13  VAL A CG1 1 
ATOM   101  C  CG2 . VAL A 1 13  ? -3.197  -3.376  12.400  1.00 12.99 ? 13  VAL A CG2 1 
ATOM   102  N  N   . TRP A 1 14  ? 0.396   -1.470  12.508  1.00 10.40 ? 14  TRP A N   1 
ATOM   103  C  CA  . TRP A 1 14  ? 1.573   -1.708  11.684  1.00 10.65 ? 14  TRP A CA  1 
ATOM   104  C  C   . TRP A 1 14  ? 2.604   -2.585  12.361  1.00 12.44 ? 14  TRP A C   1 
ATOM   105  O  O   . TRP A 1 14  ? 3.159   -3.472  11.735  1.00 14.06 ? 14  TRP A O   1 
ATOM   106  C  CB  . TRP A 1 14  ? 2.196   -0.418  11.154  1.00 10.97 ? 14  TRP A CB  1 
ATOM   107  C  CG  . TRP A 1 14  ? 2.953   -0.765  9.919   1.00 13.45 ? 14  TRP A CG  1 
ATOM   108  C  CD1 . TRP A 1 14  ? 4.318   -0.949  9.790   1.00 16.73 ? 14  TRP A CD1 1 
ATOM   109  C  CD2 . TRP A 1 14  ? 2.381   -1.049  8.651   1.00 12.27 ? 14  TRP A CD2 1 
ATOM   110  N  NE1 . TRP A 1 14  ? 4.609   -1.316  8.515   1.00 16.66 ? 14  TRP A NE1 1 
ATOM   111  C  CE2 . TRP A 1 14  ? 3.459   -1.369  7.778   1.00 15.03 ? 14  TRP A CE2 1 
ATOM   112  C  CE3 . TRP A 1 14  ? 1.091   -1.036  8.164   1.00 12.37 ? 14  TRP A CE3 1 
ATOM   113  C  CZ2 . TRP A 1 14  ? 3.257   -1.679  6.436   1.00 14.24 ? 14  TRP A CZ2 1 
ATOM   114  C  CZ3 . TRP A 1 14  ? 0.873   -1.370  6.806   1.00 17.24 ? 14  TRP A CZ3 1 
ATOM   115  C  CH2 . TRP A 1 14  ? 1.985   -1.635  5.958   1.00 12.75 ? 14  TRP A CH2 1 
ATOM   116  N  N   . GLY A 1 15  ? 2.720   -2.458  13.689  1.00 13.87 ? 15  GLY A N   1 
ATOM   117  C  CA  . GLY A 1 15  ? 3.591   -3.363  14.442  1.00 16.31 ? 15  GLY A CA  1 
ATOM   118  C  C   . GLY A 1 15  ? 3.183   -4.814  14.301  1.00 17.70 ? 15  GLY A C   1 
ATOM   119  O  O   . GLY A 1 15  ? 4.080   -5.683  14.223  1.00 18.87 ? 15  GLY A O   1 
ATOM   120  N  N   . LYS A 1 16  ? 1.879   -5.108  14.250  1.00 15.11 ? 16  LYS A N   1 
ATOM   121  C  CA  . LYS A 1 16  ? 1.374   -6.485  13.982  1.00 18.49 ? 16  LYS A CA  1 
ATOM   122  C  C   . LYS A 1 16  ? 1.743   -6.971  12.572  1.00 18.92 ? 16  LYS A C   1 
ATOM   123  O  O   . LYS A 1 16  ? 2.128   -8.115  12.363  1.00 18.50 ? 16  LYS A O   1 
ATOM   124  C  CB  . LYS A 1 16  ? -0.140  -6.589  14.229  1.00 17.84 ? 16  LYS A CB  1 
ATOM   125  C  CG  . LYS A 1 16  ? -0.613  -5.973  15.556  1.00 21.09 ? 16  LYS A CG  1 
ATOM   126  C  CD  . LYS A 1 16  ? 0.081   -6.613  16.793  1.00 18.78 ? 16  LYS A CD  1 
ATOM   127  C  CE  . LYS A 1 16  ? -0.325  -5.918  18.078  1.00 24.98 ? 16  LYS A CE  1 
ATOM   128  N  NZ  . LYS A 1 16  ? -0.102  -6.768  19.293  1.00 23.21 ? 16  LYS A NZ  1 
ATOM   129  N  N   . VAL A 1 17  ? 1.664   -6.068  11.593  1.00 17.83 ? 17  VAL A N   1 
ATOM   130  C  CA  . VAL A 1 17  ? 2.029   -6.370  10.195  1.00 17.38 ? 17  VAL A CA  1 
ATOM   131  C  C   . VAL A 1 17  ? 3.486   -6.816  10.093  1.00 19.15 ? 17  VAL A C   1 
ATOM   132  O  O   . VAL A 1 17  ? 3.843   -7.755  9.382   1.00 19.59 ? 17  VAL A O   1 
ATOM   133  C  CB  . VAL A 1 17  ? 1.808   -5.115  9.304   1.00 17.89 ? 17  VAL A CB  1 
ATOM   134  C  CG1 . VAL A 1 17  ? 2.428   -5.295  7.885   1.00 16.15 ? 17  VAL A CG1 1 
ATOM   135  C  CG2 . VAL A 1 17  ? 0.357   -4.814  9.215   1.00 16.98 ? 17  VAL A CG2 1 
ATOM   136  N  N   . GLU A 1 18  ? 4.311   -6.129  10.845  1.00 19.04 ? 18  GLU A N   1 
ATOM   137  C  CA  . GLU A 1 18  ? 5.698   -6.398  10.860  1.00 23.56 ? 18  GLU A CA  1 
ATOM   138  C  C   . GLU A 1 18  ? 6.103   -7.767  11.390  1.00 24.90 ? 18  GLU A C   1 
ATOM   139  O  O   . GLU A 1 18  ? 7.233   -8.205  11.147  1.00 26.79 ? 18  GLU A O   1 
ATOM   140  C  CB  . GLU A 1 18  ? 6.353   -5.308  11.626  1.00 22.41 ? 18  GLU A CB  1 
ATOM   141  C  CG  . GLU A 1 18  ? 6.436   -4.111  10.797  1.00 24.16 ? 18  GLU A CG  1 
ATOM   142  C  CD  . GLU A 1 18  ? 7.220   -3.082  11.511  1.00 28.02 ? 18  GLU A CD  1 
ATOM   143  O  OE1 . GLU A 1 18  ? 7.533   -3.345  12.707  1.00 34.03 ? 18  GLU A OE1 1 
ATOM   144  O  OE2 . GLU A 1 18  ? 7.524   -2.054  10.896  1.00 26.14 ? 18  GLU A OE2 1 
ATOM   145  N  N   . ALA A 1 19  ? 5.166   -8.485  12.013  1.00 24.20 ? 19  ALA A N   1 
ATOM   146  C  CA  . ALA A 1 19  ? 5.445   -9.864  12.465  1.00 23.50 ? 19  ALA A CA  1 
ATOM   147  C  C   . ALA A 1 19  ? 5.656   -10.833 11.300  1.00 24.31 ? 19  ALA A C   1 
ATOM   148  O  O   . ALA A 1 19  ? 6.235   -11.908 11.429  1.00 22.94 ? 19  ALA A O   1 
ATOM   149  C  CB  . ALA A 1 19  ? 4.294   -10.330 13.320  1.00 23.87 ? 19  ALA A CB  1 
ATOM   150  N  N   . ASP A 1 20  ? 5.122   -10.466 10.147  1.00 22.50 ? 20  ASP A N   1 
ATOM   151  C  CA  . ASP A 1 20  ? 5.156   -11.334 8.982   1.00 21.66 ? 20  ASP A CA  1 
ATOM   152  C  C   . ASP A 1 20  ? 4.845   -10.374 7.887   1.00 18.98 ? 20  ASP A C   1 
ATOM   153  O  O   . ASP A 1 20  ? 3.748   -10.423 7.315   1.00 19.76 ? 20  ASP A O   1 
ATOM   154  C  CB  . ASP A 1 20  ? 4.098   -12.476 9.064   1.00 23.48 ? 20  ASP A CB  1 
ATOM   155  C  CG  . ASP A 1 20  ? 3.924   -13.272 7.726   1.00 25.33 ? 20  ASP A CG  1 
ATOM   156  O  OD1 . ASP A 1 20  ? 4.854   -13.344 6.871   1.00 29.07 ? 20  ASP A OD1 1 
ATOM   157  O  OD2 . ASP A 1 20  ? 2.812   -13.850 7.561   1.00 32.87 ? 20  ASP A OD2 1 
ATOM   158  N  N   . ILE A 1 21  ? 5.804   -9.508  7.616   1.00 19.21 ? 21  ILE A N   1 
ATOM   159  C  CA  . ILE A 1 21  ? 5.662   -8.496  6.571   1.00 18.71 ? 21  ILE A CA  1 
ATOM   160  C  C   . ILE A 1 21  ? 5.466   -9.193  5.205   1.00 18.07 ? 21  ILE A C   1 
ATOM   161  O  O   . ILE A 1 21  ? 4.660   -8.775  4.394   1.00 16.51 ? 21  ILE A O   1 
ATOM   162  C  CB  . ILE A 1 21  ? 6.839   -7.463  6.566   1.00 19.65 ? 21  ILE A CB  1 
ATOM   163  C  CG1 . ILE A 1 21  ? 6.558   -6.298  5.608   1.00 21.99 ? 21  ILE A CG1 1 
ATOM   164  C  CG2 . ILE A 1 21  ? 8.153   -8.094  6.188   1.00 21.61 ? 21  ILE A CG2 1 
ATOM   165  C  CD1 . ILE A 1 21  ? 6.905   -4.952  6.210   1.00 22.53 ? 21  ILE A CD1 1 
ATOM   166  N  N   . ALA A 1 22  ? 6.199   -10.279 4.999   1.00 18.30 ? 22  ALA A N   1 
ATOM   167  C  CA  . ALA A 1 22  ? 6.128   -10.974 3.741   1.00 16.86 ? 22  ALA A CA  1 
ATOM   168  C  C   . ALA A 1 22  ? 4.765   -11.623 3.458   1.00 17.01 ? 22  ALA A C   1 
ATOM   169  O  O   . ALA A 1 22  ? 4.246   -11.476 2.321   1.00 17.74 ? 22  ALA A O   1 
ATOM   170  C  CB  . ALA A 1 22  ? 7.247   -11.991 3.680   1.00 18.82 ? 22  ALA A CB  1 
ATOM   171  N  N   . GLY A 1 23  ? 4.139   -12.247 4.469   1.00 17.02 ? 23  GLY A N   1 
ATOM   172  C  CA  . GLY A 1 23  ? 2.820   -12.846 4.288   1.00 15.93 ? 23  GLY A CA  1 
ATOM   173  C  C   . GLY A 1 23  ? 1.791   -11.740 4.006   1.00 15.05 ? 23  GLY A C   1 
ATOM   174  O  O   . GLY A 1 23  ? 0.910   -11.892 3.132   1.00 15.00 ? 23  GLY A O   1 
ATOM   175  N  N   . HIS A 1 24  ? 1.919   -10.631 4.761   1.00 13.22 ? 24  HIS A N   1 
ATOM   176  C  CA  . HIS A 1 24  ? 1.018   -9.497  4.504   1.00 11.83 ? 24  HIS A CA  1 
ATOM   177  C  C   . HIS A 1 24  ? 1.172   -8.930  3.136   1.00 11.79 ? 24  HIS A C   1 
ATOM   178  O  O   . HIS A 1 24  ? 0.169   -8.595  2.498   1.00 11.71 ? 24  HIS A O   1 
ATOM   179  C  CB  . HIS A 1 24  ? 1.258   -8.378  5.494   1.00 11.30 ? 24  HIS A CB  1 
ATOM   180  C  CG  . HIS A 1 24  ? 0.659   -8.680  6.836   1.00 13.49 ? 24  HIS A CG  1 
ATOM   181  N  ND1 . HIS A 1 24  ? 1.302   -9.514  7.729   1.00 16.60 ? 24  HIS A ND1 1 
ATOM   182  C  CD2 . HIS A 1 24  ? -0.467  -8.241  7.453   1.00 14.61 ? 24  HIS A CD2 1 
ATOM   183  C  CE1 . HIS A 1 24  ? 0.578   -9.598  8.836   1.00 17.18 ? 24  HIS A CE1 1 
ATOM   184  N  NE2 . HIS A 1 24  ? -0.485  -8.818  8.705   1.00 16.51 ? 24  HIS A NE2 1 
ATOM   185  N  N   . GLY A 1 25  ? 2.421   -8.834  2.718   1.00 11.71 ? 25  GLY A N   1 
ATOM   186  C  CA  . GLY A 1 25  ? 2.737   -8.240  1.416   1.00 11.47 ? 25  GLY A CA  1 
ATOM   187  C  C   . GLY A 1 25  ? 2.117   -9.101  0.326   1.00 9.74  ? 25  GLY A C   1 
ATOM   188  O  O   . GLY A 1 25  ? 1.498   -8.596  -0.656  1.00 11.41 ? 25  GLY A O   1 
ATOM   189  N  N   . GLN A 1 26  ? 2.328   -10.413 0.458   1.00 12.17 ? 26  GLN A N   1 
ATOM   190  C  CA  . GLN A 1 26  ? 1.757   -11.332 -0.519  1.00 13.19 ? 26  GLN A CA  1 
ATOM   191  C  C   . GLN A 1 26  ? 0.227   -11.177 -0.585  1.00 12.29 ? 26  GLN A C   1 
ATOM   192  O  O   . GLN A 1 26  ? -0.332  -11.101 -1.690  1.00 12.90 ? 26  GLN A O   1 
ATOM   193  C  CB  . GLN A 1 26  ? 2.192   -12.736 -0.079  1.00 15.46 ? 26  GLN A CB  1 
ATOM   194  C  CG  . GLN A 1 26  ? 1.839   -13.846 -0.989  1.00 21.08 ? 26  GLN A CG  1 
ATOM   195  C  CD  . GLN A 1 26  ? 2.073   -15.182 -0.291  1.00 25.85 ? 26  GLN A CD  1 
ATOM   196  O  OE1 . GLN A 1 26  ? 1.706   -15.358 0.883   1.00 26.65 ? 26  GLN A OE1 1 
ATOM   197  N  NE2 . GLN A 1 26  ? 2.712   -16.103 -0.982  1.00 25.79 ? 26  GLN A NE2 1 
ATOM   198  N  N   . GLU A 1 27  ? -0.470  -11.150 0.559   1.00 11.65 ? 27  GLU A N   1 
ATOM   199  C  CA  . GLU A 1 27  ? -1.951  -11.141 0.568   1.00 11.20 ? 27  GLU A CA  1 
ATOM   200  C  C   . GLU A 1 27  ? -2.476  -9.819  0.031   1.00 8.70  ? 27  GLU A C   1 
ATOM   201  O  O   . GLU A 1 27  ? -3.450  -9.821  -0.700  1.00 11.11 ? 27  GLU A O   1 
ATOM   202  C  CB  . GLU A 1 27  ? -2.518  -11.384 1.972   1.00 13.00 ? 27  GLU A CB  1 
ATOM   203  C  CG  . GLU A 1 27  ? -2.245  -12.825 2.486   1.00 17.33 ? 27  GLU A CG  1 
ATOM   204  C  CD  . GLU A 1 27  ? -2.918  -13.117 3.852   1.00 26.20 ? 27  GLU A CD  1 
ATOM   205  O  OE1 . GLU A 1 27  ? -4.028  -12.573 4.152   1.00 29.03 ? 27  GLU A OE1 1 
ATOM   206  O  OE2 . GLU A 1 27  ? -2.311  -13.894 4.620   1.00 31.56 ? 27  GLU A OE2 1 
ATOM   207  N  N   . VAL A 1 28  ? -1.751  -8.728  0.367   1.00 7.18  ? 28  VAL A N   1 
ATOM   208  C  CA  . VAL A 1 28  ? -2.121  -7.395  -0.162  1.00 7.92  ? 28  VAL A CA  1 
ATOM   209  C  C   . VAL A 1 28  ? -2.090  -7.405  -1.705  1.00 5.59  ? 28  VAL A C   1 
ATOM   210  O  O   . VAL A 1 28  ? -3.051  -6.979  -2.356  1.00 7.90  ? 28  VAL A O   1 
ATOM   211  C  CB  . VAL A 1 28  ? -1.259  -6.274  0.439   1.00 7.49  ? 28  VAL A CB  1 
ATOM   212  C  CG1 . VAL A 1 28  ? -1.366  -4.951  -0.430  1.00 9.51  ? 28  VAL A CG1 1 
ATOM   213  C  CG2 . VAL A 1 28  ? -1.718  -6.046  1.929   1.00 9.47  ? 28  VAL A CG2 1 
ATOM   214  N  N   . LEU A 1 29  ? -0.985  -7.859  -2.292  1.00 7.68  ? 29  LEU A N   1 
ATOM   215  C  CA  . LEU A 1 29  ? -0.880  -7.833  -3.752  1.00 8.73  ? 29  LEU A CA  1 
ATOM   216  C  C   . LEU A 1 29  ? -1.841  -8.813  -4.400  1.00 8.83  ? 29  LEU A C   1 
ATOM   217  O  O   . LEU A 1 29  ? -2.385  -8.494  -5.414  1.00 8.87  ? 29  LEU A O   1 
ATOM   218  C  CB  . LEU A 1 29  ? 0.520   -8.198  -4.250  1.00 8.92  ? 29  LEU A CB  1 
ATOM   219  C  CG  . LEU A 1 29  ? 1.604   -7.178  -3.802  1.00 7.88  ? 29  LEU A CG  1 
ATOM   220  C  CD1 . LEU A 1 29  ? 3.027   -7.551  -4.282  1.00 11.01 ? 29  LEU A CD1 1 
ATOM   221  C  CD2 . LEU A 1 29  ? 1.290   -5.804  -4.403  1.00 9.57  ? 29  LEU A CD2 1 
ATOM   222  N  N   . ILE A 1 30  ? -2.081  -9.984  -3.786  1.00 8.54  ? 30  ILE A N   1 
ATOM   223  C  CA  . ILE A 1 30  ? -3.086  -10.895 -4.334  1.00 10.53 ? 30  ILE A CA  1 
ATOM   224  C  C   . ILE A 1 30  ? -4.498  -10.297 -4.323  1.00 9.91  ? 30  ILE A C   1 
ATOM   225  O  O   . ILE A 1 30  ? -5.227  -10.408 -5.301  1.00 9.64  ? 30  ILE A O   1 
ATOM   226  C  CB  . ILE A 1 30  ? -3.036  -12.263 -3.621  1.00 9.63  ? 30  ILE A CB  1 
ATOM   227  C  CG1 . ILE A 1 30  ? -1.750  -12.932 -4.055  1.00 11.46 ? 30  ILE A CG1 1 
ATOM   228  C  CG2 . ILE A 1 30  ? -4.257  -13.127 -4.070  1.00 13.25 ? 30  ILE A CG2 1 
ATOM   229  C  CD1 . ILE A 1 30  ? -1.447  -14.247 -3.291  1.00 13.60 ? 30  ILE A CD1 1 
ATOM   230  N  N   . ARG A 1 31  ? -4.826  -9.602  -3.252  1.00 10.02 ? 31  ARG A N   1 
ATOM   231  C  CA  . ARG A 1 31  ? -6.124  -8.952  -3.107  1.00 10.36 ? 31  ARG A CA  1 
ATOM   232  C  C   . ARG A 1 31  ? -6.249  -7.871  -4.177  1.00 9.55  ? 31  ARG A C   1 
ATOM   233  O  O   . ARG A 1 31  ? -7.320  -7.758  -4.875  1.00 9.28  ? 31  ARG A O   1 
ATOM   234  C  CB  . ARG A 1 31  ? -6.260  -8.398  -1.679  1.00 12.17 ? 31  ARG A CB  1 
ATOM   235  C  CG  . ARG A 1 31  ? -7.517  -7.511  -1.499  1.00 14.29 ? 31  ARG A CG  1 
ATOM   236  C  CD  . ARG A 1 31  ? -8.805  -8.306  -1.452  1.00 21.84 ? 31  ARG A CD  1 
ATOM   237  N  NE  . ARG A 1 31  ? -9.943  -7.419  -1.244  1.00 23.01 ? 31  ARG A NE  1 
ATOM   238  C  CZ  . ARG A 1 31  ? -11.160 -7.852  -0.959  1.00 26.85 ? 31  ARG A CZ  1 
ATOM   239  N  NH1 . ARG A 1 31  ? -11.361 -9.165  -0.849  1.00 22.89 ? 31  ARG A NH1 1 
ATOM   240  N  NH2 . ARG A 1 31  ? -12.160 -6.981  -0.817  1.00 27.70 ? 31  ARG A NH2 1 
ATOM   241  N  N   . LEU A 1 32  ? -5.147  -7.132  -4.401  1.00 8.47  ? 32  LEU A N   1 
ATOM   242  C  CA  . LEU A 1 32  ? -5.124  -6.069  -5.418  1.00 8.01  ? 32  LEU A CA  1 
ATOM   243  C  C   . LEU A 1 32  ? -5.341  -6.590  -6.847  1.00 7.60  ? 32  LEU A C   1 
ATOM   244  O  O   . LEU A 1 32  ? -6.146  -6.031  -7.631  1.00 8.68  ? 32  LEU A O   1 
ATOM   245  C  CB  . LEU A 1 32  ? -3.820  -5.277  -5.376  1.00 8.84  ? 32  LEU A CB  1 
ATOM   246  C  CG  . LEU A 1 32  ? -3.536  -4.212  -6.424  1.00 6.56  ? 32  LEU A CG  1 
ATOM   247  C  CD1 . LEU A 1 32  ? -4.542  -3.037  -6.239  1.00 11.54 ? 32  LEU A CD1 1 
ATOM   248  C  CD2 . LEU A 1 32  ? -2.132  -3.689  -6.116  1.00 10.10 ? 32  LEU A CD2 1 
ATOM   249  N  N   . PHE A 1 33  ? -4.530  -7.598  -7.161  1.00 8.32  ? 33  PHE A N   1 
ATOM   250  C  CA  . PHE A 1 33  ? -4.467  -8.085  -8.537  1.00 8.72  ? 33  PHE A CA  1 
ATOM   251  C  C   . PHE A 1 33  ? -5.745  -8.845  -8.864  1.00 8.77  ? 33  PHE A C   1 
ATOM   252  O  O   . PHE A 1 33  ? -6.233  -8.755  -10.009 1.00 11.00 ? 33  PHE A O   1 
ATOM   253  C  CB  . PHE A 1 33  ? -3.280  -9.002  -8.701  1.00 7.90  ? 33  PHE A CB  1 
ATOM   254  C  CG  . PHE A 1 33  ? -1.923  -8.317  -8.598  1.00 7.79  ? 33  PHE A CG  1 
ATOM   255  C  CD1 . PHE A 1 33  ? -1.744  -6.936  -8.886  1.00 9.89  ? 33  PHE A CD1 1 
ATOM   256  C  CD2 . PHE A 1 33  ? -0.807  -9.039  -8.237  1.00 11.20 ? 33  PHE A CD2 1 
ATOM   257  C  CE1 . PHE A 1 33  ? -0.482  -6.314  -8.821  1.00 9.94  ? 33  PHE A CE1 1 
ATOM   258  C  CE2 . PHE A 1 33  ? 0.468   -8.421  -8.185  1.00 11.07 ? 33  PHE A CE2 1 
ATOM   259  C  CZ  . PHE A 1 33  ? 0.611   -7.037  -8.489  1.00 9.58  ? 33  PHE A CZ  1 
ATOM   260  N  N   . THR A 1 34  ? -6.297  -9.562  -7.894  1.00 11.54 ? 34  THR A N   1 
ATOM   261  C  CA  . THR A 1 34  ? -7.559  -10.278 -8.167  1.00 12.58 ? 34  THR A CA  1 
ATOM   262  C  C   . THR A 1 34  ? -8.782  -9.353  -8.232  1.00 12.93 ? 34  THR A C   1 
ATOM   263  O  O   . THR A 1 34  ? -9.686  -9.534  -9.101  1.00 15.31 ? 34  THR A O   1 
ATOM   264  C  CB  . THR A 1 34  ? -7.736  -11.480 -7.214  1.00 14.20 ? 34  THR A CB  1 
ATOM   265  O  OG1 . THR A 1 34  ? -7.836  -11.036 -5.836  1.00 14.78 ? 34  THR A OG1 1 
ATOM   266  C  CG2 . THR A 1 34  ? -6.501  -12.333 -7.430  1.00 12.85 ? 34  THR A CG2 1 
ATOM   267  N  N   . GLY A 1 35  ? -8.802  -8.375  -7.341  1.00 11.18 ? 35  GLY A N   1 
ATOM   268  C  CA  . GLY A 1 35  ? -9.891  -7.424  -7.256  1.00 10.74 ? 35  GLY A CA  1 
ATOM   269  C  C   . GLY A 1 35  ? -9.894  -6.434  -8.398  1.00 10.88 ? 35  GLY A C   1 
ATOM   270  O  O   . GLY A 1 35  ? -10.961 -5.925  -8.807  1.00 12.47 ? 35  GLY A O   1 
ATOM   271  N  N   . HIS A 1 36  ? -8.704  -6.159  -8.934  1.00 9.55  ? 36  HIS A N   1 
ATOM   272  C  CA  . HIS A 1 36  ? -8.531  -5.080  -9.947  1.00 9.30  ? 36  HIS A CA  1 
ATOM   273  C  C   . HIS A 1 36  ? -7.481  -5.527  -10.952 1.00 10.57 ? 36  HIS A C   1 
ATOM   274  O  O   . HIS A 1 36  ? -6.321  -5.129  -10.865 1.00 9.06  ? 36  HIS A O   1 
ATOM   275  C  CB  . HIS A 1 36  ? -8.098  -3.775  -9.260  1.00 10.40 ? 36  HIS A CB  1 
ATOM   276  C  CG  . HIS A 1 36  ? -9.135  -3.238  -8.321  1.00 12.63 ? 36  HIS A CG  1 
ATOM   277  N  ND1 . HIS A 1 36  ? -9.090  -3.455  -6.957  1.00 16.32 ? 36  HIS A ND1 1 
ATOM   278  C  CD2 . HIS A 1 36  ? -10.272 -2.534  -8.558  1.00 9.49  ? 36  HIS A CD2 1 
ATOM   279  C  CE1 . HIS A 1 36  ? -10.165 -2.907  -6.402  1.00 13.32 ? 36  HIS A CE1 1 
ATOM   280  N  NE2 . HIS A 1 36  ? -10.887 -2.338  -7.353  1.00 17.64 ? 36  HIS A NE2 1 
ATOM   281  N  N   . PRO A 1 37  ? -7.895  -6.369  -11.925 1.00 10.44 ? 37  PRO A N   1 
ATOM   282  C  CA  . PRO A 1 37  ? -6.879  -7.038  -12.744 1.00 10.04 ? 37  PRO A CA  1 
ATOM   283  C  C   . PRO A 1 37  ? -6.106  -6.092  -13.644 1.00 9.16  ? 37  PRO A C   1 
ATOM   284  O  O   . PRO A 1 37  ? -5.014  -6.436  -14.093 1.00 10.19 ? 37  PRO A O   1 
ATOM   285  C  CB  . PRO A 1 37  ? -7.692  -8.060  -13.570 1.00 9.72  ? 37  PRO A CB  1 
ATOM   286  C  CG  . PRO A 1 37  ? -8.954  -8.404  -12.668 1.00 10.33 ? 37  PRO A CG  1 
ATOM   287  C  CD  . PRO A 1 37  ? -9.234  -7.023  -11.993 1.00 10.08 ? 37  PRO A CD  1 
ATOM   288  N  N   . GLU A 1 38  ? -6.627  -4.894  -13.876 1.00 9.04  ? 38  GLU A N   1 
ATOM   289  C  CA  . GLU A 1 38  ? -5.883  -3.909  -14.662 1.00 7.83  ? 38  GLU A CA  1 
ATOM   290  C  C   . GLU A 1 38  ? -4.565  -3.562  -13.965 1.00 10.60 ? 38  GLU A C   1 
ATOM   291  O  O   . GLU A 1 38  ? -3.620  -3.198  -14.662 1.00 10.99 ? 38  GLU A O   1 
ATOM   292  C  CB  . GLU A 1 38  ? -6.686  -2.639  -14.927 1.00 9.32  ? 38  GLU A CB  1 
ATOM   293  C  CG  . GLU A 1 38  ? -7.117  -1.733  -13.728 1.00 9.30  ? 38  GLU A CG  1 
ATOM   294  C  CD  . GLU A 1 38  ? -8.359  -2.213  -12.916 1.00 9.20  ? 38  GLU A CD  1 
ATOM   295  O  OE1 . GLU A 1 38  ? -8.630  -3.430  -12.729 1.00 12.00 ? 38  GLU A OE1 1 
ATOM   296  O  OE2 . GLU A 1 38  ? -9.097  -1.310  -12.481 1.00 11.25 ? 38  GLU A OE2 1 
ATOM   297  N  N   . THR A 1 39  ? -4.528  -3.672  -12.618 1.00 9.43  ? 39  THR A N   1 
ATOM   298  C  CA  . THR A 1 39  ? -3.318  -3.325  -11.875 1.00 9.07  ? 39  THR A CA  1 
ATOM   299  C  C   . THR A 1 39  ? -2.158  -4.286  -12.183 1.00 8.31  ? 39  THR A C   1 
ATOM   300  O  O   . THR A 1 39  ? -1.000  -3.866  -12.244 1.00 6.49  ? 39  THR A O   1 
ATOM   301  C  CB  . THR A 1 39  ? -3.549  -3.210  -10.351 1.00 8.19  ? 39  THR A CB  1 
ATOM   302  O  OG1 . THR A 1 39  ? -3.941  -4.477  -9.826  1.00 8.79  ? 39  THR A OG1 1 
ATOM   303  C  CG2 . THR A 1 39  ? -4.626  -2.174  -10.039 1.00 7.13  ? 39  THR A CG2 1 
ATOM   304  N  N   . LEU A 1 40  ? -2.489  -5.572  -12.357 1.00 8.67  ? 40  LEU A N   1 
ATOM   305  C  CA  . LEU A 1 40  ? -1.455  -6.588  -12.692 1.00 10.02 ? 40  LEU A CA  1 
ATOM   306  C  C   . LEU A 1 40  ? -0.680  -6.194  -13.978 1.00 12.77 ? 40  LEU A C   1 
ATOM   307  O  O   . LEU A 1 40  ? 0.529   -6.375  -14.059 1.00 10.78 ? 40  LEU A O   1 
ATOM   308  C  CB  . LEU A 1 40  ? -2.130  -7.960  -12.806 1.00 10.86 ? 40  LEU A CB  1 
ATOM   309  C  CG  . LEU A 1 40  ? -1.203  -9.155  -12.989 1.00 11.55 ? 40  LEU A CG  1 
ATOM   310  C  CD1 . LEU A 1 40  ? -0.495  -9.281  -11.696 1.00 13.49 ? 40  LEU A CD1 1 
ATOM   311  C  CD2 . LEU A 1 40  ? -2.132  -10.363 -13.144 1.00 13.34 ? 40  LEU A CD2 1 
ATOM   312  N  N   . GLU A 1 41  ? -1.378  -5.611  -14.954 1.00 13.87 ? 41  GLU A N   1 
ATOM   313  C  CA  . GLU A 1 41  ? -0.721  -5.219  -16.217 1.00 17.71 ? 41  GLU A CA  1 
ATOM   314  C  C   . GLU A 1 41  ? 0.430   -4.278  -16.099 1.00 17.91 ? 41  GLU A C   1 
ATOM   315  O  O   . GLU A 1 41  ? 1.295   -4.222  -16.964 1.00 18.66 ? 41  GLU A O   1 
ATOM   316  C  CB  . GLU A 1 41  ? -1.758  -4.681  -17.195 1.00 19.76 ? 41  GLU A CB  1 
ATOM   317  C  CG  . GLU A 1 41  ? -2.775  -5.737  -17.418 1.00 23.86 ? 41  GLU A CG  1 
ATOM   318  C  CD  . GLU A 1 41  ? -2.127  -7.053  -17.962 1.00 28.45 ? 41  GLU A CD  1 
ATOM   319  O  OE1 . GLU A 1 41  ? -1.569  -6.948  -19.071 1.00 29.24 ? 41  GLU A OE1 1 
ATOM   320  O  OE2 . GLU A 1 41  ? -2.121  -8.144  -17.259 1.00 33.90 ? 41  GLU A OE2 1 
ATOM   321  N  N   . LYS A 1 42  ? 0.441   -3.499  -15.034 1.00 16.28 ? 42  LYS A N   1 
ATOM   322  C  CA  . LYS A 1 42  ? 1.547   -2.602  -14.766 1.00 16.02 ? 42  LYS A CA  1 
ATOM   323  C  C   . LYS A 1 42  ? 2.831   -3.275  -14.371 1.00 16.20 ? 42  LYS A C   1 
ATOM   324  O  O   . LYS A 1 42  ? 3.897   -2.639  -14.276 1.00 16.28 ? 42  LYS A O   1 
ATOM   325  C  CB  . LYS A 1 42  ? 1.124   -1.550  -13.721 1.00 15.69 ? 42  LYS A CB  1 
ATOM   326  C  CG  . LYS A 1 42  ? 0.047   -0.625  -14.268 1.00 18.11 ? 42  LYS A CG  1 
ATOM   327  C  CD  . LYS A 1 42  ? 0.597   0.310   -15.334 1.00 21.09 ? 42  LYS A CD  1 
ATOM   328  C  CE  . LYS A 1 42  ? -0.537  1.092   -16.031 1.00 20.08 ? 42  LYS A CE  1 
ATOM   329  N  NZ  . LYS A 1 42  ? -0.006  2.264   -16.812 1.00 17.58 ? 42  LYS A NZ  1 
ATOM   330  N  N   . PHE A 1 43  ? 2.736   -4.574  -14.054 1.00 15.03 ? 43  PHE A N   1 
ATOM   331  C  CA  . PHE A 1 43  ? 3.920   -5.271  -13.635 1.00 13.62 ? 43  PHE A CA  1 
ATOM   332  C  C   . PHE A 1 43  ? 4.267   -6.353  -14.632 1.00 15.54 ? 43  PHE A C   1 
ATOM   333  O  O   . PHE A 1 43  ? 3.704   -7.491  -14.554 1.00 15.58 ? 43  PHE A O   1 
ATOM   334  C  CB  . PHE A 1 43  ? 3.664   -6.010  -12.315 1.00 15.28 ? 43  PHE A CB  1 
ATOM   335  C  CG  . PHE A 1 43  ? 3.629   -5.141  -11.122 1.00 12.98 ? 43  PHE A CG  1 
ATOM   336  C  CD1 . PHE A 1 43  ? 2.391   -4.748  -10.592 1.00 20.79 ? 43  PHE A CD1 1 
ATOM   337  C  CD2 . PHE A 1 43  ? 4.770   -4.794  -10.508 1.00 16.26 ? 43  PHE A CD2 1 
ATOM   338  C  CE1 . PHE A 1 43  ? 2.337   -3.949  -9.414  1.00 23.05 ? 43  PHE A CE1 1 
ATOM   339  C  CE2 . PHE A 1 43  ? 4.757   -4.011  -9.312  1.00 15.37 ? 43  PHE A CE2 1 
ATOM   340  C  CZ  . PHE A 1 43  ? 3.528   -3.615  -8.771  1.00 18.99 ? 43  PHE A CZ  1 
ATOM   341  N  N   . ASP A 1 44  ? 5.216   -6.035  -15.515 1.00 16.26 ? 44  ASP A N   1 
ATOM   342  C  CA  . ASP A 1 44  ? 5.650   -6.979  -16.541 1.00 17.30 ? 44  ASP A CA  1 
ATOM   343  C  C   . ASP A 1 44  ? 6.061   -8.312  -15.898 1.00 16.09 ? 44  ASP A C   1 
ATOM   344  O  O   . ASP A 1 44  ? 5.764   -9.378  -16.415 1.00 16.48 ? 44  ASP A O   1 
ATOM   345  C  CB  . ASP A 1 44  ? 6.799   -6.451  -17.458 1.00 18.18 ? 44  ASP A CB  1 
ATOM   346  C  CG  . ASP A 1 44  ? 6.331   -5.381  -18.439 1.00 23.95 ? 44  ASP A CG  1 
ATOM   347  O  OD1 . ASP A 1 44  ? 5.139   -5.331  -18.820 1.00 24.53 ? 44  ASP A OD1 1 
ATOM   348  O  OD2 . ASP A 1 44  ? 7.202   -4.573  -18.843 1.00 27.36 ? 44  ASP A OD2 1 
ATOM   349  N  N   . LYS A 1 45  ? 6.676   -8.208  -14.732 1.00 15.49 ? 45  LYS A N   1 
ATOM   350  C  CA  . LYS A 1 45  ? 7.211   -9.420  -14.064 1.00 15.65 ? 45  LYS A CA  1 
ATOM   351  C  C   . LYS A 1 45  ? 6.149   -10.245 -13.364 1.00 13.33 ? 45  LYS A C   1 
ATOM   352  O  O   . LYS A 1 45  ? 6.447   -11.332 -12.864 1.00 14.31 ? 45  LYS A O   1 
ATOM   353  C  CB  . LYS A 1 45  ? 8.354   -9.063  -13.090 1.00 15.65 ? 45  LYS A CB  1 
ATOM   354  C  CG  . LYS A 1 45  ? 7.958   -8.304  -11.802 1.00 16.35 ? 45  LYS A CG  1 
ATOM   355  C  CD  . LYS A 1 45  ? 9.288   -8.020  -11.017 1.00 19.75 ? 45  LYS A CD  1 
ATOM   356  C  CE  . LYS A 1 45  ? 8.999   -7.441  -9.655  1.00 22.49 ? 45  LYS A CE  1 
ATOM   357  N  NZ  . LYS A 1 45  ? 10.230  -7.340  -8.847  1.00 27.68 ? 45  LYS A NZ  1 
ATOM   358  N  N   . PHE A 1 46  ? 4.908   -9.768  -13.328 1.00 13.30 ? 46  PHE A N   1 
ATOM   359  C  CA  . PHE A 1 46  ? 3.832   -10.567 -12.770 1.00 12.55 ? 46  PHE A CA  1 
ATOM   360  C  C   . PHE A 1 46  ? 2.712   -10.878 -13.755 1.00 13.88 ? 46  PHE A C   1 
ATOM   361  O  O   . PHE A 1 46  ? 1.731   -11.523 -13.373 1.00 13.13 ? 46  PHE A O   1 
ATOM   362  C  CB  . PHE A 1 46  ? 3.232   -9.889  -11.491 1.00 11.80 ? 46  PHE A CB  1 
ATOM   363  C  CG  . PHE A 1 46  ? 4.234   -9.668  -10.398 1.00 9.07  ? 46  PHE A CG  1 
ATOM   364  C  CD1 . PHE A 1 46  ? 5.156   -10.645 -10.033 1.00 8.17  ? 46  PHE A CD1 1 
ATOM   365  C  CD2 . PHE A 1 46  ? 4.291   -8.421  -9.688  1.00 10.70 ? 46  PHE A CD2 1 
ATOM   366  C  CE1 . PHE A 1 46  ? 6.098   -10.445 -8.982  1.00 10.80 ? 46  PHE A CE1 1 
ATOM   367  C  CE2 . PHE A 1 46  ? 5.257   -8.202  -8.663  1.00 13.11 ? 46  PHE A CE2 1 
ATOM   368  C  CZ  . PHE A 1 46  ? 6.143   -9.180  -8.313  1.00 13.24 ? 46  PHE A CZ  1 
ATOM   369  N  N   . LYS A 1 47  ? 2.838   -10.442 -15.012 1.00 15.45 ? 47  LYS A N   1 
ATOM   370  C  CA  . LYS A 1 47  ? 1.725   -10.689 -15.956 1.00 18.51 ? 47  LYS A CA  1 
ATOM   371  C  C   . LYS A 1 47  ? 1.494   -12.122 -16.305 1.00 18.44 ? 47  LYS A C   1 
ATOM   372  O  O   . LYS A 1 47  ? 0.423   -12.480 -16.813 1.00 18.55 ? 47  LYS A O   1 
ATOM   373  C  CB  . LYS A 1 47  ? 2.050   -10.010 -17.262 1.00 20.45 ? 47  LYS A CB  1 
ATOM   374  C  CG  . LYS A 1 47  ? 1.900   -8.596  -17.164 1.00 22.48 ? 47  LYS A CG  1 
ATOM   375  C  CD  . LYS A 1 47  ? 2.179   -8.064  -18.564 1.00 29.42 ? 47  LYS A CD  1 
ATOM   376  C  CE  . LYS A 1 47  ? 2.370   -6.574  -18.541 1.00 32.39 ? 47  LYS A CE  1 
ATOM   377  N  NZ  . LYS A 1 47  ? 2.696   -6.044  -19.928 1.00 33.14 ? 47  LYS A NZ  1 
ATOM   378  N  N   . HIS A 1 48  ? 2.466   -12.984 -16.059 1.00 16.86 ? 48  HIS A N   1 
ATOM   379  C  CA  . HIS A 1 48  ? 2.280   -14.394 -16.353 1.00 18.04 ? 48  HIS A CA  1 
ATOM   380  C  C   . HIS A 1 48  ? 1.400   -15.122 -15.297 1.00 18.78 ? 48  HIS A C   1 
ATOM   381  O  O   . HIS A 1 48  ? 1.102   -16.315 -15.437 1.00 20.60 ? 48  HIS A O   1 
ATOM   382  C  CB  . HIS A 1 48  ? 3.633   -15.117 -16.419 1.00 18.29 ? 48  HIS A CB  1 
ATOM   383  C  CG  . HIS A 1 48  ? 4.367   -15.140 -15.121 1.00 14.34 ? 48  HIS A CG  1 
ATOM   384  N  ND1 . HIS A 1 48  ? 4.976   -14.024 -14.580 1.00 14.14 ? 48  HIS A ND1 1 
ATOM   385  C  CD2 . HIS A 1 48  ? 4.572   -16.149 -14.239 1.00 12.99 ? 48  HIS A CD2 1 
ATOM   386  C  CE1 . HIS A 1 48  ? 5.573   -14.356 -13.456 1.00 14.92 ? 48  HIS A CE1 1 
ATOM   387  N  NE2 . HIS A 1 48  ? 5.328   -15.632 -13.218 1.00 14.10 ? 48  HIS A NE2 1 
ATOM   388  N  N   . LEU A 1 49  ? 1.102   -14.442 -14.176 1.00 16.58 ? 49  LEU A N   1 
ATOM   389  C  CA  . LEU A 1 49  ? 0.356   -15.061 -13.066 1.00 15.34 ? 49  LEU A CA  1 
ATOM   390  C  C   . LEU A 1 49  ? -1.126  -14.929 -13.407 1.00 17.68 ? 49  LEU A C   1 
ATOM   391  O  O   . LEU A 1 49  ? -1.662  -13.818 -13.565 1.00 19.19 ? 49  LEU A O   1 
ATOM   392  C  CB  . LEU A 1 49  ? 0.701   -14.340 -11.737 1.00 14.05 ? 49  LEU A CB  1 
ATOM   393  C  CG  . LEU A 1 49  ? 2.198   -14.433 -11.393 1.00 11.38 ? 49  LEU A CG  1 
ATOM   394  C  CD1 . LEU A 1 49  ? 2.566   -13.521 -10.219 1.00 10.83 ? 49  LEU A CD1 1 
ATOM   395  C  CD2 . LEU A 1 49  ? 2.611   -15.926 -11.089 1.00 12.88 ? 49  LEU A CD2 1 
ATOM   396  N  N   . LYS A 1 50  ? -1.762  -16.070 -13.631 1.00 17.01 ? 50  LYS A N   1 
ATOM   397  C  CA  . LYS A 1 50  ? -3.159  -16.065 -14.029 1.00 19.53 ? 50  LYS A CA  1 
ATOM   398  C  C   . LYS A 1 50  ? -4.017  -16.364 -12.817 1.00 18.15 ? 50  LYS A C   1 
ATOM   399  O  O   . LYS A 1 50  ? -4.925  -15.570 -12.499 1.00 21.89 ? 50  LYS A O   1 
ATOM   400  C  CB  . LYS A 1 50  ? -3.376  -17.053 -15.188 1.00 21.02 ? 50  LYS A CB  1 
ATOM   401  C  CG  . LYS A 1 50  ? -2.649  -16.638 -16.480 1.00 26.67 ? 50  LYS A CG  1 
ATOM   402  C  CD  . LYS A 1 50  ? -2.742  -15.133 -16.806 1.00 31.80 ? 50  LYS A CD  1 
ATOM   403  C  CE  . LYS A 1 50  ? -4.110  -14.734 -17.401 1.00 36.51 ? 50  LYS A CE  1 
ATOM   404  N  NZ  . LYS A 1 50  ? -4.020  -14.529 -18.868 1.00 37.58 ? 50  LYS A NZ  1 
ATOM   405  N  N   . THR A 1 51  ? -3.676  -17.369 -12.045 1.00 14.84 ? 51  THR A N   1 
ATOM   406  C  CA  . THR A 1 51  ? -4.644  -17.880 -11.064 1.00 12.51 ? 51  THR A CA  1 
ATOM   407  C  C   . THR A 1 51  ? -4.148  -17.408 -9.702  1.00 11.14 ? 51  THR A C   1 
ATOM   408  O  O   . THR A 1 51  ? -2.946  -17.062 -9.551  1.00 10.89 ? 51  THR A O   1 
ATOM   409  C  CB  . THR A 1 51  ? -4.655  -19.418 -11.046 1.00 12.71 ? 51  THR A CB  1 
ATOM   410  O  OG1 . THR A 1 51  ? -3.372  -19.894 -10.598 1.00 13.72 ? 51  THR A OG1 1 
ATOM   411  C  CG2 . THR A 1 51  ? -4.934  -19.993 -12.453 1.00 15.29 ? 51  THR A CG2 1 
ATOM   412  N  N   . GLU A 1 52  ? -5.024  -17.413 -8.697  1.00 9.35  ? 52  GLU A N   1 
ATOM   413  C  CA  . GLU A 1 52  ? -4.552  -17.082 -7.380  1.00 10.06 ? 52  GLU A CA  1 
ATOM   414  C  C   . GLU A 1 52  ? -3.495  -18.078 -6.888  1.00 9.77  ? 52  GLU A C   1 
ATOM   415  O  O   . GLU A 1 52  ? -2.542  -17.661 -6.242  1.00 9.23  ? 52  GLU A O   1 
ATOM   416  C  CB  . GLU A 1 52  ? -5.743  -16.981 -6.405  1.00 10.64 ? 52  GLU A CB  1 
ATOM   417  C  CG  . GLU A 1 52  ? -5.307  -16.653 -4.989  1.00 9.55  ? 52  GLU A CG  1 
ATOM   418  C  CD  . GLU A 1 52  ? -6.466  -16.347 -4.081  1.00 17.64 ? 52  GLU A CD  1 
ATOM   419  O  OE1 . GLU A 1 52  ? -7.631  -16.352 -4.551  1.00 19.77 ? 52  GLU A OE1 1 
ATOM   420  O  OE2 . GLU A 1 52  ? -6.200  -16.066 -2.913  1.00 22.31 ? 52  GLU A OE2 1 
ATOM   421  N  N   . ALA A 1 53  ? -3.655  -19.377 -7.201  1.00 10.66 ? 53  ALA A N   1 
ATOM   422  C  CA  . ALA A 1 53  ? -2.618  -20.339 -6.853  1.00 11.20 ? 53  ALA A CA  1 
ATOM   423  C  C   . ALA A 1 53  ? -1.249  -19.961 -7.422  1.00 9.62  ? 53  ALA A C   1 
ATOM   424  O  O   . ALA A 1 53  ? -0.288  -20.049 -6.714  1.00 11.02 ? 53  ALA A O   1 
ATOM   425  C  CB  . ALA A 1 53  ? -2.978  -21.729 -7.384  1.00 11.10 ? 53  ALA A CB  1 
ATOM   426  N  N   . GLU A 1 54  ? -1.174  -19.532 -8.678  1.00 10.54 ? 54  GLU A N   1 
ATOM   427  C  CA  . GLU A 1 54  ? 0.094   -19.093 -9.251  1.00 10.13 ? 54  GLU A CA  1 
ATOM   428  C  C   . GLU A 1 54  ? 0.657   -17.920 -8.464  1.00 8.96  ? 54  GLU A C   1 
ATOM   429  O  O   . GLU A 1 54  ? 1.850   -17.901 -8.172  1.00 10.67 ? 54  GLU A O   1 
ATOM   430  C  CB  . GLU A 1 54  ? -0.105  -18.747 -10.706 1.00 11.75 ? 54  GLU A CB  1 
ATOM   431  C  CG  . GLU A 1 54  ? -0.251  -20.024 -11.586 1.00 13.88 ? 54  GLU A CG  1 
ATOM   432  C  CD  . GLU A 1 54  ? -0.756  -19.754 -12.985 1.00 20.26 ? 54  GLU A CD  1 
ATOM   433  O  OE1 . GLU A 1 54  ? -1.078  -18.591 -13.313 1.00 19.72 ? 54  GLU A OE1 1 
ATOM   434  O  OE2 . GLU A 1 54  ? -0.896  -20.747 -13.759 1.00 20.13 ? 54  GLU A OE2 1 
ATOM   435  N  N   . MET A 1 55  ? -0.205  -16.961 -8.107  1.00 10.33 ? 55  MET A N   1 
ATOM   436  C  CA  . MET A 1 55  ? 0.288   -15.756 -7.384  1.00 6.64  ? 55  MET A CA  1 
ATOM   437  C  C   . MET A 1 55  ? 0.846   -16.200 -6.032  1.00 8.15  ? 55  MET A C   1 
ATOM   438  O  O   . MET A 1 55  ? 1.892   -15.724 -5.593  1.00 10.70 ? 55  MET A O   1 
ATOM   439  C  CB  . MET A 1 55  ? -0.847  -14.744 -7.190  1.00 8.40  ? 55  MET A CB  1 
ATOM   440  C  CG  . MET A 1 55  ? -1.384  -14.217 -8.499  1.00 9.62  ? 55  MET A CG  1 
ATOM   441  S  SD  . MET A 1 55  ? -2.711  -13.072 -8.114  1.00 10.30 ? 55  MET A SD  1 
ATOM   442  C  CE  . MET A 1 55  ? -3.452  -12.792 -9.697  1.00 10.77 ? 55  MET A CE  1 
ATOM   443  N  N   . LYS A 1 56  ? 0.099   -17.078 -5.344  1.00 9.55  ? 56  LYS A N   1 
ATOM   444  C  CA  . LYS A 1 56  ? 0.535   -17.540 -4.024  1.00 10.69 ? 56  LYS A CA  1 
ATOM   445  C  C   . LYS A 1 56  ? 1.832   -18.358 -4.066  1.00 10.41 ? 56  LYS A C   1 
ATOM   446  O  O   . LYS A 1 56  ? 2.573   -18.391 -3.102  1.00 12.69 ? 56  LYS A O   1 
ATOM   447  C  CB  . LYS A 1 56  ? -0.489  -18.486 -3.466  1.00 12.67 ? 56  LYS A CB  1 
ATOM   448  C  CG  . LYS A 1 56  ? -1.744  -17.865 -3.023  1.00 18.83 ? 56  LYS A CG  1 
ATOM   449  C  CD  . LYS A 1 56  ? -1.633  -17.534 -1.529  1.00 27.83 ? 56  LYS A CD  1 
ATOM   450  C  CE  . LYS A 1 56  ? -3.012  -17.716 -0.828  1.00 31.71 ? 56  LYS A CE  1 
ATOM   451  N  NZ  . LYS A 1 56  ? -4.120  -16.787 -1.319  1.00 32.57 ? 56  LYS A NZ  1 
ATOM   452  N  N   . ALA A 1 57  ? 2.031   -19.081 -5.160  1.00 10.19 ? 57  ALA A N   1 
ATOM   453  C  CA  . ALA A 1 57  ? 3.268   -19.843 -5.349  1.00 9.78  ? 57  ALA A CA  1 
ATOM   454  C  C   . ALA A 1 57  ? 4.478   -19.002 -5.811  1.00 9.95  ? 57  ALA A C   1 
ATOM   455  O  O   . ALA A 1 57  ? 5.635   -19.476 -5.808  1.00 10.41 ? 57  ALA A O   1 
ATOM   456  C  CB  . ALA A 1 57  ? 2.996   -20.958 -6.336  1.00 10.79 ? 57  ALA A CB  1 
ATOM   457  N  N   . SER A 1 58  ? 4.250   -17.751 -6.203  1.00 8.00  ? 58  SER A N   1 
ATOM   458  C  CA  . SER A 1 58  ? 5.328   -16.917 -6.639  1.00 8.75  ? 58  SER A CA  1 
ATOM   459  C  C   . SER A 1 58  ? 6.223   -16.292 -5.576  1.00 7.70  ? 58  SER A C   1 
ATOM   460  O  O   . SER A 1 58  ? 5.804   -15.423 -4.848  1.00 8.26  ? 58  SER A O   1 
ATOM   461  C  CB  . SER A 1 58  ? 4.785   -15.799 -7.541  1.00 9.34  ? 58  SER A CB  1 
ATOM   462  O  OG  . SER A 1 58  ? 5.856   -14.929 -7.904  1.00 9.07  ? 58  SER A OG  1 
ATOM   463  N  N   . GLU A 1 59  ? 7.463   -16.744 -5.468  1.00 7.56  ? 59  GLU A N   1 
ATOM   464  C  CA  . GLU A 1 59  ? 8.349   -16.200 -4.428  1.00 8.48  ? 59  GLU A CA  1 
ATOM   465  C  C   . GLU A 1 59  ? 8.678   -14.742 -4.728  1.00 8.93  ? 59  GLU A C   1 
ATOM   466  O  O   . GLU A 1 59  ? 8.834   -13.966 -3.796  1.00 9.36  ? 59  GLU A O   1 
ATOM   467  C  CB  . GLU A 1 59  ? 9.655   -17.008 -4.396  1.00 10.24 ? 59  GLU A CB  1 
ATOM   468  C  CG  . GLU A 1 59  ? 10.570  -16.656 -3.198  1.00 14.17 ? 59  GLU A CG  1 
ATOM   469  C  CD  . GLU A 1 59  ? 9.941   -16.838 -1.814  1.00 19.46 ? 59  GLU A CD  1 
ATOM   470  O  OE1 . GLU A 1 59  ? 10.493  -16.247 -0.829  1.00 18.35 ? 59  GLU A OE1 1 
ATOM   471  O  OE2 . GLU A 1 59  ? 8.922   -17.540 -1.678  1.00 16.60 ? 59  GLU A OE2 1 
ATOM   472  N  N   . ASP A 1 60  ? 8.800   -14.409 -6.006  1.00 10.14 ? 60  ASP A N   1 
ATOM   473  C  CA  . ASP A 1 60  ? 9.123   -13.041 -6.380  1.00 10.91 ? 60  ASP A CA  1 
ATOM   474  C  C   . ASP A 1 60  ? 7.958   -12.112 -6.007  1.00 10.19 ? 60  ASP A C   1 
ATOM   475  O  O   . ASP A 1 60  ? 8.210   -10.957 -5.652  1.00 9.95  ? 60  ASP A O   1 
ATOM   476  C  CB  . ASP A 1 60  ? 9.411   -12.920 -7.872  1.00 11.16 ? 60  ASP A CB  1 
ATOM   477  C  CG  . ASP A 1 60  ? 10.176  -11.630 -8.179  1.00 17.12 ? 60  ASP A CG  1 
ATOM   478  O  OD1 . ASP A 1 60  ? 11.200  -11.384 -7.519  1.00 17.97 ? 60  ASP A OD1 1 
ATOM   479  O  OD2 . ASP A 1 60  ? 9.689   -10.823 -8.978  1.00 21.52 ? 60  ASP A OD2 1 
ATOM   480  N  N   . LEU A 1 61  ? 6.727   -12.564 -6.193  1.00 8.59  ? 61  LEU A N   1 
ATOM   481  C  CA  . LEU A 1 61  ? 5.538   -11.744 -5.760  1.00 8.02  ? 61  LEU A CA  1 
ATOM   482  C  C   . LEU A 1 61  ? 5.641   -11.502 -4.239  1.00 9.63  ? 61  LEU A C   1 
ATOM   483  O  O   . LEU A 1 61  ? 5.442   -10.402 -3.751  1.00 9.99  ? 61  LEU A O   1 
ATOM   484  C  CB  . LEU A 1 61  ? 4.227   -12.382 -6.156  1.00 8.60  ? 61  LEU A CB  1 
ATOM   485  C  CG  . LEU A 1 61  ? 2.932   -11.595 -5.853  1.00 6.50  ? 61  LEU A CG  1 
ATOM   486  C  CD1 . LEU A 1 61  ? 1.786   -12.068 -6.798  1.00 11.88 ? 61  LEU A CD1 1 
ATOM   487  C  CD2 . LEU A 1 61  ? 2.525   -11.761 -4.498  1.00 14.27 ? 61  LEU A CD2 1 
ATOM   488  N  N   . LYS A 1 62  ? 5.947   -12.561 -3.494  1.00 8.99  ? 62  LYS A N   1 
ATOM   489  C  CA  . LYS A 1 62  ? 6.057   -12.464 -2.051  1.00 10.35 ? 62  LYS A CA  1 
ATOM   490  C  C   . LYS A 1 62  ? 7.151   -11.460 -1.660  1.00 10.85 ? 62  LYS A C   1 
ATOM   491  O  O   . LYS A 1 62  ? 6.962   -10.618 -0.749  1.00 9.34  ? 62  LYS A O   1 
ATOM   492  C  CB  . LYS A 1 62  ? 6.316   -13.846 -1.442  1.00 11.18 ? 62  LYS A CB  1 
ATOM   493  C  CG  . LYS A 1 62  ? 6.451   -13.772 0.066   1.00 13.74 ? 62  LYS A CG  1 
ATOM   494  C  CD  . LYS A 1 62  ? 6.520   -15.230 0.619   1.00 17.42 ? 62  LYS A CD  1 
ATOM   495  C  CE  . LYS A 1 62  ? 6.557   -15.172 2.126   1.00 20.95 ? 62  LYS A CE  1 
ATOM   496  N  NZ  . LYS A 1 62  ? 6.828   -16.539 2.679   1.00 19.77 ? 62  LYS A NZ  1 
ATOM   497  N  N   . LYS A 1 63  ? 8.310   -11.579 -2.319  1.00 10.50 ? 63  LYS A N   1 
ATOM   498  C  CA  . LYS A 1 63  ? 9.420   -10.631 -2.178  1.00 13.04 ? 63  LYS A CA  1 
ATOM   499  C  C   . LYS A 1 63  ? 9.002   -9.202  -2.464  1.00 11.61 ? 63  LYS A C   1 
ATOM   500  O  O   . LYS A 1 63  ? 9.296   -8.299  -1.656  1.00 12.26 ? 63  LYS A O   1 
ATOM   501  C  CB  . LYS A 1 63  ? 10.602  -11.012 -3.077  1.00 13.58 ? 63  LYS A CB  1 
ATOM   502  C  CG  . LYS A 1 63  ? 11.891  -10.250 -2.753  1.00 19.65 ? 63  LYS A CG  1 
ATOM   503  C  CD  . LYS A 1 63  ? 13.111  -11.015 -3.373  1.00 27.18 ? 63  LYS A CD  1 
ATOM   504  C  CE  . LYS A 1 63  ? 13.636  -10.372 -4.641  1.00 32.60 ? 63  LYS A CE  1 
ATOM   505  N  NZ  . LYS A 1 63  ? 15.085  -10.765 -4.885  1.00 35.90 ? 63  LYS A NZ  1 
ATOM   506  N  N   . HIS A 1 64  ? 8.313   -9.000  -3.580  1.00 11.38 ? 64  HIS A N   1 
ATOM   507  C  CA  . HIS A 1 64  ? 7.872   -7.658  -3.906  1.00 11.32 ? 64  HIS A CA  1 
ATOM   508  C  C   . HIS A 1 64  ? 6.863   -7.132  -2.832  1.00 11.00 ? 64  HIS A C   1 
ATOM   509  O  O   . HIS A 1 64  ? 6.964   -5.945  -2.412  1.00 11.84 ? 64  HIS A O   1 
ATOM   510  C  CB  . HIS A 1 64  ? 7.285   -7.572  -5.296  1.00 12.86 ? 64  HIS A CB  1 
ATOM   511  C  CG  . HIS A 1 64  ? 7.041   -6.176  -5.674  1.00 12.43 ? 64  HIS A CG  1 
ATOM   512  N  ND1 . HIS A 1 64  ? 8.081   -5.316  -5.964  1.00 16.74 ? 64  HIS A ND1 1 
ATOM   513  C  CD2 . HIS A 1 64  ? 5.908   -5.444  -5.682  1.00 14.76 ? 64  HIS A CD2 1 
ATOM   514  C  CE1 . HIS A 1 64  ? 7.581   -4.110  -6.174  1.00 13.93 ? 64  HIS A CE1 1 
ATOM   515  N  NE2 . HIS A 1 64  ? 6.268   -4.168  -6.040  1.00 16.38 ? 64  HIS A NE2 1 
ATOM   516  N  N   . GLY A 1 65  ? 5.964   -7.968  -2.370  1.00 10.61 ? 65  GLY A N   1 
ATOM   517  C  CA  . GLY A 1 65  ? 5.060   -7.527  -1.284  1.00 9.49  ? 65  GLY A CA  1 
ATOM   518  C  C   . GLY A 1 65  ? 5.889   -7.018  -0.071  1.00 11.15 ? 65  GLY A C   1 
ATOM   519  O  O   . GLY A 1 65  ? 5.527   -6.010  0.565   1.00 10.82 ? 65  GLY A O   1 
ATOM   520  N  N   . THR A 1 66  ? 6.942   -7.761  0.302   1.00 9.96  ? 66  THR A N   1 
ATOM   521  C  CA  . THR A 1 66  ? 7.767   -7.356  1.409   1.00 12.00 ? 66  THR A CA  1 
ATOM   522  C  C   . THR A 1 66  ? 8.352   -5.965  1.156   1.00 10.66 ? 66  THR A C   1 
ATOM   523  O  O   . THR A 1 66  ? 8.360   -5.122  2.047   1.00 10.14 ? 66  THR A O   1 
ATOM   524  C  CB  . THR A 1 66  ? 8.943   -8.321  1.684   1.00 13.08 ? 66  THR A CB  1 
ATOM   525  O  OG1 . THR A 1 66  ? 8.391   -9.608  1.935   1.00 17.58 ? 66  THR A OG1 1 
ATOM   526  C  CG2 . THR A 1 66  ? 9.691   -7.902  2.923   1.00 13.00 ? 66  THR A CG2 1 
ATOM   527  N  N   . VAL A 1 67  ? 8.834   -5.739  -0.052  1.00 10.27 ? 67  VAL A N   1 
ATOM   528  C  CA  . VAL A 1 67  ? 9.502   -4.461  -0.406  1.00 10.86 ? 67  VAL A CA  1 
ATOM   529  C  C   . VAL A 1 67  ? 8.502   -3.306  -0.334  1.00 10.55 ? 67  VAL A C   1 
ATOM   530  O  O   . VAL A 1 67  ? 8.825   -2.237  0.242   1.00 10.49 ? 67  VAL A O   1 
ATOM   531  C  CB  . VAL A 1 67  ? 10.146  -4.582  -1.778  1.00 13.00 ? 67  VAL A CB  1 
ATOM   532  C  CG1 . VAL A 1 67  ? 10.772  -3.232  -2.158  1.00 17.42 ? 67  VAL A CG1 1 
ATOM   533  C  CG2 . VAL A 1 67  ? 11.307  -5.604  -1.658  1.00 11.87 ? 67  VAL A CG2 1 
ATOM   534  N  N   . VAL A 1 68  ? 7.325   -3.524  -0.893  1.00 9.10  ? 68  VAL A N   1 
ATOM   535  C  CA  A VAL A 1 68  ? 6.265   -2.487  -0.877  0.50 9.14  ? 68  VAL A CA  1 
ATOM   536  C  CA  B VAL A 1 68  ? 6.279   -2.484  -0.876  0.50 8.00  ? 68  VAL A CA  1 
ATOM   537  C  C   . VAL A 1 68  ? 5.809   -2.146  0.526   1.00 8.23  ? 68  VAL A C   1 
ATOM   538  O  O   . VAL A 1 68  ? 5.713   -0.935  0.896   1.00 7.44  ? 68  VAL A O   1 
ATOM   539  C  CB  A VAL A 1 68  ? 5.039   -2.770  -1.855  0.50 8.64  ? 68  VAL A CB  1 
ATOM   540  C  CB  B VAL A 1 68  ? 5.094   -2.828  -1.819  0.50 7.34  ? 68  VAL A CB  1 
ATOM   541  C  CG1 A VAL A 1 68  ? 4.227   -4.016  -1.469  0.50 12.17 ? 68  VAL A CG1 1 
ATOM   542  C  CG1 B VAL A 1 68  ? 4.087   -1.685  -1.880  0.50 7.05  ? 68  VAL A CG1 1 
ATOM   543  C  CG2 A VAL A 1 68  ? 4.132   -1.545  -1.961  0.50 9.32  ? 68  VAL A CG2 1 
ATOM   544  C  CG2 B VAL A 1 68  ? 5.641   -3.119  -3.193  0.50 5.06  ? 68  VAL A CG2 1 
ATOM   545  N  N   . LEU A 1 69  ? 5.532   -3.163  1.333   1.00 8.28  ? 69  LEU A N   1 
ATOM   546  C  CA  . LEU A 1 69  ? 5.007   -2.836  2.668   1.00 7.98  ? 69  LEU A CA  1 
ATOM   547  C  C   . LEU A 1 69  ? 6.115   -2.256  3.549   1.00 8.10  ? 69  LEU A C   1 
ATOM   548  O  O   . LEU A 1 69  ? 5.834   -1.500  4.437   1.00 8.77  ? 69  LEU A O   1 
ATOM   549  C  CB  . LEU A 1 69  ? 4.371   -4.048  3.334   1.00 8.89  ? 69  LEU A CB  1 
ATOM   550  C  CG  . LEU A 1 69  ? 3.124   -4.538  2.595   1.00 7.30  ? 69  LEU A CG  1 
ATOM   551  C  CD1 . LEU A 1 69  ? 2.318   -5.523  3.434   1.00 8.81  ? 69  LEU A CD1 1 
ATOM   552  C  CD2 . LEU A 1 69  ? 2.197   -3.405  2.180   1.00 9.79  ? 69  LEU A CD2 1 
ATOM   553  N  N   . THR A 1 70  ? 7.365   -2.707  3.336   1.00 7.70  ? 70  THR A N   1 
ATOM   554  C  CA  . THR A 1 70  ? 8.448   -2.139  4.133   1.00 7.85  ? 70  THR A CA  1 
ATOM   555  C  C   . THR A 1 70  ? 8.585   -0.641  3.806   1.00 9.16  ? 70  THR A C   1 
ATOM   556  O  O   . THR A 1 70  ? 8.748   0.203   4.731   1.00 8.90  ? 70  THR A O   1 
ATOM   557  C  CB  . THR A 1 70  ? 9.763   -2.848  3.813   1.00 9.88  ? 70  THR A CB  1 
ATOM   558  O  OG1 . THR A 1 70  ? 9.646   -4.196  4.274   1.00 9.99  ? 70  THR A OG1 1 
ATOM   559  C  CG2 . THR A 1 70  ? 10.850  -2.193  4.640   1.00 11.30 ? 70  THR A CG2 1 
ATOM   560  N  N   . ALA A 1 71  ? 8.440   -0.283  2.543   1.00 7.41  ? 71  ALA A N   1 
ATOM   561  C  CA  . ALA A 1 71  ? 8.509   1.132   2.119   1.00 7.70  ? 71  ALA A CA  1 
ATOM   562  C  C   . ALA A 1 71  ? 7.333   1.889   2.765   1.00 7.55  ? 71  ALA A C   1 
ATOM   563  O  O   . ALA A 1 71  ? 7.525   3.007   3.339   1.00 8.72  ? 71  ALA A O   1 
ATOM   564  C  CB  . ALA A 1 71  ? 8.498   1.264   0.578   1.00 8.66  ? 71  ALA A CB  1 
ATOM   565  N  N   . LEU A 1 72  ? 6.140   1.289   2.735   1.00 7.01  ? 72  LEU A N   1 
ATOM   566  C  CA  . LEU A 1 72  ? 4.946   1.912   3.279   1.00 7.43  ? 72  LEU A CA  1 
ATOM   567  C  C   . LEU A 1 72  ? 5.112   2.141   4.820   1.00 8.16  ? 72  LEU A C   1 
ATOM   568  O  O   . LEU A 1 72  ? 4.756   3.193   5.332   1.00 8.24  ? 72  LEU A O   1 
ATOM   569  C  CB  . LEU A 1 72  ? 3.662   1.135   2.962   1.00 8.40  ? 72  LEU A CB  1 
ATOM   570  C  CG  . LEU A 1 72  ? 2.419   1.823   3.563   1.00 7.37  ? 72  LEU A CG  1 
ATOM   571  C  CD1 . LEU A 1 72  ? 2.142   3.212   3.117   1.00 10.80 ? 72  LEU A CD1 1 
ATOM   572  C  CD2 . LEU A 1 72  ? 1.230   0.884   3.208   1.00 7.65  ? 72  LEU A CD2 1 
ATOM   573  N  N   . GLY A 1 73  ? 5.741   1.166   5.488   1.00 8.04  ? 73  GLY A N   1 
ATOM   574  C  CA  . GLY A 1 73  ? 6.005   1.240   6.932   1.00 7.60  ? 73  GLY A CA  1 
ATOM   575  C  C   . GLY A 1 73  ? 6.856   2.438   7.276   1.00 9.48  ? 73  GLY A C   1 
ATOM   576  O  O   . GLY A 1 73  ? 6.628   3.165   8.247   1.00 8.07  ? 73  GLY A O   1 
ATOM   577  N  N   . GLY A 1 74  ? 7.886   2.621   6.453   1.00 8.09  ? 74  GLY A N   1 
ATOM   578  C  CA  . GLY A 1 74  ? 8.827   3.733   6.638   1.00 10.81 ? 74  GLY A CA  1 
ATOM   579  C  C   . GLY A 1 74  ? 8.074   5.070   6.537   1.00 11.49 ? 74  GLY A C   1 
ATOM   580  O  O   . GLY A 1 74  ? 8.288   6.014   7.349   1.00 12.47 ? 74  GLY A O   1 
ATOM   581  N  N   . ILE A 1 75  ? 7.190   5.142   5.553   1.00 9.26  ? 75  ILE A N   1 
ATOM   582  C  CA  . ILE A 1 75  ? 6.381   6.333   5.373   1.00 9.41  ? 75  ILE A CA  1 
ATOM   583  C  C   . ILE A 1 75  ? 5.449   6.581   6.544   1.00 8.10  ? 75  ILE A C   1 
ATOM   584  O  O   . ILE A 1 75  ? 5.405   7.705   7.058   1.00 8.59  ? 75  ILE A O   1 
ATOM   585  C  CB  . ILE A 1 75  ? 5.640   6.280   4.049   1.00 9.49  ? 75  ILE A CB  1 
ATOM   586  C  CG1 . ILE A 1 75  ? 6.655   6.555   2.939   1.00 12.69 ? 75  ILE A CG1 1 
ATOM   587  C  CG2 . ILE A 1 75  ? 4.391   7.219   4.038   1.00 11.08 ? 75  ILE A CG2 1 
ATOM   588  C  CD1 . ILE A 1 75  ? 6.267   5.841   1.694   1.00 17.28 ? 75  ILE A CD1 1 
ATOM   589  N  N   . LEU A 1 76  ? 4.741   5.546   6.991   1.00 7.65  ? 76  LEU A N   1 
ATOM   590  C  CA  . LEU A 1 76  ? 3.773   5.675   8.070   1.00 6.39  ? 76  LEU A CA  1 
ATOM   591  C  C   . LEU A 1 76  ? 4.428   6.162   9.369   1.00 7.48  ? 76  LEU A C   1 
ATOM   592  O  O   . LEU A 1 76  ? 3.855   6.958   10.082  1.00 7.14  ? 76  LEU A O   1 
ATOM   593  C  CB  . LEU A 1 76  ? 3.061   4.364   8.292   1.00 5.20  ? 76  LEU A CB  1 
ATOM   594  C  CG  . LEU A 1 76  ? 2.059   3.963   7.198   1.00 6.50  ? 76  LEU A CG  1 
ATOM   595  C  CD1 . LEU A 1 76  ? 1.526   2.534   7.539   1.00 10.82 ? 76  LEU A CD1 1 
ATOM   596  C  CD2 . LEU A 1 76  ? 0.867   4.973   7.048   1.00 7.71  ? 76  LEU A CD2 1 
ATOM   597  N  N   . LYS A 1 77  ? 5.628   5.652   9.626   1.00 7.43  ? 77  LYS A N   1 
ATOM   598  C  CA  . LYS A 1 77  ? 6.353   6.030   10.834  1.00 6.32  ? 77  LYS A CA  1 
ATOM   599  C  C   . LYS A 1 77  ? 6.865   7.492   10.810  1.00 9.39  ? 77  LYS A C   1 
ATOM   600  O  O   . LYS A 1 77  ? 7.224   8.033   11.883  1.00 11.55 ? 77  LYS A O   1 
ATOM   601  C  CB  . LYS A 1 77  ? 7.499   5.048   11.016  1.00 8.07  ? 77  LYS A CB  1 
ATOM   602  C  CG  . LYS A 1 77  ? 7.042   3.688   11.470  1.00 8.75  ? 77  LYS A CG  1 
ATOM   603  C  CD  . LYS A 1 77  ? 8.183   2.661   11.454  1.00 14.16 ? 77  LYS A CD  1 
ATOM   604  C  CE  . LYS A 1 77  ? 7.576   1.296   11.498  1.00 14.76 ? 77  LYS A CE  1 
ATOM   605  N  NZ  . LYS A 1 77  ? 8.634   0.265   11.494  1.00 17.11 ? 77  LYS A NZ  1 
ATOM   606  N  N   . LYS A 1 78  ? 6.797   8.175   9.657   1.00 8.91  ? 78  LYS A N   1 
ATOM   607  C  CA  . LYS A 1 78  ? 7.051   9.607   9.580   1.00 9.79  ? 78  LYS A CA  1 
ATOM   608  C  C   . LYS A 1 78  ? 5.842   10.429  10.010  1.00 9.26  ? 78  LYS A C   1 
ATOM   609  O  O   . LYS A 1 78  ? 5.960   11.647  10.205  1.00 10.25 ? 78  LYS A O   1 
ATOM   610  C  CB  . LYS A 1 78  ? 7.465   10.068  8.147   1.00 9.58  ? 78  LYS A CB  1 
ATOM   611  C  CG  . LYS A 1 78  ? 8.702   9.342   7.533   1.00 15.03 ? 78  LYS A CG  1 
ATOM   612  C  CD  . LYS A 1 78  ? 9.868   9.419   8.491   1.00 18.60 ? 78  LYS A CD  1 
ATOM   613  C  CE  . LYS A 1 78  ? 11.267  9.494   7.767   1.00 28.58 ? 78  LYS A CE  1 
ATOM   614  N  NZ  . LYS A 1 78  ? 11.627  8.318   6.895   1.00 32.10 ? 78  LYS A NZ  1 
ATOM   615  N  N   . LYS A 1 79  ? 4.682   9.771   10.216  1.00 7.97  ? 79  LYS A N   1 
ATOM   616  C  CA  . LYS A 1 79  ? 3.452   10.486  10.680  1.00 7.72  ? 79  LYS A CA  1 
ATOM   617  C  C   . LYS A 1 79  ? 3.208   11.796  9.914   1.00 11.10 ? 79  LYS A C   1 
ATOM   618  O  O   . LYS A 1 79  ? 2.983   12.894  10.516  1.00 11.82 ? 79  LYS A O   1 
ATOM   619  C  CB  . LYS A 1 79  ? 3.547   10.756  12.238  1.00 9.34  ? 79  LYS A CB  1 
ATOM   620  C  CG  . LYS A 1 79  ? 3.710   9.427   12.992  1.00 10.07 ? 79  LYS A CG  1 
ATOM   621  C  CD  . LYS A 1 79  ? 3.599   9.654   14.528  1.00 11.35 ? 79  LYS A CD  1 
ATOM   622  C  CE  . LYS A 1 79  ? 4.698   10.579  15.030  1.00 10.43 ? 79  LYS A CE  1 
ATOM   623  N  NZ  . LYS A 1 79  ? 4.588   10.602  16.576  1.00 10.61 ? 79  LYS A NZ  1 
ATOM   624  N  N   . GLY A 1 80  ? 3.183   11.656  8.582   1.00 11.23 ? 80  GLY A N   1 
ATOM   625  C  CA  . GLY A 1 80  ? 2.921   12.792  7.670   1.00 12.69 ? 80  GLY A CA  1 
ATOM   626  C  C   . GLY A 1 80  ? 4.188   13.532  7.233   1.00 13.06 ? 80  GLY A C   1 
ATOM   627  O  O   . GLY A 1 80  ? 4.147   14.271  6.220   1.00 13.16 ? 80  GLY A O   1 
ATOM   628  N  N   . HIS A 1 81  ? 5.287   13.389  7.969   1.00 12.97 ? 81  HIS A N   1 
ATOM   629  C  CA  . HIS A 1 81  ? 6.483   14.134  7.622   1.00 14.19 ? 81  HIS A CA  1 
ATOM   630  C  C   . HIS A 1 81  ? 7.315   13.366  6.608   1.00 13.11 ? 81  HIS A C   1 
ATOM   631  O  O   . HIS A 1 81  ? 8.448   12.941  6.899   1.00 14.03 ? 81  HIS A O   1 
ATOM   632  C  CB  . HIS A 1 81  ? 7.322   14.460  8.858   1.00 15.37 ? 81  HIS A CB  1 
ATOM   633  C  CG  . HIS A 1 81  ? 6.621   15.310  9.850   1.00 21.02 ? 81  HIS A CG  1 
ATOM   634  N  ND1 . HIS A 1 81  ? 6.425   16.658  9.661   1.00 28.40 ? 81  HIS A ND1 1 
ATOM   635  C  CD2 . HIS A 1 81  ? 6.089   15.011  11.061  1.00 27.85 ? 81  HIS A CD2 1 
ATOM   636  C  CE1 . HIS A 1 81  ? 5.786   17.155  10.708  1.00 28.62 ? 81  HIS A CE1 1 
ATOM   637  N  NE2 . HIS A 1 81  ? 5.574   16.178  11.572  1.00 29.64 ? 81  HIS A NE2 1 
ATOM   638  N  N   . HIS A 1 82  ? 6.743   13.179  5.416   1.00 12.20 ? 82  HIS A N   1 
ATOM   639  C  CA  . HIS A 1 82  ? 7.297   12.208  4.499   1.00 11.76 ? 82  HIS A CA  1 
ATOM   640  C  C   . HIS A 1 82  ? 7.706   12.811  3.179   1.00 11.51 ? 82  HIS A C   1 
ATOM   641  O  O   . HIS A 1 82  ? 7.736   12.127  2.142   1.00 11.63 ? 82  HIS A O   1 
ATOM   642  C  CB  . HIS A 1 82  ? 6.299   11.039  4.295   1.00 11.12 ? 82  HIS A CB  1 
ATOM   643  C  CG  . HIS A 1 82  ? 4.916   11.514  3.925   1.00 8.89  ? 82  HIS A CG  1 
ATOM   644  N  ND1 . HIS A 1 82  ? 3.774   11.049  4.543   1.00 10.33 ? 82  HIS A ND1 1 
ATOM   645  C  CD2 . HIS A 1 82  ? 4.502   12.484  3.056   1.00 9.25  ? 82  HIS A CD2 1 
ATOM   646  C  CE1 . HIS A 1 82  ? 2.711   11.636  4.022   1.00 10.07 ? 82  HIS A CE1 1 
ATOM   647  N  NE2 . HIS A 1 82  ? 3.121   12.537  3.145   1.00 9.54  ? 82  HIS A NE2 1 
ATOM   648  N  N   . GLU A 1 83  ? 8.008   14.118  3.169   1.00 12.57 ? 83  GLU A N   1 
ATOM   649  C  CA  . GLU A 1 83  ? 8.380   14.732  1.896   1.00 14.38 ? 83  GLU A CA  1 
ATOM   650  C  C   . GLU A 1 83  ? 9.540   14.054  1.124   1.00 14.57 ? 83  GLU A C   1 
ATOM   651  O  O   . GLU A 1 83  ? 9.456   13.822  -0.086  1.00 15.18 ? 83  GLU A O   1 
ATOM   652  C  CB  . GLU A 1 83  ? 8.642   16.241  2.088   1.00 15.79 ? 83  GLU A CB  1 
ATOM   653  C  CG  . GLU A 1 83  ? 9.121   16.922  0.760   1.00 20.91 ? 83  GLU A CG  1 
ATOM   654  C  CD  . GLU A 1 83  ? 8.019   17.092  -0.299  1.00 27.90 ? 83  GLU A CD  1 
ATOM   655  O  OE1 . GLU A 1 83  ? 6.824   17.059  0.080   1.00 30.80 ? 83  GLU A OE1 1 
ATOM   656  O  OE2 . GLU A 1 83  ? 8.376   17.272  -1.496  1.00 30.25 ? 83  GLU A OE2 1 
ATOM   657  N  N   . ALA A 1 84  ? 10.598  13.741  1.858   1.00 16.04 ? 84  ALA A N   1 
ATOM   658  C  CA  . ALA A 1 84  ? 11.781  13.052  1.286   1.00 16.80 ? 84  ALA A CA  1 
ATOM   659  C  C   . ALA A 1 84  ? 11.431  11.733  0.593   1.00 18.66 ? 84  ALA A C   1 
ATOM   660  O  O   . ALA A 1 84  ? 12.089  11.367  -0.404  1.00 18.41 ? 84  ALA A O   1 
ATOM   661  C  CB  . ALA A 1 84  ? 12.844  12.779  2.397   1.00 18.08 ? 84  ALA A CB  1 
ATOM   662  N  N   . GLU A 1 85  ? 10.516  10.948  1.177   1.00 18.83 ? 85  GLU A N   1 
ATOM   663  C  CA  . GLU A 1 85  ? 10.094  9.689   0.525   1.00 20.47 ? 85  GLU A CA  1 
ATOM   664  C  C   . GLU A 1 85  ? 9.119   9.955   -0.612  1.00 21.25 ? 85  GLU A C   1 
ATOM   665  O  O   . GLU A 1 85  ? 9.173   9.368   -1.719  1.00 21.60 ? 85  GLU A O   1 
ATOM   666  C  CB  . GLU A 1 85  ? 9.369   8.779   1.511   1.00 20.47 ? 85  GLU A CB  1 
ATOM   667  C  CG  . GLU A 1 85  ? 10.145  8.205   2.617   1.00 22.73 ? 85  GLU A CG  1 
ATOM   668  C  CD  . GLU A 1 85  ? 10.644  9.180   3.628   1.00 25.28 ? 85  GLU A CD  1 
ATOM   669  O  OE1 . GLU A 1 85  ? 10.093  10.312  3.858   1.00 24.71 ? 85  GLU A OE1 1 
ATOM   670  O  OE2 . GLU A 1 85  ? 11.617  8.780   4.259   1.00 28.83 ? 85  GLU A OE2 1 
ATOM   671  N  N   . LEU A 1 86  ? 8.160   10.821  -0.341  1.00 22.32 ? 86  LEU A N   1 
ATOM   672  C  CA  . LEU A 1 86  ? 7.033   10.930  -1.275  1.00 24.02 ? 86  LEU A CA  1 
ATOM   673  C  C   . LEU A 1 86  ? 7.396   11.600  -2.600  1.00 23.21 ? 86  LEU A C   1 
ATOM   674  O  O   . LEU A 1 86  ? 6.958   11.180  -3.681  1.00 22.23 ? 86  LEU A O   1 
ATOM   675  C  CB  . LEU A 1 86  ? 5.848   11.587  -0.564  1.00 24.98 ? 86  LEU A CB  1 
ATOM   676  C  CG  . LEU A 1 86  ? 4.744   12.349  -1.280  1.00 27.37 ? 86  LEU A CG  1 
ATOM   677  C  CD1 . LEU A 1 86  ? 3.532   11.869  -0.613  1.00 32.00 ? 86  LEU A CD1 1 
ATOM   678  C  CD2 . LEU A 1 86  ? 4.985   13.862  -1.037  1.00 32.62 ? 86  LEU A CD2 1 
ATOM   679  N  N   . LYS A 1 87  ? 8.302   12.556  -2.592  1.00 23.59 ? 87  LYS A N   1 
ATOM   680  C  CA  . LYS A 1 87  ? 8.727   13.157  -3.897  1.00 22.48 ? 87  LYS A CA  1 
ATOM   681  C  C   . LYS A 1 87  ? 9.282   12.152  -4.961  1.00 22.20 ? 87  LYS A C   1 
ATOM   682  O  O   . LYS A 1 87  ? 8.760   12.032  -6.083  1.00 21.31 ? 87  LYS A O   1 
ATOM   683  C  CB  . LYS A 1 87  ? 9.657   14.381  -3.670  1.00 24.30 ? 87  LYS A CB  1 
ATOM   684  C  CG  . LYS A 1 87  ? 9.912   15.234  -4.977  1.00 28.52 ? 87  LYS A CG  1 
ATOM   685  C  CD  . LYS A 1 87  ? 10.999  16.324  -4.746  1.00 35.51 ? 87  LYS A CD  1 
ATOM   686  C  CE  . LYS A 1 87  ? 11.857  16.579  -6.011  1.00 38.98 ? 87  LYS A CE  1 
ATOM   687  N  NZ  . LYS A 1 87  ? 13.330  16.843  -5.733  1.00 41.33 ? 87  LYS A NZ  1 
ATOM   688  N  N   . PRO A 1 88  ? 10.335  11.384  -4.613  1.00 19.69 ? 88  PRO A N   1 
ATOM   689  C  CA  . PRO A 1 88  ? 10.799  10.364  -5.552  1.00 18.24 ? 88  PRO A CA  1 
ATOM   690  C  C   . PRO A 1 88  ? 9.827   9.208   -5.818  1.00 17.13 ? 88  PRO A C   1 
ATOM   691  O  O   . PRO A 1 88  ? 9.872   8.586   -6.896  1.00 17.88 ? 88  PRO A O   1 
ATOM   692  C  CB  . PRO A 1 88  ? 12.078  9.799   -4.862  1.00 19.53 ? 88  PRO A CB  1 
ATOM   693  C  CG  . PRO A 1 88  ? 11.989  10.239  -3.481  1.00 17.43 ? 88  PRO A CG  1 
ATOM   694  C  CD  . PRO A 1 88  ? 11.193  11.497  -3.422  1.00 20.38 ? 88  PRO A CD  1 
ATOM   695  N  N   . LEU A 1 89  ? 8.965   8.870   -4.841  1.00 14.57 ? 89  LEU A N   1 
ATOM   696  C  CA  . LEU A 1 89  ? 7.992   7.799   -5.088  1.00 14.83 ? 89  LEU A CA  1 
ATOM   697  C  C   . LEU A 1 89  ? 6.926   8.274   -6.095  1.00 14.58 ? 89  LEU A C   1 
ATOM   698  O  O   . LEU A 1 89  ? 6.491   7.543   -6.941  1.00 15.01 ? 89  LEU A O   1 
ATOM   699  C  CB  . LEU A 1 89  ? 7.287   7.349   -3.800  1.00 16.68 ? 89  LEU A CB  1 
ATOM   700  C  CG  . LEU A 1 89  ? 7.844   6.165   -2.995  1.00 20.73 ? 89  LEU A CG  1 
ATOM   701  C  CD1 . LEU A 1 89  ? 7.060   6.102   -1.724  1.00 22.90 ? 89  LEU A CD1 1 
ATOM   702  C  CD2 . LEU A 1 89  ? 7.746   4.807   -3.683  1.00 20.98 ? 89  LEU A CD2 1 
ATOM   703  N  N   . ALA A 1 90  ? 6.483   9.522   -5.944  1.00 16.47 ? 90  ALA A N   1 
ATOM   704  C  CA  . ALA A 1 90  ? 5.514   10.067  -6.905  1.00 17.80 ? 90  ALA A CA  1 
ATOM   705  C  C   . ALA A 1 90  ? 6.160   10.089  -8.294  1.00 17.58 ? 90  ALA A C   1 
ATOM   706  O  O   . ALA A 1 90  ? 5.548   9.677   -9.313  1.00 16.93 ? 90  ALA A O   1 
ATOM   707  C  CB  . ALA A 1 90  ? 5.115   11.468  -6.486  1.00 16.88 ? 90  ALA A CB  1 
ATOM   708  N  N   . GLN A 1 91  ? 7.429   10.560  -8.371  1.00 18.77 ? 91  GLN A N   1 
ATOM   709  C  CA  . GLN A 1 91  ? 8.120   10.678  -9.654  1.00 20.90 ? 91  GLN A CA  1 
ATOM   710  C  C   . GLN A 1 91  ? 8.307   9.357   -10.342 1.00 20.00 ? 91  GLN A C   1 
ATOM   711  O  O   . GLN A 1 91  ? 7.966   9.202   -11.528 1.00 20.78 ? 91  GLN A O   1 
ATOM   712  C  CB  . GLN A 1 91  ? 9.429   11.491  -9.551  1.00 21.60 ? 91  GLN A CB  1 
ATOM   713  C  CG  . GLN A 1 91  ? 9.093   12.888  -9.071  1.00 28.97 ? 91  GLN A CG  1 
ATOM   714  C  CD  . GLN A 1 91  ? 10.202  13.910  -9.349  1.00 37.87 ? 91  GLN A CD  1 
ATOM   715  O  OE1 . GLN A 1 91  ? 11.395  13.554  -9.496  1.00 42.58 ? 91  GLN A OE1 1 
ATOM   716  N  NE2 . GLN A 1 91  ? 9.813   15.190  -9.395  1.00 40.10 ? 91  GLN A NE2 1 
ATOM   717  N  N   . SER A 1 92  ? 8.686   8.333   -9.598  1.00 19.66 ? 92  SER A N   1 
ATOM   718  C  CA  . SER A 1 92  ? 8.736   7.038   -10.223 1.00 17.97 ? 92  SER A CA  1 
ATOM   719  C  C   . SER A 1 92  ? 7.361   6.450   -10.614 1.00 17.97 ? 92  SER A C   1 
ATOM   720  O  O   . SER A 1 92  ? 7.205   5.928   -11.717 1.00 17.71 ? 92  SER A O   1 
ATOM   721  C  CB  . SER A 1 92  ? 9.534   6.055   -9.359  1.00 19.56 ? 92  SER A CB  1 
ATOM   722  O  OG  . SER A 1 92  ? 8.751   5.669   -8.256  1.00 22.64 ? 92  SER A OG  1 
ATOM   723  N  N   . HIS A 1 93  ? 6.360   6.574   -9.751  1.00 14.64 ? 93  HIS A N   1 
ATOM   724  C  CA  . HIS A 1 93  ? 5.081   5.985   -10.037 1.00 13.67 ? 93  HIS A CA  1 
ATOM   725  C  C   . HIS A 1 93  ? 4.353   6.709   -11.175 1.00 11.57 ? 93  HIS A C   1 
ATOM   726  O  O   . HIS A 1 93  ? 3.767   6.034   -11.981 1.00 13.25 ? 93  HIS A O   1 
ATOM   727  C  CB  . HIS A 1 93  ? 4.236   5.840   -8.788  1.00 10.65 ? 93  HIS A CB  1 
ATOM   728  C  CG  . HIS A 1 93  ? 4.659   4.671   -7.956  1.00 11.81 ? 93  HIS A CG  1 
ATOM   729  N  ND1 . HIS A 1 93  ? 5.627   4.787   -6.972  1.00 14.70 ? 93  HIS A ND1 1 
ATOM   730  C  CD2 . HIS A 1 93  ? 4.328   3.371   -8.029  1.00 12.50 ? 93  HIS A CD2 1 
ATOM   731  C  CE1 . HIS A 1 93  ? 5.801   3.607   -6.412  1.00 13.08 ? 93  HIS A CE1 1 
ATOM   732  N  NE2 . HIS A 1 93  ? 5.063   2.718   -7.062  1.00 13.26 ? 93  HIS A NE2 1 
ATOM   733  N  N   . ALA A 1 94  ? 4.533   8.026   -11.295 1.00 14.29 ? 94  ALA A N   1 
ATOM   734  C  CA  . ALA A 1 94  ? 3.895   8.809   -12.360 1.00 15.18 ? 94  ALA A CA  1 
ATOM   735  C  C   . ALA A 1 94  ? 4.621   8.569   -13.691 1.00 16.28 ? 94  ALA A C   1 
ATOM   736  O  O   . ALA A 1 94  ? 3.987   8.294   -14.739 1.00 17.23 ? 94  ALA A O   1 
ATOM   737  C  CB  . ALA A 1 94  ? 3.983   10.276  -11.997 1.00 14.91 ? 94  ALA A CB  1 
ATOM   738  N  N   . THR A 1 95  ? 5.931   8.616   -13.644 1.00 16.90 ? 95  THR A N   1 
ATOM   739  C  CA  . THR A 1 95  ? 6.744   8.735   -14.875 1.00 19.28 ? 95  THR A CA  1 
ATOM   740  C  C   . THR A 1 95  ? 7.274   7.403   -15.350 1.00 19.85 ? 95  THR A C   1 
ATOM   741  O  O   . THR A 1 95  ? 7.114   7.061   -16.526 1.00 19.24 ? 95  THR A O   1 
ATOM   742  C  CB  . THR A 1 95  ? 7.877   9.680   -14.604 1.00 21.30 ? 95  THR A CB  1 
ATOM   743  O  OG1 . THR A 1 95  ? 7.290   10.966  -14.354 1.00 22.30 ? 95  THR A OG1 1 
ATOM   744  C  CG2 . THR A 1 95  ? 8.859   9.728   -15.748 1.00 23.18 ? 95  THR A CG2 1 
ATOM   745  N  N   . LYS A 1 96  ? 7.891   6.646   -14.444 1.00 19.25 ? 96  LYS A N   1 
ATOM   746  C  CA  . LYS A 1 96  ? 8.478   5.388   -14.855 1.00 21.10 ? 96  LYS A CA  1 
ATOM   747  C  C   . LYS A 1 96  ? 7.410   4.313   -14.974 1.00 21.49 ? 96  LYS A C   1 
ATOM   748  O  O   . LYS A 1 96  ? 7.409   3.551   -15.940 1.00 21.89 ? 96  LYS A O   1 
ATOM   749  C  CB  . LYS A 1 96  ? 9.594   4.986   -13.891 1.00 20.87 ? 96  LYS A CB  1 
ATOM   750  C  CG  . LYS A 1 96  ? 10.707  4.182   -14.527 1.00 26.66 ? 96  LYS A CG  1 
ATOM   751  C  CD  . LYS A 1 96  ? 12.014  4.213   -13.657 1.00 31.10 ? 96  LYS A CD  1 
ATOM   752  C  CE  . LYS A 1 96  ? 12.479  5.631   -13.223 1.00 34.74 ? 96  LYS A CE  1 
ATOM   753  N  NZ  . LYS A 1 96  ? 13.613  5.602   -12.209 1.00 35.14 ? 96  LYS A NZ  1 
ATOM   754  N  N   . HIS A 1 97  ? 6.484   4.241   -14.014 1.00 21.54 ? 97  HIS A N   1 
ATOM   755  C  CA  . HIS A 1 97  ? 5.525   3.110   -13.966 1.00 22.10 ? 97  HIS A CA  1 
ATOM   756  C  C   . HIS A 1 97  ? 4.106   3.410   -14.473 1.00 21.62 ? 97  HIS A C   1 
ATOM   757  O  O   . HIS A 1 97  ? 3.302   2.496   -14.628 1.00 22.25 ? 97  HIS A O   1 
ATOM   758  C  CB  . HIS A 1 97  ? 5.474   2.524   -12.557 1.00 21.63 ? 97  HIS A CB  1 
ATOM   759  C  CG  . HIS A 1 97  ? 6.831   2.393   -11.922 1.00 24.51 ? 97  HIS A CG  1 
ATOM   760  N  ND1 . HIS A 1 97  ? 7.842   1.660   -12.512 1.00 23.96 ? 97  HIS A ND1 1 
ATOM   761  C  CD2 . HIS A 1 97  ? 7.365   2.930   -10.794 1.00 24.08 ? 97  HIS A CD2 1 
ATOM   762  C  CE1 . HIS A 1 97  ? 8.925   1.719   -11.752 1.00 25.03 ? 97  HIS A CE1 1 
ATOM   763  N  NE2 . HIS A 1 97  ? 8.676   2.496   -10.713 1.00 26.52 ? 97  HIS A NE2 1 
ATOM   764  N  N   . LYS A 1 98  ? 3.818   4.695   -14.712 1.00 20.38 ? 98  LYS A N   1 
ATOM   765  C  CA  . LYS A 1 98  ? 2.520   5.181   -15.240 1.00 18.83 ? 98  LYS A CA  1 
ATOM   766  C  C   . LYS A 1 98  ? 1.310   4.679   -14.432 1.00 16.92 ? 98  LYS A C   1 
ATOM   767  O  O   . LYS A 1 98  ? 0.281   4.226   -14.970 1.00 18.05 ? 98  LYS A O   1 
ATOM   768  C  CB  . LYS A 1 98  ? 2.360   4.885   -16.739 1.00 21.22 ? 98  LYS A CB  1 
ATOM   769  C  CG  . LYS A 1 98  ? 3.567   5.310   -17.552 1.00 25.51 ? 98  LYS A CG  1 
ATOM   770  C  CD  . LYS A 1 98  ? 3.158   5.846   -18.949 1.00 32.54 ? 98  LYS A CD  1 
ATOM   771  C  CE  . LYS A 1 98  ? 4.382   6.170   -19.834 1.00 38.80 ? 98  LYS A CE  1 
ATOM   772  N  NZ  . LYS A 1 98  ? 5.357   7.130   -19.177 1.00 38.69 ? 98  LYS A NZ  1 
ATOM   773  N  N   . ILE A 1 99  ? 1.368   4.921   -13.135 1.00 13.92 ? 99  ILE A N   1 
ATOM   774  C  CA  . ILE A 1 99  ? 0.383   4.342   -12.223 1.00 11.99 ? 99  ILE A CA  1 
ATOM   775  C  C   . ILE A 1 99  ? -0.683  5.380   -11.860 1.00 10.87 ? 99  ILE A C   1 
ATOM   776  O  O   . ILE A 1 99  ? -0.392  6.344   -11.176 1.00 12.65 ? 99  ILE A O   1 
ATOM   777  C  CB  . ILE A 1 99  ? 1.045   3.874   -10.883 1.00 11.10 ? 99  ILE A CB  1 
ATOM   778  C  CG1 . ILE A 1 99  ? 2.184   2.855   -11.177 1.00 13.63 ? 99  ILE A CG1 1 
ATOM   779  C  CG2 . ILE A 1 99  ? -0.043  3.290   -9.891  1.00 11.46 ? 99  ILE A CG2 1 
ATOM   780  C  CD1 . ILE A 1 99  ? 1.719   1.695   -12.043 1.00 14.64 ? 99  ILE A CD1 1 
ATOM   781  N  N   . PRO A 1 100 ? -1.915  5.167   -12.300 1.00 10.88 ? 100 PRO A N   1 
ATOM   782  C  CA  . PRO A 1 100 ? -2.927  6.154   -11.917 1.00 10.79 ? 100 PRO A CA  1 
ATOM   783  C  C   . PRO A 1 100 ? -3.119  6.266   -10.399 1.00 10.49 ? 100 PRO A C   1 
ATOM   784  O  O   . PRO A 1 100 ? -3.006  5.291   -9.655  1.00 8.82  ? 100 PRO A O   1 
ATOM   785  C  CB  . PRO A 1 100 ? -4.234  5.648   -12.587 1.00 12.37 ? 100 PRO A CB  1 
ATOM   786  C  CG  . PRO A 1 100 ? -3.874  4.716   -13.541 1.00 10.96 ? 100 PRO A CG  1 
ATOM   787  C  CD  . PRO A 1 100 ? -2.489  4.104   -13.130 1.00 11.53 ? 100 PRO A CD  1 
ATOM   788  N  N   . ILE A 1 101 ? -3.481  7.464   -9.944  1.00 10.95 ? 101 ILE A N   1 
ATOM   789  C  CA  . ILE A 1 101 ? -3.871  7.636   -8.538  1.00 10.81 ? 101 ILE A CA  1 
ATOM   790  C  C   . ILE A 1 101 ? -4.913  6.615   -8.104  1.00 9.82  ? 101 ILE A C   1 
ATOM   791  O  O   . ILE A 1 101 ? -4.868  6.156   -6.972  1.00 7.98  ? 101 ILE A O   1 
ATOM   792  C  CB  . ILE A 1 101 ? -4.344  9.092   -8.242  1.00 11.27 ? 101 ILE A CB  1 
ATOM   793  C  CG1 . ILE A 1 101 ? -3.160  10.070  -8.356  1.00 15.16 ? 101 ILE A CG1 1 
ATOM   794  C  CG2 . ILE A 1 101 ? -4.859  9.181   -6.821  1.00 15.51 ? 101 ILE A CG2 1 
ATOM   795  C  CD1 . ILE A 1 101 ? -1.982  9.847   -7.423  1.00 15.12 ? 101 ILE A CD1 1 
ATOM   796  N  N   . LYS A 1 102 ? -5.854  6.243   -8.979  1.00 8.28  ? 102 LYS A N   1 
ATOM   797  C  CA  . LYS A 1 102 ? -6.907  5.338   -8.637  1.00 9.61  ? 102 LYS A CA  1 
ATOM   798  C  C   . LYS A 1 102 ? -6.256  3.993   -8.183  1.00 8.44  ? 102 LYS A C   1 
ATOM   799  O  O   . LYS A 1 102 ? -6.841  3.290   -7.390  1.00 8.75  ? 102 LYS A O   1 
ATOM   800  C  CB  . LYS A 1 102 ? -7.852  5.117   -9.833  1.00 9.04  ? 102 LYS A CB  1 
ATOM   801  C  CG  . LYS A 1 102 ? -9.012  4.242   -9.448  1.00 13.59 ? 102 LYS A CG  1 
ATOM   802  C  CD  . LYS A 1 102 ? -9.982  5.141   -8.733  1.00 13.96 ? 102 LYS A CD  1 
ATOM   803  C  CE  . LYS A 1 102 ? -11.372 4.490   -8.607  1.00 16.02 ? 102 LYS A CE  1 
ATOM   804  N  NZ  . LYS A 1 102 ? -11.992 5.334   -7.527  1.00 15.66 ? 102 LYS A NZ  1 
ATOM   805  N  N   . TYR A 1 103 ? -5.094  3.617   -8.740  1.00 8.01  ? 103 TYR A N   1 
ATOM   806  C  CA  . TYR A 1 103 ? -4.531  2.317   -8.349  1.00 8.21  ? 103 TYR A CA  1 
ATOM   807  C  C   . TYR A 1 103 ? -3.967  2.410   -6.935  1.00 8.98  ? 103 TYR A C   1 
ATOM   808  O  O   . TYR A 1 103 ? -4.012  1.426   -6.178  1.00 6.91  ? 103 TYR A O   1 
ATOM   809  C  CB  . TYR A 1 103 ? -3.399  1.856   -9.275  1.00 7.56  ? 103 TYR A CB  1 
ATOM   810  C  CG  . TYR A 1 103 ? -3.774  1.415   -10.705 1.00 8.27  ? 103 TYR A CG  1 
ATOM   811  C  CD1 . TYR A 1 103 ? -5.000  1.730   -11.280 1.00 8.09  ? 103 TYR A CD1 1 
ATOM   812  C  CD2 . TYR A 1 103 ? -2.838  0.774   -11.468 1.00 6.96  ? 103 TYR A CD2 1 
ATOM   813  C  CE1 . TYR A 1 103 ? -5.307  1.370   -12.597 1.00 9.89  ? 103 TYR A CE1 1 
ATOM   814  C  CE2 . TYR A 1 103 ? -3.113  0.393   -12.778 1.00 10.71 ? 103 TYR A CE2 1 
ATOM   815  C  CZ  . TYR A 1 103 ? -4.348  0.680   -13.322 1.00 11.25 ? 103 TYR A CZ  1 
ATOM   816  O  OH  . TYR A 1 103 ? -4.632  0.292   -14.625 1.00 13.75 ? 103 TYR A OH  1 
ATOM   817  N  N   . LEU A 1 104 ? -3.513  3.592   -6.553  1.00 8.98  ? 104 LEU A N   1 
ATOM   818  C  CA  . LEU A 1 104 ? -3.116  3.841   -5.137  1.00 9.42  ? 104 LEU A CA  1 
ATOM   819  C  C   . LEU A 1 104 ? -4.286  3.675   -4.211  1.00 8.78  ? 104 LEU A C   1 
ATOM   820  O  O   . LEU A 1 104 ? -4.161  3.138   -3.113  1.00 8.24  ? 104 LEU A O   1 
ATOM   821  C  CB  . LEU A 1 104 ? -2.520  5.244   -4.956  1.00 12.22 ? 104 LEU A CB  1 
ATOM   822  C  CG  . LEU A 1 104 ? -1.026  5.307   -5.297  1.00 18.10 ? 104 LEU A CG  1 
ATOM   823  C  CD1 . LEU A 1 104 ? -0.706  4.993   -6.715  1.00 21.18 ? 104 LEU A CD1 1 
ATOM   824  C  CD2 . LEU A 1 104 ? -0.396  6.699   -4.911  1.00 18.02 ? 104 LEU A CD2 1 
ATOM   825  N  N   . GLU A 1 105 ? -5.443  4.177   -4.632  1.00 8.85  ? 105 GLU A N   1 
ATOM   826  C  CA  . GLU A 1 105 ? -6.643  3.915   -3.895  1.00 7.17  ? 105 GLU A CA  1 
ATOM   827  C  C   . GLU A 1 105 ? -6.927  2.434   -3.768  1.00 6.82  ? 105 GLU A C   1 
ATOM   828  O  O   . GLU A 1 105 ? -7.241  1.932   -2.698  1.00 7.46  ? 105 GLU A O   1 
ATOM   829  C  CB  . GLU A 1 105 ? -7.846  4.691   -4.503  1.00 8.26  ? 105 GLU A CB  1 
ATOM   830  C  CG  . GLU A 1 105 ? -9.093  4.467   -3.666  1.00 8.83  ? 105 GLU A CG  1 
ATOM   831  C  CD  . GLU A 1 105 ? -10.360 5.048   -4.340  1.00 12.09 ? 105 GLU A CD  1 
ATOM   832  O  OE1 . GLU A 1 105 ? -10.296 5.544   -5.486  1.00 12.00 ? 105 GLU A OE1 1 
ATOM   833  O  OE2 . GLU A 1 105 ? -11.447 4.975   -3.727  1.00 14.06 ? 105 GLU A OE2 1 
ATOM   834  N  N   . PHE A 1 106 ? -6.850  1.724   -4.884  1.00 7.50  ? 106 PHE A N   1 
ATOM   835  C  CA  . PHE A 1 106 ? -7.079  0.244   -4.831  1.00 7.04  ? 106 PHE A CA  1 
ATOM   836  C  C   . PHE A 1 106 ? -6.130  -0.474  -3.864  1.00 7.66  ? 106 PHE A C   1 
ATOM   837  O  O   . PHE A 1 106 ? -6.590  -1.342  -3.124  1.00 8.14  ? 106 PHE A O   1 
ATOM   838  C  CB  . PHE A 1 106 ? -6.940  -0.445  -6.212  1.00 8.23  ? 106 PHE A CB  1 
ATOM   839  C  CG  . PHE A 1 106 ? -7.935  0.016   -7.279  1.00 8.63  ? 106 PHE A CG  1 
ATOM   840  C  CD1 . PHE A 1 106 ? -9.192  0.501   -6.917  1.00 8.92  ? 106 PHE A CD1 1 
ATOM   841  C  CD2 . PHE A 1 106 ? -7.588  -0.067  -8.628  1.00 7.54  ? 106 PHE A CD2 1 
ATOM   842  C  CE1 . PHE A 1 106 ? -10.082 0.921   -7.945  1.00 12.49 ? 106 PHE A CE1 1 
ATOM   843  C  CE2 . PHE A 1 106 ? -8.466  0.373   -9.635  1.00 9.81  ? 106 PHE A CE2 1 
ATOM   844  C  CZ  . PHE A 1 106 ? -9.717  0.830   -9.261  1.00 12.70 ? 106 PHE A CZ  1 
ATOM   845  N  N   . ILE A 1 107 ? -4.843  -0.128  -3.867  1.00 8.62  ? 107 ILE A N   1 
ATOM   846  C  CA  . ILE A 1 107 ? -3.950  -0.864  -2.948  1.00 7.26  ? 107 ILE A CA  1 
ATOM   847  C  C   . ILE A 1 107 ? -4.212  -0.457  -1.492  1.00 7.86  ? 107 ILE A C   1 
ATOM   848  O  O   . ILE A 1 107 ? -4.037  -1.270  -0.572  1.00 7.72  ? 107 ILE A O   1 
ATOM   849  C  CB  . ILE A 1 107 ? -2.485  -0.748  -3.358  1.00 8.90  ? 107 ILE A CB  1 
ATOM   850  C  CG1 . ILE A 1 107 ? -1.703  -1.894  -2.640  1.00 7.12  ? 107 ILE A CG1 1 
ATOM   851  C  CG2 . ILE A 1 107 ? -1.840  0.620   -2.983  1.00 6.97  ? 107 ILE A CG2 1 
ATOM   852  C  CD1 . ILE A 1 107 ? -0.290  -1.977  -3.151  1.00 7.96  ? 107 ILE A CD1 1 
ATOM   853  N  N   . SER A 1 108 ? -4.688  0.766   -1.302  1.00 8.66  ? 108 SER A N   1 
ATOM   854  C  CA  . SER A 1 108 ? -4.975  1.210   0.092   1.00 8.77  ? 108 SER A CA  1 
ATOM   855  C  C   . SER A 1 108 ? -6.139  0.391   0.588   1.00 8.82  ? 108 SER A C   1 
ATOM   856  O  O   . SER A 1 108 ? -6.170  -0.106  1.706   1.00 8.96  ? 108 SER A O   1 
ATOM   857  C  CB  . SER A 1 108 ? -5.310  2.697   0.069   1.00 9.38  ? 108 SER A CB  1 
ATOM   858  O  OG  . SER A 1 108 ? -4.091  3.405   -0.221  1.00 15.28 ? 108 SER A OG  1 
ATOM   859  N  N   . ASP A 1 109 ? -7.124  0.195   -0.318  1.00 8.89  ? 109 ASP A N   1 
ATOM   860  C  CA  . ASP A 1 109 ? -8.302  -0.592  0.062   1.00 10.86 ? 109 ASP A CA  1 
ATOM   861  C  C   . ASP A 1 109 ? -7.912  -2.075  0.344   1.00 8.60  ? 109 ASP A C   1 
ATOM   862  O  O   . ASP A 1 109 ? -8.398  -2.692  1.297   1.00 9.26  ? 109 ASP A O   1 
ATOM   863  C  CB  . ASP A 1 109 ? -9.434  -0.444  -0.963  1.00 10.89 ? 109 ASP A CB  1 
ATOM   864  C  CG  . ASP A 1 109 ? -10.143 0.931   -0.849  1.00 14.58 ? 109 ASP A CG  1 
ATOM   865  O  OD1 . ASP A 1 109 ? -10.108 1.608   0.190   1.00 27.09 ? 109 ASP A OD1 1 
ATOM   866  O  OD2 . ASP A 1 109 ? -10.732 1.344   -1.824  1.00 27.44 ? 109 ASP A OD2 1 
ATOM   867  N  N   . ALA A 1 110 ? -6.952  -2.600  -0.424  1.00 9.33  ? 110 ALA A N   1 
ATOM   868  C  CA  . ALA A 1 110 ? -6.451  -3.988  -0.267  1.00 7.68  ? 110 ALA A CA  1 
ATOM   869  C  C   . ALA A 1 110 ? -5.765  -4.088  1.126   1.00 8.82  ? 110 ALA A C   1 
ATOM   870  O  O   . ALA A 1 110 ? -5.908  -5.079  1.805   1.00 9.99  ? 110 ALA A O   1 
ATOM   871  C  CB  . ALA A 1 110 ? -5.455  -4.354  -1.362  1.00 7.77  ? 110 ALA A CB  1 
ATOM   872  N  N   . ILE A 1 111 ? -4.969  -3.088  1.486   1.00 7.39  ? 111 ILE A N   1 
ATOM   873  C  CA  . ILE A 1 111 ? -4.277  -3.054  2.808   1.00 6.82  ? 111 ILE A CA  1 
ATOM   874  C  C   . ILE A 1 111 ? -5.304  -3.107  3.933   1.00 8.91  ? 111 ILE A C   1 
ATOM   875  O  O   . ILE A 1 111 ? -5.138  -3.871  4.881   1.00 9.75  ? 111 ILE A O   1 
ATOM   876  C  CB  . ILE A 1 111 ? -3.360  -1.845  2.899   1.00 5.28  ? 111 ILE A CB  1 
ATOM   877  C  CG1 . ILE A 1 111 ? -2.185  -2.064  1.934   1.00 8.22  ? 111 ILE A CG1 1 
ATOM   878  C  CG2 . ILE A 1 111 ? -2.787  -1.682  4.361   1.00 5.06  ? 111 ILE A CG2 1 
ATOM   879  C  CD1 . ILE A 1 111 ? -1.424  -0.783  1.523   1.00 9.07  ? 111 ILE A CD1 1 
ATOM   880  N  N   . ILE A 1 112 ? -6.308  -2.224  3.877   1.00 9.62  ? 112 ILE A N   1 
ATOM   881  C  CA  . ILE A 1 112 ? -7.352  -2.183  4.904   1.00 10.74 ? 112 ILE A CA  1 
ATOM   882  C  C   . ILE A 1 112 ? -8.040  -3.517  5.009   1.00 10.38 ? 112 ILE A C   1 
ATOM   883  O  O   . ILE A 1 112 ? -8.182  -4.044  6.100   1.00 11.03 ? 112 ILE A O   1 
ATOM   884  C  CB  . ILE A 1 112 ? -8.342  -1.052  4.553   1.00 12.27 ? 112 ILE A CB  1 
ATOM   885  C  CG1 . ILE A 1 112 ? -7.639  0.304   4.613   1.00 15.64 ? 112 ILE A CG1 1 
ATOM   886  C  CG2 . ILE A 1 112 ? -9.631  -1.149  5.380   1.00 14.75 ? 112 ILE A CG2 1 
ATOM   887  C  CD1 . ILE A 1 112 ? -7.321  0.826   5.994   1.00 19.45 ? 112 ILE A CD1 1 
ATOM   888  N  N   . HIS A 1 113 ? -8.305  -4.169  3.865   1.00 10.30 ? 113 HIS A N   1 
ATOM   889  C  CA  . HIS A 1 113 ? -8.989  -5.452  3.885   1.00 12.96 ? 113 HIS A CA  1 
ATOM   890  C  C   . HIS A 1 113 ? -8.143  -6.511  4.569   1.00 13.06 ? 113 HIS A C   1 
ATOM   891  O  O   . HIS A 1 113 ? -8.617  -7.254  5.421   1.00 14.64 ? 113 HIS A O   1 
ATOM   892  C  CB  . HIS A 1 113 ? -9.263  -5.923  2.460   1.00 13.06 ? 113 HIS A CB  1 
ATOM   893  C  CG  . HIS A 1 113 ? -9.943  -7.251  2.441   1.00 19.61 ? 113 HIS A CG  1 
ATOM   894  N  ND1 . HIS A 1 113 ? -11.314 -7.354  2.464   1.00 22.50 ? 113 HIS A ND1 1 
ATOM   895  C  CD2 . HIS A 1 113 ? -9.453  -8.507  2.552   1.00 21.97 ? 113 HIS A CD2 1 
ATOM   896  C  CE1 . HIS A 1 113 ? -11.646 -8.638  2.528   1.00 24.74 ? 113 HIS A CE1 1 
ATOM   897  N  NE2 . HIS A 1 113 ? -10.539 -9.354  2.616   1.00 24.24 ? 113 HIS A NE2 1 
ATOM   898  N  N   . VAL A 1 114 ? -6.880  -6.586  4.169   1.00 12.26 ? 114 VAL A N   1 
ATOM   899  C  CA  . VAL A 1 114 ? -5.974  -7.587  4.700   1.00 12.22 ? 114 VAL A CA  1 
ATOM   900  C  C   . VAL A 1 114 ? -5.725  -7.375  6.213   1.00 11.67 ? 114 VAL A C   1 
ATOM   901  O  O   . VAL A 1 114 ? -5.722  -8.343  6.981   1.00 11.81 ? 114 VAL A O   1 
ATOM   902  C  CB  . VAL A 1 114 ? -4.649  -7.621  3.917   1.00 13.04 ? 114 VAL A CB  1 
ATOM   903  C  CG1 . VAL A 1 114 ? -3.580  -8.487  4.630   1.00 12.78 ? 114 VAL A CG1 1 
ATOM   904  C  CG2 . VAL A 1 114 ? -4.909  -8.182  2.531   1.00 13.49 ? 114 VAL A CG2 1 
ATOM   905  N  N   . LEU A 1 115 ? -5.554  -6.116  6.641   1.00 11.73 ? 115 LEU A N   1 
ATOM   906  C  CA  . LEU A 1 115 ? -5.224  -5.839  8.049   1.00 12.21 ? 115 LEU A CA  1 
ATOM   907  C  C   . LEU A 1 115 ? -6.475  -6.214  8.874   1.00 12.64 ? 115 LEU A C   1 
ATOM   908  O  O   . LEU A 1 115 ? -6.353  -6.730  10.009  1.00 13.24 ? 115 LEU A O   1 
ATOM   909  C  CB  . LEU A 1 115 ? -4.857  -4.346  8.236   1.00 13.29 ? 115 LEU A CB  1 
ATOM   910  C  CG  . LEU A 1 115 ? -3.318  -4.125  8.264   1.00 13.44 ? 115 LEU A CG  1 
ATOM   911  C  CD1 . LEU A 1 115 ? -2.590  -4.747  7.079   1.00 20.60 ? 115 LEU A CD1 1 
ATOM   912  C  CD2 . LEU A 1 115 ? -3.182  -2.616  8.183   1.00 11.72 ? 115 LEU A CD2 1 
ATOM   913  N  N   . HIS A 1 116 ? -7.654  -5.982  8.326   1.00 12.66 ? 116 HIS A N   1 
ATOM   914  C  CA  . HIS A 1 116 ? -8.870  -6.323  9.055   1.00 13.74 ? 116 HIS A CA  1 
ATOM   915  C  C   . HIS A 1 116 ? -9.067  -7.832  9.148   1.00 16.65 ? 116 HIS A C   1 
ATOM   916  O  O   . HIS A 1 116 ? -9.443  -8.359  10.230  1.00 17.22 ? 116 HIS A O   1 
ATOM   917  C  CB  . HIS A 1 116 ? -10.107 -5.640  8.459   1.00 13.12 ? 116 HIS A CB  1 
ATOM   918  C  CG  . HIS A 1 116 ? -11.384 -6.007  9.157   1.00 15.28 ? 116 HIS A CG  1 
ATOM   919  N  ND1 . HIS A 1 116 ? -12.274 -6.940  8.656   1.00 17.25 ? 116 HIS A ND1 1 
ATOM   920  C  CD2 . HIS A 1 116 ? -11.902 -5.592  10.346  1.00 15.55 ? 116 HIS A CD2 1 
ATOM   921  C  CE1 . HIS A 1 116 ? -13.278 -7.093  9.506   1.00 18.05 ? 116 HIS A CE1 1 
ATOM   922  N  NE2 . HIS A 1 116 ? -13.093 -6.261  10.521  1.00 17.36 ? 116 HIS A NE2 1 
ATOM   923  N  N   . SER A 1 117 ? -8.736  -8.514  8.066   1.00 17.08 ? 117 SER A N   1 
ATOM   924  C  CA  . SER A 1 117 ? -8.802  -9.944  7.978   1.00 19.31 ? 117 SER A CA  1 
ATOM   925  C  C   . SER A 1 117 ? -7.866  -10.614 8.998   1.00 18.93 ? 117 SER A C   1 
ATOM   926  O  O   . SER A 1 117 ? -8.264  -11.611 9.605   1.00 20.87 ? 117 SER A O   1 
ATOM   927  C  CB  . SER A 1 117 ? -8.489  -10.357 6.541   1.00 18.53 ? 117 SER A CB  1 
ATOM   928  O  OG  . SER A 1 117 ? -8.662  -11.747 6.360   1.00 27.66 ? 117 SER A OG  1 
ATOM   929  N  N   . LYS A 1 118 ? -6.666  -10.071 9.239   1.00 18.69 ? 118 LYS A N   1 
ATOM   930  C  CA  . LYS A 1 118 ? -5.654  -10.695 10.080  1.00 18.71 ? 118 LYS A CA  1 
ATOM   931  C  C   . LYS A 1 118 ? -5.556  -10.181 11.517  1.00 19.94 ? 118 LYS A C   1 
ATOM   932  O  O   . LYS A 1 118 ? -5.006  -10.862 12.399  1.00 19.33 ? 118 LYS A O   1 
ATOM   933  C  CB  . LYS A 1 118 ? -4.282  -10.543 9.422   1.00 19.51 ? 118 LYS A CB  1 
ATOM   934  C  CG  . LYS A 1 118 ? -4.247  -11.247 8.060   1.00 19.33 ? 118 LYS A CG  1 
ATOM   935  C  CD  . LYS A 1 118 ? -2.956  -10.894 7.310   1.00 20.63 ? 118 LYS A CD  1 
ATOM   936  C  CE  . LYS A 1 118 ? -1.795  -11.810 7.590   1.00 26.07 ? 118 LYS A CE  1 
ATOM   937  N  NZ  . LYS A 1 118 ? -2.152  -13.144 7.008   1.00 26.55 ? 118 LYS A NZ  1 
ATOM   938  N  N   . HIS A 1 119 ? -6.071  -8.992  11.762  1.00 19.98 ? 119 HIS A N   1 
ATOM   939  C  CA  . HIS A 1 119 ? -5.883  -8.356  13.064  1.00 19.92 ? 119 HIS A CA  1 
ATOM   940  C  C   . HIS A 1 119 ? -7.133  -7.687  13.536  1.00 22.40 ? 119 HIS A C   1 
ATOM   941  O  O   . HIS A 1 119 ? -7.035  -6.511  13.953  1.00 20.23 ? 119 HIS A O   1 
ATOM   942  C  CB  . HIS A 1 119 ? -4.790  -7.298  12.989  1.00 19.75 ? 119 HIS A CB  1 
ATOM   943  C  CG  . HIS A 1 119 ? -3.549  -7.794  12.356  1.00 20.68 ? 119 HIS A CG  1 
ATOM   944  N  ND1 . HIS A 1 119 ? -2.683  -8.666  12.986  1.00 18.36 ? 119 HIS A ND1 1 
ATOM   945  C  CD2 . HIS A 1 119 ? -3.066  -7.603  11.103  1.00 18.33 ? 119 HIS A CD2 1 
ATOM   946  C  CE1 . HIS A 1 119 ? -1.696  -8.952  12.150  1.00 23.54 ? 119 HIS A CE1 1 
ATOM   947  N  NE2 . HIS A 1 119 ? -1.912  -8.321  11.005  1.00 18.20 ? 119 HIS A NE2 1 
ATOM   948  N  N   . PRO A 1 120 ? -8.295  -8.391  13.478  1.00 23.90 ? 120 PRO A N   1 
ATOM   949  C  CA  . PRO A 1 120 ? -9.502  -7.653  13.858  1.00 24.55 ? 120 PRO A CA  1 
ATOM   950  C  C   . PRO A 1 120 ? -9.415  -6.993  15.250  1.00 24.31 ? 120 PRO A C   1 
ATOM   951  O  O   . PRO A 1 120 ? -9.921  -5.886  15.390  1.00 24.53 ? 120 PRO A O   1 
ATOM   952  C  CB  . PRO A 1 120 ? -10.664 -8.674  13.715  1.00 25.46 ? 120 PRO A CB  1 
ATOM   953  C  CG  . PRO A 1 120 ? -10.062 -10.004 13.765  1.00 24.86 ? 120 PRO A CG  1 
ATOM   954  C  CD  . PRO A 1 120 ? -8.576  -9.828  13.229  1.00 24.45 ? 120 PRO A CD  1 
ATOM   955  N  N   . GLY A 1 121 ? -8.698  -7.588  16.219  1.00 23.11 ? 121 GLY A N   1 
ATOM   956  C  CA  . GLY A 1 121 ? -8.613  -7.029  17.582  1.00 22.68 ? 121 GLY A CA  1 
ATOM   957  C  C   . GLY A 1 121 ? -7.795  -5.751  17.733  1.00 21.77 ? 121 GLY A C   1 
ATOM   958  O  O   . GLY A 1 121 ? -7.886  -5.037  18.770  1.00 22.71 ? 121 GLY A O   1 
ATOM   959  N  N   . ASP A 1 122 ? -6.949  -5.460  16.758  1.00 19.90 ? 122 ASP A N   1 
ATOM   960  C  CA  . ASP A 1 122 ? -6.183  -4.203  16.744  1.00 19.98 ? 122 ASP A CA  1 
ATOM   961  C  C   . ASP A 1 122 ? -6.614  -3.386  15.546  1.00 17.06 ? 122 ASP A C   1 
ATOM   962  O  O   . ASP A 1 122 ? -5.923  -2.432  15.161  1.00 19.93 ? 122 ASP A O   1 
ATOM   963  C  CB  . ASP A 1 122 ? -4.645  -4.428  16.719  1.00 20.50 ? 122 ASP A CB  1 
ATOM   964  C  CG  . ASP A 1 122 ? -4.122  -4.998  18.022  1.00 24.35 ? 122 ASP A CG  1 
ATOM   965  O  OD1 . ASP A 1 122 ? -4.006  -6.253  18.070  1.00 27.94 ? 122 ASP A OD1 1 
ATOM   966  O  OD2 . ASP A 1 122 ? -3.851  -4.197  18.985  1.00 24.54 ? 122 ASP A OD2 1 
ATOM   967  N  N   . PHE A 1 123 ? -7.739  -3.786  14.937  1.00 16.02 ? 123 PHE A N   1 
ATOM   968  C  CA  . PHE A 1 123 ? -8.157  -3.077  13.725  1.00 13.65 ? 123 PHE A CA  1 
ATOM   969  C  C   . PHE A 1 123 ? -9.661  -2.952  13.686  1.00 13.06 ? 123 PHE A C   1 
ATOM   970  O  O   . PHE A 1 123 ? -10.330 -3.279  12.692  1.00 13.52 ? 123 PHE A O   1 
ATOM   971  C  CB  . PHE A 1 123 ? -7.572  -3.754  12.472  1.00 13.39 ? 123 PHE A CB  1 
ATOM   972  C  CG  . PHE A 1 123 ? -7.409  -2.851  11.353  1.00 11.13 ? 123 PHE A CG  1 
ATOM   973  C  CD1 . PHE A 1 123 ? -6.553  -1.751  11.482  1.00 13.18 ? 123 PHE A CD1 1 
ATOM   974  C  CD2 . PHE A 1 123 ? -8.100  -3.049  10.147  1.00 11.04 ? 123 PHE A CD2 1 
ATOM   975  C  CE1 . PHE A 1 123 ? -6.345  -0.866  10.398  1.00 13.67 ? 123 PHE A CE1 1 
ATOM   976  C  CE2 . PHE A 1 123 ? -7.906  -2.135  9.046   1.00 11.01 ? 123 PHE A CE2 1 
ATOM   977  C  CZ  . PHE A 1 123 ? -7.013  -1.082  9.151   1.00 10.81 ? 123 PHE A CZ  1 
ATOM   978  N  N   . GLY A 1 124 ? -10.190 -2.489  14.811  1.00 13.89 ? 124 GLY A N   1 
ATOM   979  C  CA  . GLY A 1 124 ? -11.614 -2.161  14.906  1.00 12.67 ? 124 GLY A CA  1 
ATOM   980  C  C   . GLY A 1 124 ? -11.881 -0.935  14.071  1.00 14.23 ? 124 GLY A C   1 
ATOM   981  O  O   . GLY A 1 124 ? -10.956 -0.344  13.518  1.00 12.42 ? 124 GLY A O   1 
ATOM   982  N  N   . ALA A 1 125 ? -13.134 -0.502  14.027  1.00 13.41 ? 125 ALA A N   1 
ATOM   983  C  CA  . ALA A 1 125 ? -13.538 0.573   13.129  1.00 12.36 ? 125 ALA A CA  1 
ATOM   984  C  C   . ALA A 1 125 ? -12.761 1.895   13.293  1.00 11.50 ? 125 ALA A C   1 
ATOM   985  O  O   . ALA A 1 125 ? -12.516 2.592   12.335  1.00 10.92 ? 125 ALA A O   1 
ATOM   986  C  CB  . ALA A 1 125 ? -15.017 0.852   13.355  1.00 12.30 ? 125 ALA A CB  1 
ATOM   987  N  N   . ASP A 1 126 ? -12.463 2.264   14.515  1.00 12.37 ? 126 ASP A N   1 
ATOM   988  C  CA  . ASP A 1 126 ? -11.763 3.509   14.727  1.00 13.53 ? 126 ASP A CA  1 
ATOM   989  C  C   . ASP A 1 126 ? -10.325 3.436   14.140  1.00 11.53 ? 126 ASP A C   1 
ATOM   990  O  O   . ASP A 1 126 ? -9.846  4.386   13.491  1.00 12.16 ? 126 ASP A O   1 
ATOM   991  C  CB  . ASP A 1 126 ? -11.775 3.816   16.223  1.00 15.36 ? 126 ASP A CB  1 
ATOM   992  C  CG  . ASP A 1 126 ? -11.183 2.661   17.117  1.00 17.94 ? 126 ASP A CG  1 
ATOM   993  O  OD1 . ASP A 1 126 ? -10.959 1.471   16.695  1.00 22.93 ? 126 ASP A OD1 1 
ATOM   994  O  OD2 . ASP A 1 126 ? -10.938 2.982   18.307  1.00 26.83 ? 126 ASP A OD2 1 
ATOM   995  N  N   . ALA A 1 127 ? -9.619  2.359   14.468  1.00 11.25 ? 127 ALA A N   1 
ATOM   996  C  CA  . ALA A 1 127 ? -8.272  2.105   13.950  1.00 10.64 ? 127 ALA A CA  1 
ATOM   997  C  C   . ALA A 1 127 ? -8.316  1.939   12.436  1.00 10.69 ? 127 ALA A C   1 
ATOM   998  O  O   . ALA A 1 127 ? -7.423  2.434   11.761  1.00 10.37 ? 127 ALA A O   1 
ATOM   999  C  CB  . ALA A 1 127 ? -7.704  0.822   14.634  1.00 11.03 ? 127 ALA A CB  1 
ATOM   1000 N  N   . GLN A 1 128 ? -9.381  1.310   11.900  1.00 9.00  ? 128 GLN A N   1 
ATOM   1001 C  CA  . GLN A 1 128 ? -9.524  1.288   10.443  1.00 8.17  ? 128 GLN A CA  1 
ATOM   1002 C  C   . GLN A 1 128 ? -9.666  2.696   9.871   1.00 8.93  ? 128 GLN A C   1 
ATOM   1003 O  O   . GLN A 1 128 ? -9.024  3.022   8.869   1.00 8.04  ? 128 GLN A O   1 
ATOM   1004 C  CB  . GLN A 1 128 ? -10.686 0.388   10.037  1.00 11.54 ? 128 GLN A CB  1 
ATOM   1005 C  CG  . GLN A 1 128 ? -10.729 0.262   8.553   1.00 16.32 ? 128 GLN A CG  1 
ATOM   1006 C  CD  . GLN A 1 128 ? -11.806 -0.694  8.141   1.00 20.75 ? 128 GLN A CD  1 
ATOM   1007 O  OE1 . GLN A 1 128 ? -11.917 -1.791  8.721   1.00 17.73 ? 128 GLN A OE1 1 
ATOM   1008 N  NE2 . GLN A 1 128 ? -12.646 -0.275  7.155   1.00 21.44 ? 128 GLN A NE2 1 
ATOM   1009 N  N   . GLY A 1 129 ? -10.458 3.545   10.527  1.00 6.98  ? 129 GLY A N   1 
ATOM   1010 C  CA  . GLY A 1 129 ? -10.598 4.925   10.088  1.00 8.01  ? 129 GLY A CA  1 
ATOM   1011 C  C   . GLY A 1 129 ? -9.252  5.635   10.070  1.00 8.14  ? 129 GLY A C   1 
ATOM   1012 O  O   . GLY A 1 129 ? -8.936  6.404   9.164   1.00 8.67  ? 129 GLY A O   1 
ATOM   1013 N  N   . ALA A 1 130 ? -8.464  5.402   11.121  1.00 8.31  ? 130 ALA A N   1 
ATOM   1014 C  CA  . ALA A 1 130 ? -7.213  6.112   11.234  1.00 7.87  ? 130 ALA A CA  1 
ATOM   1015 C  C   . ALA A 1 130 ? -6.261  5.615   10.137  1.00 8.03  ? 130 ALA A C   1 
ATOM   1016 O  O   . ALA A 1 130 ? -5.557  6.452   9.553   1.00 8.23  ? 130 ALA A O   1 
ATOM   1017 C  CB  . ALA A 1 130 ? -6.596  5.878   12.646  1.00 9.18  ? 130 ALA A CB  1 
ATOM   1018 N  N   . MET A 1 131 ? -6.227  4.290   9.887   1.00 7.33  ? 131 MET A N   1 
ATOM   1019 C  CA  . MET A 1 131 ? -5.339  3.813   8.794   1.00 8.01  ? 131 MET A CA  1 
ATOM   1020 C  C   . MET A 1 131 ? -5.806  4.346   7.429   1.00 7.14  ? 131 MET A C   1 
ATOM   1021 O  O   . MET A 1 131 ? -4.993  4.712   6.583   1.00 8.40  ? 131 MET A O   1 
ATOM   1022 C  CB  . MET A 1 131 ? -5.280  2.271   8.792   1.00 9.51  ? 131 MET A CB  1 
ATOM   1023 C  CG  . MET A 1 131 ? -4.435  1.651   7.732   1.00 9.12  ? 131 MET A CG  1 
ATOM   1024 S  SD  . MET A 1 131 ? -2.672  2.138   7.858   1.00 10.38 ? 131 MET A SD  1 
ATOM   1025 C  CE  . MET A 1 131 ? -2.152  1.136   9.214   1.00 10.56 ? 131 MET A CE  1 
ATOM   1026 N  N   . THR A 1 132 ? -7.145  4.427   7.228   1.00 8.48  ? 132 THR A N   1 
ATOM   1027 C  CA  . THR A 1 132 ? -7.661  4.918   5.955   1.00 9.43  ? 132 THR A CA  1 
ATOM   1028 C  C   . THR A 1 132 ? -7.217  6.362   5.796   1.00 9.61  ? 132 THR A C   1 
ATOM   1029 O  O   . THR A 1 132 ? -6.736  6.732   4.705   1.00 9.72  ? 132 THR A O   1 
ATOM   1030 C  CB  . THR A 1 132 ? -9.174  4.833   5.915   1.00 10.32 ? 132 THR A CB  1 
ATOM   1031 O  OG1 . THR A 1 132 ? -9.594  3.446   6.022   1.00 12.24 ? 132 THR A OG1 1 
ATOM   1032 C  CG2 . THR A 1 132 ? -9.705  5.388   4.585   1.00 14.68 ? 132 THR A CG2 1 
ATOM   1033 N  N   . LYS A 1 133 ? -7.250  7.147   6.881   1.00 8.89  ? 133 LYS A N   1 
ATOM   1034 C  CA  . LYS A 1 133 ? -6.794  8.582   6.812   1.00 9.63  ? 133 LYS A CA  1 
ATOM   1035 C  C   . LYS A 1 133 ? -5.306  8.658   6.485   1.00 8.28  ? 133 LYS A C   1 
ATOM   1036 O  O   . LYS A 1 133 ? -4.867  9.521   5.713   1.00 8.90  ? 133 LYS A O   1 
ATOM   1037 C  CB  . LYS A 1 133 ? -7.002  9.328   8.166   1.00 10.95 ? 133 LYS A CB  1 
ATOM   1038 C  CG  . LYS A 1 133 ? -8.408  9.735   8.468   1.00 16.34 ? 133 LYS A CG  1 
ATOM   1039 C  CD  . LYS A 1 133 ? -8.377  10.535  9.818   1.00 21.82 ? 133 LYS A CD  1 
ATOM   1040 C  CE  . LYS A 1 133 ? -9.790  10.824  10.317  1.00 26.39 ? 133 LYS A CE  1 
ATOM   1041 N  NZ  . LYS A 1 133 ? -9.784  11.994  11.269  1.00 30.40 ? 133 LYS A NZ  1 
ATOM   1042 N  N   . ALA A 1 134 ? -4.483  7.800   7.120   1.00 8.23  ? 134 ALA A N   1 
ATOM   1043 C  CA  . ALA A 1 134 ? -3.044  7.851   6.884   1.00 7.32  ? 134 ALA A CA  1 
ATOM   1044 C  C   . ALA A 1 134 ? -2.731  7.534   5.409   1.00 6.72  ? 134 ALA A C   1 
ATOM   1045 O  O   . ALA A 1 134 ? -1.887  8.194   4.833   1.00 9.58  ? 134 ALA A O   1 
ATOM   1046 C  CB  . ALA A 1 134 ? -2.376  6.871   7.820   1.00 7.08  ? 134 ALA A CB  1 
ATOM   1047 N  N   . LEU A 1 135 ? -3.392  6.527   4.854   1.00 6.65  ? 135 LEU A N   1 
ATOM   1048 C  CA  . LEU A 1 135 ? -3.207  6.182   3.465   1.00 6.62  ? 135 LEU A CA  1 
ATOM   1049 C  C   . LEU A 1 135 ? -3.773  7.252   2.542   1.00 6.29  ? 135 LEU A C   1 
ATOM   1050 O  O   . LEU A 1 135 ? -3.115  7.570   1.528   1.00 9.97  ? 135 LEU A O   1 
ATOM   1051 C  CB  . LEU A 1 135 ? -3.864  4.815   3.213   1.00 7.48  ? 135 LEU A CB  1 
ATOM   1052 C  CG  . LEU A 1 135 ? -3.235  3.622   4.020   1.00 8.26  ? 135 LEU A CG  1 
ATOM   1053 C  CD1 . LEU A 1 135 ? -3.936  2.283   3.794   1.00 10.96 ? 135 LEU A CD1 1 
ATOM   1054 C  CD2 . LEU A 1 135 ? -1.684  3.520   3.835   1.00 12.31 ? 135 LEU A CD2 1 
ATOM   1055 N  N   . GLU A 1 136 ? -4.894  7.834   2.931   1.00 7.47  ? 136 GLU A N   1 
ATOM   1056 C  CA  . GLU A 1 136 ? -5.428  9.008   2.158   1.00 9.08  ? 136 GLU A CA  1 
ATOM   1057 C  C   . GLU A 1 136 ? -4.450  10.172  2.141   1.00 9.53  ? 136 GLU A C   1 
ATOM   1058 O  O   . GLU A 1 136 ? -4.279  10.837  1.084   1.00 9.69  ? 136 GLU A O   1 
ATOM   1059 C  CB  . GLU A 1 136 ? -6.777  9.427   2.638   1.00 10.24 ? 136 GLU A CB  1 
ATOM   1060 C  CG  . GLU A 1 136 ? -7.814  8.413   2.165   1.00 15.31 ? 136 GLU A CG  1 
ATOM   1061 C  CD  . GLU A 1 136 ? -9.179  8.663   2.701   1.00 18.14 ? 136 GLU A CD  1 
ATOM   1062 O  OE1 . GLU A 1 136 ? -9.359  9.536   3.582   1.00 22.32 ? 136 GLU A OE1 1 
ATOM   1063 O  OE2 . GLU A 1 136 ? -10.103 7.898   2.298   1.00 25.31 ? 136 GLU A OE2 1 
ATOM   1064 N  N   . LEU A 1 137 ? -3.792  10.423  3.290   1.00 8.08  ? 137 LEU A N   1 
ATOM   1065 C  CA  . LEU A 1 137 ? -2.832  11.547  3.364   1.00 10.24 ? 137 LEU A CA  1 
ATOM   1066 C  C   . LEU A 1 137 ? -1.701  11.328  2.375   1.00 9.61  ? 137 LEU A C   1 
ATOM   1067 O  O   . LEU A 1 137 ? -1.352  12.219  1.578   1.00 9.02  ? 137 LEU A O   1 
ATOM   1068 C  CB  . LEU A 1 137 ? -2.334  11.752  4.817   1.00 10.55 ? 137 LEU A CB  1 
ATOM   1069 C  CG  . LEU A 1 137 ? -1.221  12.793  4.934   1.00 13.50 ? 137 LEU A CG  1 
ATOM   1070 C  CD1 . LEU A 1 137 ? -1.818  14.168  4.617   1.00 16.57 ? 137 LEU A CD1 1 
ATOM   1071 C  CD2 . LEU A 1 137 ? -0.637  12.798  6.353   1.00 12.84 ? 137 LEU A CD2 1 
ATOM   1072 N  N   . PHE A 1 138 ? -1.163  10.103  2.337   1.00 8.99  ? 138 PHE A N   1 
ATOM   1073 C  CA  . PHE A 1 138 ? -0.033  9.856   1.472   1.00 11.49 ? 138 PHE A CA  1 
ATOM   1074 C  C   . PHE A 1 138 ? -0.458  9.968   -0.022  1.00 9.84  ? 138 PHE A C   1 
ATOM   1075 O  O   . PHE A 1 138 ? 0.246   10.650  -0.809  1.00 10.35 ? 138 PHE A O   1 
ATOM   1076 C  CB  . PHE A 1 138 ? 0.533   8.503   1.821   1.00 13.76 ? 138 PHE A CB  1 
ATOM   1077 C  CG  . PHE A 1 138 ? 1.625   8.069   0.893   1.00 19.55 ? 138 PHE A CG  1 
ATOM   1078 C  CD1 . PHE A 1 138 ? 2.893   8.675   0.932   1.00 23.18 ? 138 PHE A CD1 1 
ATOM   1079 C  CD2 . PHE A 1 138 ? 1.358   7.063   -0.029  1.00 26.30 ? 138 PHE A CD2 1 
ATOM   1080 C  CE1 . PHE A 1 138 ? 3.899   8.237   0.073   1.00 28.44 ? 138 PHE A CE1 1 
ATOM   1081 C  CE2 . PHE A 1 138 ? 2.361   6.597   -0.913  1.00 29.17 ? 138 PHE A CE2 1 
ATOM   1082 C  CZ  . PHE A 1 138 ? 3.619   7.193   -0.865  1.00 28.60 ? 138 PHE A CZ  1 
ATOM   1083 N  N   . ARG A 1 139 ? -1.654  9.441   -0.313  1.00 11.45 ? 139 ARG A N   1 
ATOM   1084 C  CA  . ARG A 1 139 ? -2.202  9.478   -1.688  1.00 10.72 ? 139 ARG A CA  1 
ATOM   1085 C  C   . ARG A 1 139 ? -2.428  10.960  -2.104  1.00 9.25  ? 139 ARG A C   1 
ATOM   1086 O  O   . ARG A 1 139 ? -2.206  11.337  -3.283  1.00 10.25 ? 139 ARG A O   1 
ATOM   1087 C  CB  . ARG A 1 139 ? -3.497  8.690   -1.764  1.00 13.10 ? 139 ARG A CB  1 
ATOM   1088 C  CG  . ARG A 1 139 ? -3.938  8.451   -3.130  1.00 15.48 ? 139 ARG A CG  1 
ATOM   1089 C  CD  . ARG A 1 139 ? -4.954  7.283   -3.146  1.00 13.79 ? 139 ARG A CD  1 
ATOM   1090 N  NE  . ARG A 1 139 ? -6.255  7.459   -2.538  1.00 11.44 ? 139 ARG A NE  1 
ATOM   1091 C  CZ  . ARG A 1 139 ? -6.715  6.871   -1.435  1.00 10.24 ? 139 ARG A CZ  1 
ATOM   1092 N  NH1 . ARG A 1 139 ? -5.868  6.061   -0.704  1.00 12.67 ? 139 ARG A NH1 1 
ATOM   1093 N  NH2 . ARG A 1 139 ? -7.993  7.043   -1.060  1.00 14.58 ? 139 ARG A NH2 1 
ATOM   1094 N  N   . ASN A 1 140 ? -2.946  11.751  -1.159  1.00 7.15  ? 140 ASN A N   1 
ATOM   1095 C  CA  . ASN A 1 140 ? -3.256  13.119  -1.428  1.00 7.88  ? 140 ASN A CA  1 
ATOM   1096 C  C   . ASN A 1 140 ? -1.996  13.927  -1.738  1.00 8.05  ? 140 ASN A C   1 
ATOM   1097 O  O   . ASN A 1 140 ? -1.969  14.775  -2.724  1.00 7.20  ? 140 ASN A O   1 
ATOM   1098 C  CB  . ASN A 1 140 ? -4.122  13.701  -0.310  1.00 8.30  ? 140 ASN A CB  1 
ATOM   1099 C  CG  . ASN A 1 140 ? -4.763  15.009  -0.737  1.00 10.33 ? 140 ASN A CG  1 
ATOM   1100 O  OD1 . ASN A 1 140 ? -5.724  15.046  -1.555  1.00 14.90 ? 140 ASN A OD1 1 
ATOM   1101 N  ND2 . ASN A 1 140 ? -4.232  16.072  -0.210  1.00 8.47  ? 140 ASN A ND2 1 
ATOM   1102 N  N   . ASP A 1 141 ? -0.918  13.654  -0.971  1.00 8.09  ? 141 ASP A N   1 
ATOM   1103 C  CA  . ASP A 1 141 ? 0.336   14.328  -1.264  1.00 8.17  ? 141 ASP A CA  1 
ATOM   1104 C  C   . ASP A 1 141 ? 0.926   13.863  -2.617  1.00 9.83  ? 141 ASP A C   1 
ATOM   1105 O  O   . ASP A 1 141 ? 1.544   14.666  -3.319  1.00 11.22 ? 141 ASP A O   1 
ATOM   1106 C  CB  . ASP A 1 141 ? 1.334   14.069  -0.130  1.00 8.73  ? 141 ASP A CB  1 
ATOM   1107 C  CG  . ASP A 1 141 ? 0.951   14.793  1.165   1.00 10.83 ? 141 ASP A CG  1 
ATOM   1108 O  OD1 . ASP A 1 141 ? 0.052   15.705  1.179   1.00 12.43 ? 141 ASP A OD1 1 
ATOM   1109 O  OD2 . ASP A 1 141 ? 1.555   14.495  2.252   1.00 11.95 ? 141 ASP A OD2 1 
ATOM   1110 N  N   . ILE A 1 142 ? 0.772   12.578  -2.942  1.00 9.46  ? 142 ILE A N   1 
ATOM   1111 C  CA  . ILE A 1 142 ? 1.322   12.025  -4.209  1.00 9.54  ? 142 ILE A CA  1 
ATOM   1112 C  C   . ILE A 1 142 ? 0.545   12.696  -5.354  1.00 11.01 ? 142 ILE A C   1 
ATOM   1113 O  O   . ILE A 1 142 ? 1.135   13.140  -6.332  1.00 9.93  ? 142 ILE A O   1 
ATOM   1114 C  CB  . ILE A 1 142 ? 1.179   10.489  -4.312  1.00 11.98 ? 142 ILE A CB  1 
ATOM   1115 C  CG1 . ILE A 1 142 ? 2.200   9.806   -3.408  1.00 13.50 ? 142 ILE A CG1 1 
ATOM   1116 C  CG2 . ILE A 1 142 ? 1.261   10.004  -5.825  1.00 10.87 ? 142 ILE A CG2 1 
ATOM   1117 C  CD1 . ILE A 1 142 ? 1.881   8.371   -3.139  1.00 19.19 ? 142 ILE A CD1 1 
ATOM   1118 N  N   . ALA A 1 143 ? -0.774  12.792  -5.209  1.00 9.99  ? 143 ALA A N   1 
ATOM   1119 C  CA  . ALA A 1 143 ? -1.596  13.455  -6.216  1.00 11.16 ? 143 ALA A CA  1 
ATOM   1120 C  C   . ALA A 1 143 ? -1.073  14.856  -6.538  1.00 10.09 ? 143 ALA A C   1 
ATOM   1121 O  O   . ALA A 1 143 ? -1.175  15.296  -7.665  1.00 9.01  ? 143 ALA A O   1 
ATOM   1122 C  CB  . ALA A 1 143 ? -2.992  13.502  -5.795  1.00 9.60  ? 143 ALA A CB  1 
ATOM   1123 N  N   . ALA A 1 144 ? -0.669  15.631  -5.524  1.00 9.54  ? 144 ALA A N   1 
ATOM   1124 C  CA  . ALA A 1 144 ? -0.164  16.991  -5.818  1.00 9.70  ? 144 ALA A CA  1 
ATOM   1125 C  C   . ALA A 1 144 ? 1.089   16.942  -6.655  1.00 9.33  ? 144 ALA A C   1 
ATOM   1126 O  O   . ALA A 1 144 ? 1.294   17.815  -7.502  1.00 7.33  ? 144 ALA A O   1 
ATOM   1127 C  CB  . ALA A 1 144 ? 0.079   17.807  -4.529  1.00 9.62  ? 144 ALA A CB  1 
ATOM   1128 N  N   . LYS A 1 145 ? 1.939   15.939  -6.430  1.00 8.42  ? 145 LYS A N   1 
ATOM   1129 C  CA  . LYS A 1 145 ? 3.099   15.767  -7.252  1.00 9.01  ? 145 LYS A CA  1 
ATOM   1130 C  C   . LYS A 1 145 ? 2.742   15.289  -8.674  1.00 9.16  ? 145 LYS A C   1 
ATOM   1131 O  O   . LYS A 1 145 ? 3.387   15.722  -9.640  1.00 10.22 ? 145 LYS A O   1 
ATOM   1132 C  CB  . LYS A 1 145 ? 4.066   14.741  -6.599  1.00 9.12  ? 145 LYS A CB  1 
ATOM   1133 C  CG  . LYS A 1 145 ? 4.671   15.100  -5.226  1.00 9.49  ? 145 LYS A CG  1 
ATOM   1134 C  CD  . LYS A 1 145 ? 5.137   16.472  -5.053  1.00 12.67 ? 145 LYS A CD  1 
ATOM   1135 C  CE  . LYS A 1 145 ? 5.884   16.501  -3.716  1.00 18.74 ? 145 LYS A CE  1 
ATOM   1136 N  NZ  . LYS A 1 145 ? 6.300   17.880  -3.363  1.00 21.16 ? 145 LYS A NZ  1 
ATOM   1137 N  N   . TYR A 1 146 ? 1.726   14.425  -8.791  1.00 9.06  ? 146 TYR A N   1 
ATOM   1138 C  CA  . TYR A 1 146 ? 1.199   14.060  -10.122 1.00 8.26  ? 146 TYR A CA  1 
ATOM   1139 C  C   . TYR A 1 146 ? 0.722   15.351  -10.838 1.00 10.54 ? 146 TYR A C   1 
ATOM   1140 O  O   . TYR A 1 146 ? 1.002   15.534  -12.024 1.00 11.66 ? 146 TYR A O   1 
ATOM   1141 C  CB  . TYR A 1 146 ? 0.082   13.035  -10.011 1.00 7.98  ? 146 TYR A CB  1 
ATOM   1142 C  CG  . TYR A 1 146 ? 0.498   11.595  -9.855  1.00 5.97  ? 146 TYR A CG  1 
ATOM   1143 C  CD1 . TYR A 1 146 ? 1.679   11.196  -9.225  1.00 10.92 ? 146 TYR A CD1 1 
ATOM   1144 C  CD2 . TYR A 1 146 ? -0.378  10.607  -10.288 1.00 10.29 ? 146 TYR A CD2 1 
ATOM   1145 C  CE1 . TYR A 1 146 ? 2.002   9.851   -9.138  1.00 11.55 ? 146 TYR A CE1 1 
ATOM   1146 C  CE2 . TYR A 1 146 ? -0.067  9.275   -10.193 1.00 11.99 ? 146 TYR A CE2 1 
ATOM   1147 C  CZ  . TYR A 1 146 ? 1.110   8.887   -9.612  1.00 11.40 ? 146 TYR A CZ  1 
ATOM   1148 O  OH  . TYR A 1 146 ? 1.387   7.524   -9.574  1.00 11.39 ? 146 TYR A OH  1 
ATOM   1149 N  N   . LYS A 1 147 ? -0.018  16.214  -10.136 1.00 10.93 ? 147 LYS A N   1 
ATOM   1150 C  CA  . LYS A 1 147 ? -0.567  17.394  -10.766 1.00 13.02 ? 147 LYS A CA  1 
ATOM   1151 C  C   . LYS A 1 147 ? 0.570   18.299  -11.220 1.00 11.51 ? 147 LYS A C   1 
ATOM   1152 O  O   . LYS A 1 147 ? 0.545   18.826  -12.346 1.00 14.62 ? 147 LYS A O   1 
ATOM   1153 C  CB  . LYS A 1 147 ? -1.542  18.148  -9.865  1.00 13.91 ? 147 LYS A CB  1 
ATOM   1154 C  CG  . LYS A 1 147 ? -2.502  19.038  -10.644 1.00 20.05 ? 147 LYS A CG  1 
ATOM   1155 C  CD  . LYS A 1 147 ? -3.311  19.917  -9.681  1.00 24.61 ? 147 LYS A CD  1 
ATOM   1156 C  CE  . LYS A 1 147 ? -3.860  21.185  -10.409 1.00 26.79 ? 147 LYS A CE  1 
ATOM   1157 N  NZ  . LYS A 1 147 ? -2.875  22.265  -10.728 1.00 24.61 ? 147 LYS A NZ  1 
ATOM   1158 N  N   . GLU A 1 148 ? 1.576   18.456  -10.386 1.00 10.57 ? 148 GLU A N   1 
ATOM   1159 C  CA  . GLU A 1 148 ? 2.750   19.285  -10.711 1.00 10.53 ? 148 GLU A CA  1 
ATOM   1160 C  C   . GLU A 1 148 ? 3.334   18.775  -12.078 1.00 11.93 ? 148 GLU A C   1 
ATOM   1161 O  O   . GLU A 1 148 ? 3.664   19.574  -13.014 1.00 11.28 ? 148 GLU A O   1 
ATOM   1162 C  CB  . GLU A 1 148 ? 3.794   19.161  -9.584  1.00 11.31 ? 148 GLU A CB  1 
ATOM   1163 C  CG  . GLU A 1 148 ? 5.047   19.872  -9.895  1.00 14.46 ? 148 GLU A CG  1 
ATOM   1164 C  CD  . GLU A 1 148 ? 6.166   19.576  -8.917  1.00 18.87 ? 148 GLU A CD  1 
ATOM   1165 O  OE1 . GLU A 1 148 ? 5.894   19.144  -7.772  1.00 23.21 ? 148 GLU A OE1 1 
ATOM   1166 O  OE2 . GLU A 1 148 ? 7.320   19.744  -9.330  1.00 25.56 ? 148 GLU A OE2 1 
ATOM   1167 N  N   . LEU A 1 149 ? 3.527   17.454  -12.167 1.00 9.61  ? 149 LEU A N   1 
ATOM   1168 C  CA  . LEU A 1 149 ? 4.067   16.809  -13.359 1.00 10.99 ? 149 LEU A CA  1 
ATOM   1169 C  C   . LEU A 1 149 ? 3.110   16.815  -14.550 1.00 11.46 ? 149 LEU A C   1 
ATOM   1170 O  O   . LEU A 1 149 ? 3.574   16.503  -15.652 1.00 11.97 ? 149 LEU A O   1 
ATOM   1171 C  CB  . LEU A 1 149 ? 4.460   15.341  -13.035 1.00 11.06 ? 149 LEU A CB  1 
ATOM   1172 C  CG  . LEU A 1 149 ? 5.578   15.155  -12.021 1.00 14.04 ? 149 LEU A CG  1 
ATOM   1173 C  CD1 . LEU A 1 149 ? 5.620   13.645  -11.655 1.00 14.03 ? 149 LEU A CD1 1 
ATOM   1174 C  CD2 . LEU A 1 149 ? 6.918   15.591  -12.597 1.00 17.95 ? 149 LEU A CD2 1 
ATOM   1175 N  N   . GLY A 1 150 ? 1.817   17.081  -14.371 1.00 10.68 ? 150 GLY A N   1 
ATOM   1176 C  CA  . GLY A 1 150 ? 0.905   17.008  -15.517 1.00 13.14 ? 150 GLY A CA  1 
ATOM   1177 C  C   . GLY A 1 150 ? 0.626   15.565  -15.882 1.00 13.33 ? 150 GLY A C   1 
ATOM   1178 O  O   . GLY A 1 150 ? 0.252   15.270  -16.975 1.00 12.50 ? 150 GLY A O   1 
ATOM   1179 N  N   . PHE A 1 151 ? 0.797   14.634  -14.949 1.00 16.01 ? 151 PHE A N   1 
ATOM   1180 C  CA  . PHE A 1 151 ? 0.406   13.259  -15.171 1.00 21.08 ? 151 PHE A CA  1 
ATOM   1181 C  C   . PHE A 1 151 ? -1.068  13.102  -14.856 1.00 25.74 ? 151 PHE A C   1 
ATOM   1182 O  O   . PHE A 1 151 ? -1.455  13.304  -13.678 1.00 25.84 ? 151 PHE A O   1 
ATOM   1183 C  CB  . PHE A 1 151 ? 1.190   12.311  -14.231 1.00 22.11 ? 151 PHE A CB  1 
ATOM   1184 C  CG  . PHE A 1 151 ? 0.864   10.824  -14.419 1.00 23.46 ? 151 PHE A CG  1 
ATOM   1185 C  CD1 . PHE A 1 151 ? 1.247   10.135  -15.539 1.00 27.00 ? 151 PHE A CD1 1 
ATOM   1186 C  CD2 . PHE A 1 151 ? 0.186   10.138  -13.443 1.00 27.41 ? 151 PHE A CD2 1 
ATOM   1187 C  CE1 . PHE A 1 151 ? 0.916   8.787   -15.671 1.00 23.86 ? 151 PHE A CE1 1 
ATOM   1188 C  CE2 . PHE A 1 151 ? -0.105  8.790   -13.574 1.00 26.57 ? 151 PHE A CE2 1 
ATOM   1189 C  CZ  . PHE A 1 151 ? 0.233   8.142   -14.677 1.00 17.70 ? 151 PHE A CZ  1 
ATOM   1190 N  N   . GLN A 1 152 ? -1.932  12.903  -15.850 1.00 28.12 ? 152 GLN A N   1 
ATOM   1191 C  CA  . GLN A 1 152 ? -1.840  13.386  -17.219 1.00 33.75 ? 152 GLN A CA  1 
ATOM   1192 C  C   . GLN A 1 152 ? -2.695  14.689  -17.390 1.00 34.27 ? 152 GLN A C   1 
ATOM   1193 O  O   . GLN A 1 152 ? -3.900  14.676  -17.749 1.00 34.47 ? 152 GLN A O   1 
ATOM   1194 C  CB  . GLN A 1 152 ? -2.336  12.313  -18.207 1.00 33.65 ? 152 GLN A CB  1 
ATOM   1195 C  CG  . GLN A 1 152 ? -1.479  11.098  -18.251 1.00 40.66 ? 152 GLN A CG  1 
ATOM   1196 C  CD  . GLN A 1 152 ? -2.053  9.943   -17.425 1.00 45.42 ? 152 GLN A CD  1 
ATOM   1197 O  OE1 . GLN A 1 152 ? -2.774  10.146  -16.412 1.00 48.51 ? 152 GLN A OE1 1 
ATOM   1198 N  NE2 . GLN A 1 152 ? -1.728  8.720   -17.845 1.00 48.58 ? 152 GLN A NE2 1 
HETATM 1199 N  N1  . HKL B 2 .   ? 4.376   1.367   -4.452  1.00 14.35 ? 154 HKL A N1  1 
HETATM 1200 C  C1  . HKL B 2 .   ? 5.211   1.652   -3.423  1.00 12.60 ? 154 HKL A C1  1 
HETATM 1201 C  C2  . HKL B 2 .   ? 4.465   2.094   -2.361  1.00 15.46 ? 154 HKL A C2  1 
HETATM 1202 C  C7  . HKL B 2 .   ? 3.092   1.658   -4.102  1.00 9.60  ? 154 HKL A C7  1 
HETATM 1203 C  C6  A HKL B 2 .   ? 1.541   1.352   -1.131  0.50 5.79  ? 154 HKL A C6  1 
HETATM 1204 C  C6  B HKL B 2 .   ? 1.076   3.395   -2.305  0.50 11.88 ? 154 HKL A C6  1 
HETATM 1205 C  C5  . HKL B 2 .   ? 1.876   2.431   -1.902  1.00 13.47 ? 154 HKL A C5  1 
HETATM 1206 C  C4  . HKL B 2 .   ? 3.066   2.084   -2.776  1.00 13.09 ? 154 HKL A C4  1 
HETATM 1207 C  C3  . HKL B 2 .   ? 4.988   2.463   -0.994  1.00 17.16 ? 154 HKL A C3  1 
HETATM 1208 N  N2  . HKL B 2 .   ? 2.976   0.670   -6.945  1.00 10.23 ? 154 HKL A N2  1 
HETATM 1209 O  O1  . HKL B 2 .   ? 8.630   -1.318  -11.004 1.00 27.30 ? 154 HKL A O1  1 
HETATM 1210 C  C21 . HKL B 2 .   ? 8.232   -0.795  -9.888  1.00 23.10 ? 154 HKL A C21 1 
HETATM 1211 C  C20 . HKL B 2 .   ? 6.881   -0.660  -9.783  1.00 20.46 ? 154 HKL A C20 1 
HETATM 1212 C  C23 . HKL B 2 .   ? 6.733   -0.131  -8.565  1.00 17.75 ? 154 HKL A C23 1 
HETATM 1213 C  C24 . HKL B 2 .   ? 7.941   0.051   -7.823  1.00 18.68 ? 154 HKL A C24 1 
HETATM 1214 C  C22 . HKL B 2 .   ? 8.940   -0.370  -8.742  1.00 23.20 ? 154 HKL A C22 1 
HETATM 1215 C  C18 . HKL B 2 .   ? 5.488   -0.750  -10.254 1.00 19.00 ? 154 HKL A C18 1 
HETATM 1216 C  C19 . HKL B 2 .   ? 5.051   -1.246  -11.574 1.00 14.71 ? 154 HKL A C19 1 
HETATM 1217 C  C17 . HKL B 2 .   ? 4.668   -0.263  -9.205  1.00 15.67 ? 154 HKL A C17 1 
HETATM 1218 N  N3  . HKL B 2 .   ? 5.450   0.116   -8.191  1.00 15.10 ? 154 HKL A N3  1 
HETATM 1219 C  C16 . HKL B 2 .   ? 3.347   -0.216  -9.192  1.00 12.07 ? 154 HKL A C16 1 
HETATM 1220 C  C15 . HKL B 2 .   ? 2.558   0.164   -8.151  1.00 9.81  ? 154 HKL A C15 1 
HETATM 1221 C  C12 . HKL B 2 .   ? 1.141   0.156   -8.168  1.00 10.53 ? 154 HKL A C12 1 
HETATM 1222 C  C13 . HKL B 2 .   ? 0.204   -0.291  -9.291  1.00 13.16 ? 154 HKL A C13 1 
HETATM 1223 C  C14 . HKL B 2 .   ? -0.246  -1.720  -9.140  1.00 23.19 ? 154 HKL A C14 1 
HETATM 1224 C  C10 . HKL B 2 .   ? 0.705   0.708   -6.895  1.00 9.31  ? 154 HKL A C10 1 
HETATM 1225 C  C11 . HKL B 2 .   ? -0.719  0.925   -6.395  1.00 10.28 ? 154 HKL A C11 1 
HETATM 1226 C  C9  . HKL B 2 .   ? 1.929   0.984   -6.142  1.00 8.44  ? 154 HKL A C9  1 
HETATM 1227 C  C8  . HKL B 2 .   ? 1.996   1.476   -4.874  1.00 8.82  ? 154 HKL A C8  1 
HETATM 1228 C  C34 . HKL B 2 .   ? 6.542   1.510   -3.444  1.00 13.95 ? 154 HKL A C34 1 
HETATM 1229 FE FE  . HKL B 2 .   ? 4.934   0.781   -6.337  1.00 13.47 ? 154 HKL A FE  1 
HETATM 1230 N  N4  . HKL B 2 .   ? 6.832   0.831   -5.728  1.00 15.71 ? 154 HKL A N4  1 
HETATM 1231 C  C25 . HKL B 2 .   ? 7.920   0.604   -6.447  1.00 19.28 ? 154 HKL A C25 1 
HETATM 1232 C  C33 . HKL B 2 .   ? 7.223   1.124   -4.449  1.00 14.47 ? 154 HKL A C33 1 
HETATM 1233 C  C31 . HKL B 2 .   ? 8.694   0.938   -4.296  1.00 19.95 ? 154 HKL A C31 1 
HETATM 1234 C  C32 . HKL B 2 .   ? 9.192   -0.344  -3.627  1.00 19.08 ? 154 HKL A C32 1 
HETATM 1235 C  C26 . HKL B 2 .   ? 9.179   1.062   -5.730  1.00 21.73 ? 154 HKL A C26 1 
HETATM 1236 C  C27 . HKL B 2 .   ? 9.977   2.363   -6.100  1.00 23.17 ? 154 HKL A C27 1 
HETATM 1237 C  C28 . HKL B 2 .   ? 10.801  3.161   -5.010  1.00 24.08 ? 154 HKL A C28 1 
HETATM 1238 C  C29 . HKL B 2 .   ? 11.085  4.663   -5.229  1.00 23.82 ? 154 HKL A C29 1 
HETATM 1239 O  O4  . HKL B 2 .   ? 10.471  5.437   -6.122  1.00 25.87 ? 154 HKL A O4  1 
HETATM 1240 O  O2  . HKL B 2 .   ? 12.113  5.366   -4.450  1.00 27.74 ? 154 HKL A O2  1 
HETATM 1241 C  C30 . HKL B 2 .   ? 12.225  6.801   -4.520  1.00 21.11 ? 154 HKL A C30 1 
HETATM 1242 N  N   . NO2 C 3 .   ? 4.658   -1.174  -5.843  1.00 18.62 ? 155 NO2 A N   1 
HETATM 1243 O  O1  . NO2 C 3 .   ? 5.411   -1.993  -6.398  1.00 24.67 ? 155 NO2 A O1  1 
HETATM 1244 O  O2  . NO2 C 3 .   ? 3.804   -1.869  -5.415  1.00 18.45 ? 155 NO2 A O2  1 
HETATM 1245 N  N   . NO2 D 3 .   ? -6.497  -10.336 17.942  1.00 32.60 ? 156 NO2 A N   1 
HETATM 1246 O  O1  . NO2 D 3 .   ? -6.747  -10.030 16.748  1.00 33.61 ? 156 NO2 A O1  1 
HETATM 1247 O  O2  . NO2 D 3 .   ? -7.598  -10.649 18.398  1.00 34.66 ? 156 NO2 A O2  1 
HETATM 1248 S  S   . SO4 E 4 .   ? 8.795   -17.144 -8.865  1.00 14.14 ? 157 SO4 A S   1 
HETATM 1249 O  O1  . SO4 E 4 .   ? 9.670   -16.255 -8.132  1.00 14.96 ? 157 SO4 A O1  1 
HETATM 1250 O  O2  . SO4 E 4 .   ? 7.593   -16.446 -9.426  1.00 17.18 ? 157 SO4 A O2  1 
HETATM 1251 O  O3  . SO4 E 4 .   ? 9.586   -17.706 -9.962  1.00 15.61 ? 157 SO4 A O3  1 
HETATM 1252 O  O4  . SO4 E 4 .   ? 8.363   -18.236 -8.037  1.00 12.72 ? 157 SO4 A O4  1 
HETATM 1253 S  S   . SO4 F 4 .   ? 8.438   17.124  5.854   0.60 26.27 ? 158 SO4 A S   1 
HETATM 1254 O  O1  . SO4 F 4 .   ? 7.965   17.590  7.155   0.60 24.37 ? 158 SO4 A O1  1 
HETATM 1255 O  O2  . SO4 F 4 .   ? 8.551   18.208  4.872   0.60 23.89 ? 158 SO4 A O2  1 
HETATM 1256 O  O3  . SO4 F 4 .   ? 9.762   16.536  6.040   0.60 28.36 ? 158 SO4 A O3  1 
HETATM 1257 O  O4  . SO4 F 4 .   ? 7.639   16.047  5.377   0.60 22.70 ? 158 SO4 A O4  1 
HETATM 1258 O  O   . HOH G 5 .   ? 3.251   9.446   6.806   1.00 9.83  ? 159 HOH A O   1 
HETATM 1259 O  O   . HOH G 5 .   ? -6.105  -20.653 -8.111  1.00 10.83 ? 160 HOH A O   1 
HETATM 1260 O  O   . HOH G 5 .   ? -11.230 -4.235  -12.196 1.00 13.86 ? 161 HOH A O   1 
HETATM 1261 O  O   . HOH G 5 .   ? 3.447   -15.117 -3.424  1.00 15.33 ? 162 HOH A O   1 
HETATM 1262 O  O   . HOH G 5 .   ? -13.452 6.321   -5.163  1.00 12.13 ? 163 HOH A O   1 
HETATM 1263 O  O   . HOH G 5 .   ? 6.364   12.921  16.709  1.00 14.85 ? 164 HOH A O   1 
HETATM 1264 O  O   . HOH G 5 .   ? -11.286 -1.853  -10.990 1.00 15.69 ? 165 HOH A O   1 
HETATM 1265 O  O   . HOH G 5 .   ? -3.225  -22.611 -10.793 1.00 13.77 ? 166 HOH A O   1 
HETATM 1266 O  O   . HOH G 5 .   ? -4.392  -8.658  -15.621 1.00 14.42 ? 167 HOH A O   1 
HETATM 1267 O  O   . HOH G 5 .   ? 3.940   -19.001 -9.564  1.00 15.46 ? 168 HOH A O   1 
HETATM 1268 O  O   . HOH G 5 .   ? 5.923   -12.204 -16.670 1.00 16.61 ? 169 HOH A O   1 
HETATM 1269 O  O   . HOH G 5 .   ? 12.020  0.873   2.394   1.00 15.35 ? 170 HOH A O   1 
HETATM 1270 O  O   . HOH G 5 .   ? 11.303  -1.438  0.899   1.00 16.00 ? 171 HOH A O   1 
HETATM 1271 O  O   . HOH G 5 .   ? -0.218  -22.004 -4.793  1.00 14.29 ? 172 HOH A O   1 
HETATM 1272 O  O   . HOH G 5 .   ? 8.862   21.936  -9.501  1.00 15.23 ? 173 HOH A O   1 
HETATM 1273 O  O   . HOH G 5 .   ? -3.552  16.924  -3.641  1.00 14.59 ? 174 HOH A O   1 
HETATM 1274 O  O   . HOH G 5 .   ? 8.616   -11.982 -11.106 1.00 14.68 ? 175 HOH A O   1 
HETATM 1275 O  O   . HOH G 5 .   ? -12.593 -2.283  11.351  1.00 17.62 ? 176 HOH A O   1 
HETATM 1276 O  O   . HOH G 5 .   ? 4.759   0.432   13.427  1.00 14.61 ? 177 HOH A O   1 
HETATM 1277 O  O   . HOH G 5 .   ? 6.879   -18.848 -2.851  1.00 21.18 ? 178 HOH A O   1 
HETATM 1278 O  O   . HOH G 5 .   ? -15.073 -2.241  15.173  1.00 13.95 ? 179 HOH A O   1 
HETATM 1279 O  O   . HOH G 5 .   ? -3.073  -9.961  15.323  1.00 14.34 ? 180 HOH A O   1 
HETATM 1280 O  O   . HOH G 5 .   ? 1.077   9.313   19.071  1.00 16.65 ? 181 HOH A O   1 
HETATM 1281 O  O   . HOH G 5 .   ? 1.705   2.600   18.010  1.00 15.87 ? 182 HOH A O   1 
HETATM 1282 O  O   . HOH G 5 .   ? -9.066  -1.348  17.303  1.00 22.80 ? 183 HOH A O   1 
HETATM 1283 O  O   . HOH G 5 .   ? -4.299  -0.339  16.283  1.00 19.83 ? 184 HOH A O   1 
HETATM 1284 O  O   . HOH G 5 .   ? 9.673   4.497   2.551   1.00 18.55 ? 185 HOH A O   1 
HETATM 1285 O  O   . HOH G 5 .   ? -3.011  5.536   -0.525  1.00 14.18 ? 186 HOH A O   1 
HETATM 1286 O  O   . HOH G 5 .   ? 2.529   16.879  -2.097  1.00 16.52 ? 187 HOH A O   1 
HETATM 1287 O  O   . HOH G 5 .   ? 0.661   9.624   5.447   1.00 14.99 ? 188 HOH A O   1 
HETATM 1288 O  O   . HOH G 5 .   ? -3.473  17.570  -6.325  1.00 18.71 ? 189 HOH A O   1 
HETATM 1289 O  O   . HOH G 5 .   ? 5.766   -17.285 -11.044 1.00 19.29 ? 190 HOH A O   1 
HETATM 1290 O  O   . HOH G 5 .   ? 10.432  6.229   8.960   1.00 20.69 ? 191 HOH A O   1 
HETATM 1291 O  O   . HOH G 5 .   ? 13.000  -15.767 -0.618  1.00 18.62 ? 192 HOH A O   1 
HETATM 1292 O  O   . HOH G 5 .   ? -5.169  -11.808 -0.432  1.00 18.93 ? 193 HOH A O   1 
HETATM 1293 O  O   . HOH G 5 .   ? -10.981 -1.982  -3.881  1.00 19.57 ? 194 HOH A O   1 
HETATM 1294 O  O   . HOH G 5 .   ? -5.998  -11.026 -11.825 1.00 16.76 ? 195 HOH A O   1 
HETATM 1295 O  O   . HOH G 5 .   ? 12.119  -16.357 -7.192  1.00 19.86 ? 196 HOH A O   1 
HETATM 1296 O  O   . HOH G 5 .   ? 2.317   11.432  17.633  1.00 15.66 ? 197 HOH A O   1 
HETATM 1297 O  O   . HOH G 5 .   ? 9.408   -0.452  7.411   1.00 18.30 ? 198 HOH A O   1 
HETATM 1298 O  O   . HOH G 5 .   ? -0.474  14.506  -19.616 1.00 27.33 ? 199 HOH A O   1 
HETATM 1299 O  O   . HOH G 5 .   ? -3.999  9.611   -12.000 1.00 20.90 ? 200 HOH A O   1 
HETATM 1300 O  O   . HOH G 5 .   ? 10.094  -11.560 1.412   1.00 23.52 ? 201 HOH A O   1 
HETATM 1301 O  O   . HOH G 5 .   ? 6.290   -20.331 -8.709  1.00 25.35 ? 202 HOH A O   1 
HETATM 1302 O  O   . HOH G 5 .   ? -3.438  14.379  -9.349  1.00 19.62 ? 203 HOH A O   1 
HETATM 1303 O  O   . HOH G 5 .   ? 6.177   16.135  -8.815  1.00 17.47 ? 204 HOH A O   1 
HETATM 1304 O  O   . HOH G 5 .   ? -3.210  -1.197  -16.247 1.00 23.85 ? 205 HOH A O   1 
HETATM 1305 O  O   . HOH G 5 .   ? 3.745   19.155  -3.519  1.00 21.10 ? 206 HOH A O   1 
HETATM 1306 O  O   . HOH G 5 .   ? -12.743 7.825   -8.735  1.00 18.91 ? 207 HOH A O   1 
HETATM 1307 O  O   . HOH G 5 .   ? -13.645 2.761   -7.116  1.00 32.02 ? 208 HOH A O   1 
HETATM 1308 O  O   . HOH G 5 .   ? 1.811   15.979  18.110  1.00 24.87 ? 209 HOH A O   1 
HETATM 1309 O  O   . HOH G 5 .   ? -6.447  0.924   -16.329 1.00 18.63 ? 210 HOH A O   1 
HETATM 1310 O  O   . HOH G 5 .   ? 11.438  1.728   5.288   1.00 26.80 ? 211 HOH A O   1 
HETATM 1311 O  O   . HOH G 5 .   ? 8.127   -5.691  -13.944 1.00 21.79 ? 212 HOH A O   1 
HETATM 1312 O  O   . HOH G 5 .   ? -8.132  -3.632  -3.674  1.00 22.68 ? 213 HOH A O   1 
HETATM 1313 O  O   . HOH G 5 .   ? -11.648 -4.965  17.266  1.00 21.21 ? 214 HOH A O   1 
HETATM 1314 O  O   . HOH G 5 .   ? -6.314  17.416  -3.079  1.00 29.48 ? 215 HOH A O   1 
HETATM 1315 O  O   . HOH G 5 .   ? 12.601  -13.451 -6.465  1.00 25.63 ? 216 HOH A O   1 
HETATM 1316 O  O   . HOH G 5 .   ? -11.021 -2.227  1.999   1.00 21.95 ? 217 HOH A O   1 
HETATM 1317 O  O   . HOH G 5 .   ? -11.362 -7.926  5.909   1.00 24.24 ? 218 HOH A O   1 
HETATM 1318 O  O   . HOH G 5 .   ? 0.339   9.495   21.646  1.00 17.73 ? 219 HOH A O   1 
HETATM 1319 O  O   . HOH G 5 .   ? -5.041  12.234  20.052  1.00 28.83 ? 220 HOH A O   1 
HETATM 1320 O  O   . HOH G 5 .   ? 7.547   -1.941  8.473   1.00 26.09 ? 221 HOH A O   1 
HETATM 1321 O  O   . HOH G 5 .   ? -4.636  -7.987  16.409  1.00 24.88 ? 222 HOH A O   1 
HETATM 1322 O  O   . HOH G 5 .   ? 7.965   18.403  -6.115  1.00 30.99 ? 223 HOH A O   1 
HETATM 1323 O  O   . HOH G 5 .   ? -9.790  -4.421  -1.506  1.00 20.45 ? 224 HOH A O   1 
HETATM 1324 O  O   . HOH G 5 .   ? 4.182   9.424   -17.196 1.00 23.69 ? 225 HOH A O   1 
HETATM 1325 O  O   . HOH G 5 .   ? 9.247   -20.022 -6.418  1.00 26.44 ? 226 HOH A O   1 
HETATM 1326 O  O   . HOH G 5 .   ? -1.034  14.296  10.643  1.00 28.93 ? 227 HOH A O   1 
HETATM 1327 O  O   . HOH G 5 .   ? -6.469  11.159  20.838  1.00 29.48 ? 228 HOH A O   1 
HETATM 1328 O  O   . HOH G 5 .   ? -6.293  0.016   18.198  1.00 33.68 ? 229 HOH A O   1 
HETATM 1329 O  O   . HOH G 5 .   ? 4.262   -0.096  -15.411 1.00 24.84 ? 230 HOH A O   1 
HETATM 1330 O  O   . HOH G 5 .   ? -9.601  5.703   0.994   1.00 26.49 ? 231 HOH A O   1 
HETATM 1331 O  O   . HOH G 5 .   ? -3.109  15.214  18.155  1.00 22.40 ? 232 HOH A O   1 
HETATM 1332 O  O   . HOH G 5 .   ? 2.008   -22.116 -3.073  1.00 26.90 ? 233 HOH A O   1 
HETATM 1333 O  O   . HOH G 5 .   ? 6.790   -1.278  13.817  1.00 29.96 ? 234 HOH A O   1 
HETATM 1334 O  O   . HOH G 5 .   ? -11.120 7.570   7.648   1.00 21.45 ? 235 HOH A O   1 
HETATM 1335 O  O   . HOH G 5 .   ? -12.144 -8.720  -9.995  1.00 25.71 ? 236 HOH A O   1 
HETATM 1336 O  O   . HOH G 5 .   ? -11.799 -9.959  10.554  1.00 25.49 ? 237 HOH A O   1 
HETATM 1337 O  O   . HOH G 5 .   ? 0.475   18.153  -0.956  1.00 27.87 ? 238 HOH A O   1 
HETATM 1338 O  O   . HOH G 5 .   ? -9.654  -17.216 -2.784  1.00 26.02 ? 239 HOH A O   1 
HETATM 1339 O  O   . HOH G 5 .   ? 10.605  -6.482  -5.922  1.00 25.43 ? 240 HOH A O   1 
HETATM 1340 O  O   . HOH G 5 .   ? -2.364  16.682  1.829   1.00 27.05 ? 241 HOH A O   1 
HETATM 1341 O  O   . HOH G 5 .   ? 1.984   13.267  15.424  1.00 30.62 ? 242 HOH A O   1 
HETATM 1342 O  O   . HOH G 5 .   ? 6.236   -3.227  -15.458 1.00 27.93 ? 243 HOH A O   1 
HETATM 1343 O  O   . HOH G 5 .   ? 11.032  5.839   4.522   1.00 23.65 ? 244 HOH A O   1 
HETATM 1344 O  O   . HOH G 5 .   ? 13.086  11.598  -7.788  1.00 22.01 ? 245 HOH A O   1 
HETATM 1345 O  O   . HOH G 5 .   ? 2.323   15.313  9.821   1.00 34.56 ? 246 HOH A O   1 
HETATM 1346 O  O   . HOH G 5 .   ? -12.662 7.470   2.763   1.00 24.27 ? 247 HOH A O   1 
HETATM 1347 O  O   . HOH G 5 .   ? -13.532 -10.128 8.377   1.00 27.15 ? 248 HOH A O   1 
HETATM 1348 O  O   . HOH G 5 .   ? -7.155  5.063   1.927   1.00 19.73 ? 249 HOH A O   1 
HETATM 1349 O  O   . HOH G 5 .   ? -7.637  10.766  18.719  1.00 27.90 ? 250 HOH A O   1 
HETATM 1350 O  O   . HOH G 5 .   ? -11.927 2.300   5.605   1.00 24.24 ? 251 HOH A O   1 
HETATM 1351 O  O   . HOH G 5 .   ? 2.192   -3.437  17.523  1.00 29.91 ? 252 HOH A O   1 
HETATM 1352 O  O   . HOH G 5 .   ? 8.328   -11.380 6.684   1.00 34.89 ? 253 HOH A O   1 
HETATM 1353 O  O   . HOH G 5 .   ? -10.635 0.602   -3.958  1.00 35.29 ? 254 HOH A O   1 
HETATM 1354 O  O   . HOH G 5 .   ? 10.882  14.531  4.606   1.00 26.35 ? 255 HOH A O   1 
HETATM 1355 O  O   . HOH G 5 .   ? 2.340   14.155  13.037  1.00 26.58 ? 256 HOH A O   1 
HETATM 1356 O  O   . HOH G 5 .   ? 3.513   -16.299 3.295   1.00 33.14 ? 257 HOH A O   1 
HETATM 1357 O  O   . HOH G 5 .   ? -8.521  2.808   1.679   1.00 29.37 ? 258 HOH A O   1 
HETATM 1358 O  O   . HOH G 5 .   ? 7.916   -2.940  -13.610 1.00 32.74 ? 259 HOH A O   1 
HETATM 1359 O  O   . HOH G 5 .   ? -15.157 -2.894  12.433  1.00 16.79 ? 260 HOH A O   1 
HETATM 1360 O  O   . HOH G 5 .   ? -15.486 5.535   -3.632  1.00 20.56 ? 261 HOH A O   1 
HETATM 1361 O  O   . HOH G 5 .   ? 12.692  -3.809  1.646   1.00 23.06 ? 262 HOH A O   1 
HETATM 1362 O  O   . HOH G 5 .   ? -14.472 -5.372  12.625  1.00 25.60 ? 263 HOH A O   1 
HETATM 1363 O  O   . HOH G 5 .   ? 11.314  7.628   11.113  1.00 36.05 ? 264 HOH A O   1 
HETATM 1364 O  O   . HOH G 5 .   ? 0.261   -24.093 -6.716  1.00 19.26 ? 265 HOH A O   1 
HETATM 1365 O  O   . HOH G 5 .   ? -5.974  12.053  5.631   1.00 26.36 ? 266 HOH A O   1 
HETATM 1366 O  O   . HOH G 5 .   ? -0.916  -23.708 -10.406 1.00 30.36 ? 267 HOH A O   1 
HETATM 1367 O  O   . HOH G 5 .   ? 12.700  -10.458 -9.498  1.00 31.27 ? 268 HOH A O   1 
HETATM 1368 O  O   . HOH G 5 .   ? -12.253 2.463   -4.482  1.00 28.73 ? 269 HOH A O   1 
HETATM 1369 O  O   . HOH G 5 .   ? 4.014   14.689  16.927  1.00 28.93 ? 270 HOH A O   1 
HETATM 1370 O  O   . HOH G 5 .   ? 1.993   15.464  4.558   1.00 25.23 ? 271 HOH A O   1 
HETATM 1371 O  O   . HOH G 5 .   ? -6.851  -14.322 -14.525 1.00 29.62 ? 272 HOH A O   1 
HETATM 1372 O  O   . HOH G 5 .   ? -8.139  -14.933 -8.929  1.00 32.08 ? 273 HOH A O   1 
HETATM 1373 O  O   . HOH G 5 .   ? -3.428  -12.431 -15.503 1.00 31.72 ? 274 HOH A O   1 
HETATM 1374 O  O   . HOH G 5 .   ? 16.058  12.927  -0.243  1.00 36.84 ? 275 HOH A O   1 
HETATM 1375 O  O   . HOH G 5 .   ? 4.423   -2.489  18.764  1.00 26.98 ? 276 HOH A O   1 
HETATM 1376 O  O   . HOH G 5 .   ? -6.403  3.018   -17.634 1.00 27.74 ? 277 HOH A O   1 
HETATM 1377 O  O   . HOH G 5 .   ? 11.493  -5.650  5.377   1.00 31.71 ? 278 HOH A O   1 
HETATM 1378 O  O   . HOH G 5 .   ? -11.931 -6.469  19.587  1.00 27.43 ? 279 HOH A O   1 
HETATM 1379 O  O   . HOH G 5 .   ? -3.155  12.507  -11.469 1.00 30.30 ? 280 HOH A O   1 
HETATM 1380 O  O   . HOH G 5 .   ? -15.363 -8.335  7.036   1.00 29.61 ? 281 HOH A O   1 
HETATM 1381 O  O   . HOH G 5 .   ? -11.299 -5.564  -4.240  1.00 28.65 ? 282 HOH A O   1 
HETATM 1382 O  O   . HOH G 5 .   ? -3.181  1.648   19.611  1.00 30.65 ? 283 HOH A O   1 
HETATM 1383 O  O   . HOH G 5 .   ? -14.525 -2.100  5.101   1.00 20.03 ? 284 HOH A O   1 
HETATM 1384 O  O   . HOH G 5 .   ? 15.091  -11.581 -9.829  1.00 31.70 ? 285 HOH A O   1 
HETATM 1385 O  O   . HOH G 5 .   ? 9.571   -13.987 1.269   1.00 31.88 ? 286 HOH A O   1 
HETATM 1386 O  O   . HOH G 5 .   ? -4.966  7.553   -16.256 1.00 40.23 ? 287 HOH A O   1 
HETATM 1387 O  O   . HOH G 5 .   ? 0.111   -23.053 -13.181 1.00 29.82 ? 288 HOH A O   1 
HETATM 1388 O  O   . HOH G 5 .   ? 14.261  18.576  -3.893  1.00 39.42 ? 289 HOH A O   1 
HETATM 1389 O  O   . HOH G 5 .   ? 4.834   -19.837 -1.682  1.00 29.74 ? 290 HOH A O   1 
HETATM 1390 O  O   . HOH G 5 .   ? -7.455  7.941   18.599  1.00 34.38 ? 291 HOH A O   1 
HETATM 1391 O  O   . HOH G 5 .   ? 13.378  1.698   -6.949  1.00 31.89 ? 292 HOH A O   1 
HETATM 1392 O  O   . HOH G 5 .   ? -9.501  6.865   16.287  1.00 40.45 ? 293 HOH A O   1 
HETATM 1393 O  O   . HOH G 5 .   ? -12.580 -3.071  -1.089  1.00 31.19 ? 294 HOH A O   1 
HETATM 1394 O  O   . HOH G 5 .   ? 7.552   0.082   -14.597 1.00 26.87 ? 295 HOH A O   1 
# 
loop_
_pdbx_poly_seq_scheme.asym_id 
_pdbx_poly_seq_scheme.entity_id 
_pdbx_poly_seq_scheme.seq_id 
_pdbx_poly_seq_scheme.mon_id 
_pdbx_poly_seq_scheme.ndb_seq_num 
_pdbx_poly_seq_scheme.pdb_seq_num 
_pdbx_poly_seq_scheme.auth_seq_num 
_pdbx_poly_seq_scheme.pdb_mon_id 
_pdbx_poly_seq_scheme.auth_mon_id 
_pdbx_poly_seq_scheme.pdb_strand_id 
_pdbx_poly_seq_scheme.pdb_ins_code 
_pdbx_poly_seq_scheme.hetero 
A 1 1   GLY 1   1   1   GLY GLY A . n 
A 1 2   LEU 2   2   2   LEU LEU A . n 
A 1 3   SER 3   3   3   SER SER A . n 
A 1 4   ASP 4   4   4   ASP ASP A . n 
A 1 5   GLY 5   5   5   GLY GLY A . n 
A 1 6   GLU 6   6   6   GLU GLU A . n 
A 1 7   TRP 7   7   7   TRP TRP A . n 
A 1 8   GLN 8   8   8   GLN GLN A . n 
A 1 9   GLN 9   9   9   GLN GLN A . n 
A 1 10  VAL 10  10  10  VAL VAL A . n 
A 1 11  LEU 11  11  11  LEU LEU A . n 
A 1 12  ASN 12  12  12  ASN ASN A . n 
A 1 13  VAL 13  13  13  VAL VAL A . n 
A 1 14  TRP 14  14  14  TRP TRP A . n 
A 1 15  GLY 15  15  15  GLY GLY A . n 
A 1 16  LYS 16  16  16  LYS LYS A . n 
A 1 17  VAL 17  17  17  VAL VAL A . n 
A 1 18  GLU 18  18  18  GLU GLU A . n 
A 1 19  ALA 19  19  19  ALA ALA A . n 
A 1 20  ASP 20  20  20  ASP ASP A . n 
A 1 21  ILE 21  21  21  ILE ILE A . n 
A 1 22  ALA 22  22  22  ALA ALA A . n 
A 1 23  GLY 23  23  23  GLY GLY A . n 
A 1 24  HIS 24  24  24  HIS HIS A . n 
A 1 25  GLY 25  25  25  GLY GLY A . n 
A 1 26  GLN 26  26  26  GLN GLN A . n 
A 1 27  GLU 27  27  27  GLU GLU A . n 
A 1 28  VAL 28  28  28  VAL VAL A . n 
A 1 29  LEU 29  29  29  LEU LEU A . n 
A 1 30  ILE 30  30  30  ILE ILE A . n 
A 1 31  ARG 31  31  31  ARG ARG A . n 
A 1 32  LEU 32  32  32  LEU LEU A . n 
A 1 33  PHE 33  33  33  PHE PHE A . n 
A 1 34  THR 34  34  34  THR THR A . n 
A 1 35  GLY 35  35  35  GLY GLY A . n 
A 1 36  HIS 36  36  36  HIS HIS A . n 
A 1 37  PRO 37  37  37  PRO PRO A . n 
A 1 38  GLU 38  38  38  GLU GLU A . n 
A 1 39  THR 39  39  39  THR THR A . n 
A 1 40  LEU 40  40  40  LEU LEU A . n 
A 1 41  GLU 41  41  41  GLU GLU A . n 
A 1 42  LYS 42  42  42  LYS LYS A . n 
A 1 43  PHE 43  43  43  PHE PHE A . n 
A 1 44  ASP 44  44  44  ASP ASP A . n 
A 1 45  LYS 45  45  45  LYS LYS A . n 
A 1 46  PHE 46  46  46  PHE PHE A . n 
A 1 47  LYS 47  47  47  LYS LYS A . n 
A 1 48  HIS 48  48  48  HIS HIS A . n 
A 1 49  LEU 49  49  49  LEU LEU A . n 
A 1 50  LYS 50  50  50  LYS LYS A . n 
A 1 51  THR 51  51  51  THR THR A . n 
A 1 52  GLU 52  52  52  GLU GLU A . n 
A 1 53  ALA 53  53  53  ALA ALA A . n 
A 1 54  GLU 54  54  54  GLU GLU A . n 
A 1 55  MET 55  55  55  MET MET A . n 
A 1 56  LYS 56  56  56  LYS LYS A . n 
A 1 57  ALA 57  57  57  ALA ALA A . n 
A 1 58  SER 58  58  58  SER SER A . n 
A 1 59  GLU 59  59  59  GLU GLU A . n 
A 1 60  ASP 60  60  60  ASP ASP A . n 
A 1 61  LEU 61  61  61  LEU LEU A . n 
A 1 62  LYS 62  62  62  LYS LYS A . n 
A 1 63  LYS 63  63  63  LYS LYS A . n 
A 1 64  HIS 64  64  64  HIS HIS A . n 
A 1 65  GLY 65  65  65  GLY GLY A . n 
A 1 66  THR 66  66  66  THR THR A . n 
A 1 67  VAL 67  67  67  VAL VAL A . n 
A 1 68  VAL 68  68  68  VAL VAL A . n 
A 1 69  LEU 69  69  69  LEU LEU A . n 
A 1 70  THR 70  70  70  THR THR A . n 
A 1 71  ALA 71  71  71  ALA ALA A . n 
A 1 72  LEU 72  72  72  LEU LEU A . n 
A 1 73  GLY 73  73  73  GLY GLY A . n 
A 1 74  GLY 74  74  74  GLY GLY A . n 
A 1 75  ILE 75  75  75  ILE ILE A . n 
A 1 76  LEU 76  76  76  LEU LEU A . n 
A 1 77  LYS 77  77  77  LYS LYS A . n 
A 1 78  LYS 78  78  78  LYS LYS A . n 
A 1 79  LYS 79  79  79  LYS LYS A . n 
A 1 80  GLY 80  80  80  GLY GLY A . n 
A 1 81  HIS 81  81  81  HIS HIS A . n 
A 1 82  HIS 82  82  82  HIS HIS A . n 
A 1 83  GLU 83  83  83  GLU GLU A . n 
A 1 84  ALA 84  84  84  ALA ALA A . n 
A 1 85  GLU 85  85  85  GLU GLU A . n 
A 1 86  LEU 86  86  86  LEU LEU A . n 
A 1 87  LYS 87  87  87  LYS LYS A . n 
A 1 88  PRO 88  88  88  PRO PRO A . n 
A 1 89  LEU 89  89  89  LEU LEU A . n 
A 1 90  ALA 90  90  90  ALA ALA A . n 
A 1 91  GLN 91  91  91  GLN GLN A . n 
A 1 92  SER 92  92  92  SER SER A . n 
A 1 93  HIS 93  93  93  HIS HIS A . n 
A 1 94  ALA 94  94  94  ALA ALA A . n 
A 1 95  THR 95  95  95  THR THR A . n 
A 1 96  LYS 96  96  96  LYS LYS A . n 
A 1 97  HIS 97  97  97  HIS HIS A . n 
A 1 98  LYS 98  98  98  LYS LYS A . n 
A 1 99  ILE 99  99  99  ILE ILE A . n 
A 1 100 PRO 100 100 100 PRO PRO A . n 
A 1 101 ILE 101 101 101 ILE ILE A . n 
A 1 102 LYS 102 102 102 LYS LYS A . n 
A 1 103 TYR 103 103 103 TYR TYR A . n 
A 1 104 LEU 104 104 104 LEU LEU A . n 
A 1 105 GLU 105 105 105 GLU GLU A . n 
A 1 106 PHE 106 106 106 PHE PHE A . n 
A 1 107 ILE 107 107 107 ILE ILE A . n 
A 1 108 SER 108 108 108 SER SER A . n 
A 1 109 ASP 109 109 109 ASP ASP A . n 
A 1 110 ALA 110 110 110 ALA ALA A . n 
A 1 111 ILE 111 111 111 ILE ILE A . n 
A 1 112 ILE 112 112 112 ILE ILE A . n 
A 1 113 HIS 113 113 113 HIS HIS A . n 
A 1 114 VAL 114 114 114 VAL VAL A . n 
A 1 115 LEU 115 115 115 LEU LEU A . n 
A 1 116 HIS 116 116 116 HIS HIS A . n 
A 1 117 SER 117 117 117 SER SER A . n 
A 1 118 LYS 118 118 118 LYS LYS A . n 
A 1 119 HIS 119 119 119 HIS HIS A . n 
A 1 120 PRO 120 120 120 PRO PRO A . n 
A 1 121 GLY 121 121 121 GLY GLY A . n 
A 1 122 ASP 122 122 122 ASP ASP A . n 
A 1 123 PHE 123 123 123 PHE PHE A . n 
A 1 124 GLY 124 124 124 GLY GLY A . n 
A 1 125 ALA 125 125 125 ALA ALA A . n 
A 1 126 ASP 126 126 126 ASP ASP A . n 
A 1 127 ALA 127 127 127 ALA ALA A . n 
A 1 128 GLN 128 128 128 GLN GLN A . n 
A 1 129 GLY 129 129 129 GLY GLY A . n 
A 1 130 ALA 130 130 130 ALA ALA A . n 
A 1 131 MET 131 131 131 MET MET A . n 
A 1 132 THR 132 132 132 THR THR A . n 
A 1 133 LYS 133 133 133 LYS LYS A . n 
A 1 134 ALA 134 134 134 ALA ALA A . n 
A 1 135 LEU 135 135 135 LEU LEU A . n 
A 1 136 GLU 136 136 136 GLU GLU A . n 
A 1 137 LEU 137 137 137 LEU LEU A . n 
A 1 138 PHE 138 138 138 PHE PHE A . n 
A 1 139 ARG 139 139 139 ARG ARG A . n 
A 1 140 ASN 140 140 140 ASN ASN A . n 
A 1 141 ASP 141 141 141 ASP ASP A . n 
A 1 142 ILE 142 142 142 ILE ILE A . n 
A 1 143 ALA 143 143 143 ALA ALA A . n 
A 1 144 ALA 144 144 144 ALA ALA A . n 
A 1 145 LYS 145 145 145 LYS LYS A . n 
A 1 146 TYR 146 146 146 TYR TYR A . n 
A 1 147 LYS 147 147 147 LYS LYS A . n 
A 1 148 GLU 148 148 148 GLU GLU A . n 
A 1 149 LEU 149 149 149 LEU LEU A . n 
A 1 150 GLY 150 150 150 GLY GLY A . n 
A 1 151 PHE 151 151 151 PHE PHE A . n 
A 1 152 GLN 152 152 152 GLN GLN A . n 
A 1 153 GLY 153 153 ?   ?   ?   A . n 
# 
loop_
_pdbx_nonpoly_scheme.asym_id 
_pdbx_nonpoly_scheme.entity_id 
_pdbx_nonpoly_scheme.mon_id 
_pdbx_nonpoly_scheme.ndb_seq_num 
_pdbx_nonpoly_scheme.pdb_seq_num 
_pdbx_nonpoly_scheme.auth_seq_num 
_pdbx_nonpoly_scheme.pdb_mon_id 
_pdbx_nonpoly_scheme.auth_mon_id 
_pdbx_nonpoly_scheme.pdb_strand_id 
_pdbx_nonpoly_scheme.pdb_ins_code 
B 2 HKL 1   154 1   HKL HKL A . 
C 3 NO2 1   155 1   NO2 NO2 A . 
D 3 NO2 1   156 2   NO2 NO2 A . 
E 4 SO4 1   157 3   SO4 SO4 A . 
F 4 SO4 1   158 4   SO4 SO4 A . 
G 5 HOH 1   159 1   HOH HOH A . 
G 5 HOH 2   160 2   HOH HOH A . 
G 5 HOH 3   161 3   HOH HOH A . 
G 5 HOH 4   162 4   HOH HOH A . 
G 5 HOH 5   163 5   HOH HOH A . 
G 5 HOH 6   164 6   HOH HOH A . 
G 5 HOH 7   165 7   HOH HOH A . 
G 5 HOH 8   166 8   HOH HOH A . 
G 5 HOH 9   167 9   HOH HOH A . 
G 5 HOH 10  168 10  HOH HOH A . 
G 5 HOH 11  169 11  HOH HOH A . 
G 5 HOH 12  170 12  HOH HOH A . 
G 5 HOH 13  171 13  HOH HOH A . 
G 5 HOH 14  172 14  HOH HOH A . 
G 5 HOH 15  173 15  HOH HOH A . 
G 5 HOH 16  174 16  HOH HOH A . 
G 5 HOH 17  175 17  HOH HOH A . 
G 5 HOH 18  176 18  HOH HOH A . 
G 5 HOH 19  177 19  HOH HOH A . 
G 5 HOH 20  178 20  HOH HOH A . 
G 5 HOH 21  179 21  HOH HOH A . 
G 5 HOH 22  180 22  HOH HOH A . 
G 5 HOH 23  181 23  HOH HOH A . 
G 5 HOH 24  182 24  HOH HOH A . 
G 5 HOH 25  183 25  HOH HOH A . 
G 5 HOH 26  184 26  HOH HOH A . 
G 5 HOH 27  185 27  HOH HOH A . 
G 5 HOH 28  186 28  HOH HOH A . 
G 5 HOH 29  187 29  HOH HOH A . 
G 5 HOH 30  188 30  HOH HOH A . 
G 5 HOH 31  189 31  HOH HOH A . 
G 5 HOH 32  190 32  HOH HOH A . 
G 5 HOH 33  191 33  HOH HOH A . 
G 5 HOH 34  192 34  HOH HOH A . 
G 5 HOH 35  193 35  HOH HOH A . 
G 5 HOH 36  194 36  HOH HOH A . 
G 5 HOH 37  195 37  HOH HOH A . 
G 5 HOH 38  196 38  HOH HOH A . 
G 5 HOH 39  197 39  HOH HOH A . 
G 5 HOH 40  198 40  HOH HOH A . 
G 5 HOH 41  199 41  HOH HOH A . 
G 5 HOH 42  200 42  HOH HOH A . 
G 5 HOH 43  201 43  HOH HOH A . 
G 5 HOH 44  202 44  HOH HOH A . 
G 5 HOH 45  203 45  HOH HOH A . 
G 5 HOH 46  204 46  HOH HOH A . 
G 5 HOH 47  205 47  HOH HOH A . 
G 5 HOH 48  206 48  HOH HOH A . 
G 5 HOH 49  207 49  HOH HOH A . 
G 5 HOH 50  208 50  HOH HOH A . 
G 5 HOH 51  209 51  HOH HOH A . 
G 5 HOH 52  210 52  HOH HOH A . 
G 5 HOH 53  211 53  HOH HOH A . 
G 5 HOH 54  212 54  HOH HOH A . 
G 5 HOH 55  213 55  HOH HOH A . 
G 5 HOH 56  214 56  HOH HOH A . 
G 5 HOH 57  215 57  HOH HOH A . 
G 5 HOH 58  216 58  HOH HOH A . 
G 5 HOH 59  217 59  HOH HOH A . 
G 5 HOH 60  218 60  HOH HOH A . 
G 5 HOH 61  219 61  HOH HOH A . 
G 5 HOH 62  220 62  HOH HOH A . 
G 5 HOH 63  221 63  HOH HOH A . 
G 5 HOH 64  222 64  HOH HOH A . 
G 5 HOH 65  223 65  HOH HOH A . 
G 5 HOH 66  224 66  HOH HOH A . 
G 5 HOH 67  225 67  HOH HOH A . 
G 5 HOH 68  226 68  HOH HOH A . 
G 5 HOH 69  227 69  HOH HOH A . 
G 5 HOH 70  228 70  HOH HOH A . 
G 5 HOH 71  229 71  HOH HOH A . 
G 5 HOH 72  230 72  HOH HOH A . 
G 5 HOH 73  231 73  HOH HOH A . 
G 5 HOH 74  232 74  HOH HOH A . 
G 5 HOH 75  233 75  HOH HOH A . 
G 5 HOH 76  234 76  HOH HOH A . 
G 5 HOH 77  235 77  HOH HOH A . 
G 5 HOH 78  236 78  HOH HOH A . 
G 5 HOH 79  237 79  HOH HOH A . 
G 5 HOH 80  238 80  HOH HOH A . 
G 5 HOH 81  239 81  HOH HOH A . 
G 5 HOH 82  240 82  HOH HOH A . 
G 5 HOH 83  241 83  HOH HOH A . 
G 5 HOH 84  242 84  HOH HOH A . 
G 5 HOH 85  243 85  HOH HOH A . 
G 5 HOH 86  244 86  HOH HOH A . 
G 5 HOH 87  245 87  HOH HOH A . 
G 5 HOH 88  246 88  HOH HOH A . 
G 5 HOH 89  247 89  HOH HOH A . 
G 5 HOH 90  248 90  HOH HOH A . 
G 5 HOH 91  249 91  HOH HOH A . 
G 5 HOH 92  250 92  HOH HOH A . 
G 5 HOH 93  251 93  HOH HOH A . 
G 5 HOH 94  252 94  HOH HOH A . 
G 5 HOH 95  253 95  HOH HOH A . 
G 5 HOH 96  254 96  HOH HOH A . 
G 5 HOH 97  255 97  HOH HOH A . 
G 5 HOH 98  256 98  HOH HOH A . 
G 5 HOH 99  257 99  HOH HOH A . 
G 5 HOH 100 258 100 HOH HOH A . 
G 5 HOH 101 259 101 HOH HOH A . 
G 5 HOH 102 260 102 HOH HOH A . 
G 5 HOH 103 261 103 HOH HOH A . 
G 5 HOH 104 262 104 HOH HOH A . 
G 5 HOH 105 263 105 HOH HOH A . 
G 5 HOH 106 264 106 HOH HOH A . 
G 5 HOH 107 265 107 HOH HOH A . 
G 5 HOH 108 266 108 HOH HOH A . 
G 5 HOH 109 267 109 HOH HOH A . 
G 5 HOH 110 268 110 HOH HOH A . 
G 5 HOH 111 269 111 HOH HOH A . 
G 5 HOH 112 270 112 HOH HOH A . 
G 5 HOH 113 271 113 HOH HOH A . 
G 5 HOH 114 272 114 HOH HOH A . 
G 5 HOH 115 273 115 HOH HOH A . 
G 5 HOH 116 274 116 HOH HOH A . 
G 5 HOH 117 275 117 HOH HOH A . 
G 5 HOH 118 276 118 HOH HOH A . 
G 5 HOH 119 277 119 HOH HOH A . 
G 5 HOH 120 278 120 HOH HOH A . 
G 5 HOH 121 279 121 HOH HOH A . 
G 5 HOH 122 280 122 HOH HOH A . 
G 5 HOH 123 281 123 HOH HOH A . 
G 5 HOH 124 282 124 HOH HOH A . 
G 5 HOH 125 283 125 HOH HOH A . 
G 5 HOH 126 284 126 HOH HOH A . 
G 5 HOH 127 285 127 HOH HOH A . 
G 5 HOH 128 286 128 HOH HOH A . 
G 5 HOH 129 287 129 HOH HOH A . 
G 5 HOH 130 288 130 HOH HOH A . 
G 5 HOH 131 289 131 HOH HOH A . 
G 5 HOH 132 290 132 HOH HOH A . 
G 5 HOH 133 291 133 HOH HOH A . 
G 5 HOH 134 292 134 HOH HOH A . 
G 5 HOH 135 293 135 HOH HOH A . 
G 5 HOH 136 294 136 HOH HOH A . 
G 5 HOH 137 295 137 HOH HOH A . 
# 
_pdbx_struct_assembly.id                   1 
_pdbx_struct_assembly.details              author_and_software_defined_assembly 
_pdbx_struct_assembly.method_details       PISA 
_pdbx_struct_assembly.oligomeric_details   monomeric 
_pdbx_struct_assembly.oligomeric_count     1 
# 
_pdbx_struct_assembly_gen.assembly_id       1 
_pdbx_struct_assembly_gen.oper_expression   1 
_pdbx_struct_assembly_gen.asym_id_list      A,B,C,D,E,F,G 
# 
_pdbx_struct_oper_list.id                   1 
_pdbx_struct_oper_list.type                 'identity operation' 
_pdbx_struct_oper_list.name                 1_555 
_pdbx_struct_oper_list.symmetry_operation   x,y,z 
_pdbx_struct_oper_list.matrix[1][1]         1.0000000000 
_pdbx_struct_oper_list.matrix[1][2]         0.0000000000 
_pdbx_struct_oper_list.matrix[1][3]         0.0000000000 
_pdbx_struct_oper_list.vector[1]            0.0000000000 
_pdbx_struct_oper_list.matrix[2][1]         0.0000000000 
_pdbx_struct_oper_list.matrix[2][2]         1.0000000000 
_pdbx_struct_oper_list.matrix[2][3]         0.0000000000 
_pdbx_struct_oper_list.vector[2]            0.0000000000 
_pdbx_struct_oper_list.matrix[3][1]         0.0000000000 
_pdbx_struct_oper_list.matrix[3][2]         0.0000000000 
_pdbx_struct_oper_list.matrix[3][3]         1.0000000000 
_pdbx_struct_oper_list.vector[3]            0.0000000000 
# 
loop_
_pdbx_struct_conn_angle.id 
_pdbx_struct_conn_angle.ptnr1_label_atom_id 
_pdbx_struct_conn_angle.ptnr1_label_alt_id 
_pdbx_struct_conn_angle.ptnr1_label_asym_id 
_pdbx_struct_conn_angle.ptnr1_label_comp_id 
_pdbx_struct_conn_angle.ptnr1_label_seq_id 
_pdbx_struct_conn_angle.ptnr1_auth_atom_id 
_pdbx_struct_conn_angle.ptnr1_auth_asym_id 
_pdbx_struct_conn_angle.ptnr1_auth_comp_id 
_pdbx_struct_conn_angle.ptnr1_auth_seq_id 
_pdbx_struct_conn_angle.ptnr1_PDB_ins_code 
_pdbx_struct_conn_angle.ptnr1_symmetry 
_pdbx_struct_conn_angle.ptnr2_label_atom_id 
_pdbx_struct_conn_angle.ptnr2_label_alt_id 
_pdbx_struct_conn_angle.ptnr2_label_asym_id 
_pdbx_struct_conn_angle.ptnr2_label_comp_id 
_pdbx_struct_conn_angle.ptnr2_label_seq_id 
_pdbx_struct_conn_angle.ptnr2_auth_atom_id 
_pdbx_struct_conn_angle.ptnr2_auth_asym_id 
_pdbx_struct_conn_angle.ptnr2_auth_comp_id 
_pdbx_struct_conn_angle.ptnr2_auth_seq_id 
_pdbx_struct_conn_angle.ptnr2_PDB_ins_code 
_pdbx_struct_conn_angle.ptnr2_symmetry 
_pdbx_struct_conn_angle.ptnr3_label_atom_id 
_pdbx_struct_conn_angle.ptnr3_label_alt_id 
_pdbx_struct_conn_angle.ptnr3_label_asym_id 
_pdbx_struct_conn_angle.ptnr3_label_comp_id 
_pdbx_struct_conn_angle.ptnr3_label_seq_id 
_pdbx_struct_conn_angle.ptnr3_auth_atom_id 
_pdbx_struct_conn_angle.ptnr3_auth_asym_id 
_pdbx_struct_conn_angle.ptnr3_auth_comp_id 
_pdbx_struct_conn_angle.ptnr3_auth_seq_id 
_pdbx_struct_conn_angle.ptnr3_PDB_ins_code 
_pdbx_struct_conn_angle.ptnr3_symmetry 
_pdbx_struct_conn_angle.value 
_pdbx_struct_conn_angle.value_esd 
1  NE2 ? A HIS 93 ? A HIS 93  ? 1_555 FE ? B HKL . ? A HKL 154 ? 1_555 N1 ? B HKL . ? A HKL 154 ? 1_555 94.1  ? 
2  NE2 ? A HIS 93 ? A HIS 93  ? 1_555 FE ? B HKL . ? A HKL 154 ? 1_555 N2 ? B HKL . ? A HKL 154 ? 1_555 90.3  ? 
3  N1  ? B HKL .  ? A HKL 154 ? 1_555 FE ? B HKL . ? A HKL 154 ? 1_555 N2 ? B HKL . ? A HKL 154 ? 1_555 91.6  ? 
4  NE2 ? A HIS 93 ? A HIS 93  ? 1_555 FE ? B HKL . ? A HKL 154 ? 1_555 N3 ? B HKL . ? A HKL 154 ? 1_555 88.3  ? 
5  N1  ? B HKL .  ? A HKL 154 ? 1_555 FE ? B HKL . ? A HKL 154 ? 1_555 N3 ? B HKL . ? A HKL 154 ? 1_555 177.4 ? 
6  N2  ? B HKL .  ? A HKL 154 ? 1_555 FE ? B HKL . ? A HKL 154 ? 1_555 N3 ? B HKL . ? A HKL 154 ? 1_555 87.4  ? 
7  NE2 ? A HIS 93 ? A HIS 93  ? 1_555 FE ? B HKL . ? A HKL 154 ? 1_555 N4 ? B HKL . ? A HKL 154 ? 1_555 91.4  ? 
8  N1  ? B HKL .  ? A HKL 154 ? 1_555 FE ? B HKL . ? A HKL 154 ? 1_555 N4 ? B HKL . ? A HKL 154 ? 1_555 88.3  ? 
9  N2  ? B HKL .  ? A HKL 154 ? 1_555 FE ? B HKL . ? A HKL 154 ? 1_555 N4 ? B HKL . ? A HKL 154 ? 1_555 178.3 ? 
10 N3  ? B HKL .  ? A HKL 154 ? 1_555 FE ? B HKL . ? A HKL 154 ? 1_555 N4 ? B HKL . ? A HKL 154 ? 1_555 92.6  ? 
11 NE2 ? A HIS 93 ? A HIS 93  ? 1_555 FE ? B HKL . ? A HKL 154 ? 1_555 N  ? C NO2 . ? A NO2 155 ? 1_555 172.4 ? 
12 N1  ? B HKL .  ? A HKL 154 ? 1_555 FE ? B HKL . ? A HKL 154 ? 1_555 N  ? C NO2 . ? A NO2 155 ? 1_555 90.8  ? 
13 N2  ? B HKL .  ? A HKL 154 ? 1_555 FE ? B HKL . ? A HKL 154 ? 1_555 N  ? C NO2 . ? A NO2 155 ? 1_555 83.7  ? 
14 N3  ? B HKL .  ? A HKL 154 ? 1_555 FE ? B HKL . ? A HKL 154 ? 1_555 N  ? C NO2 . ? A NO2 155 ? 1_555 86.7  ? 
15 N4  ? B HKL .  ? A HKL 154 ? 1_555 FE ? B HKL . ? A HKL 154 ? 1_555 N  ? C NO2 . ? A NO2 155 ? 1_555 94.6  ? 
# 
loop_
_pdbx_audit_revision_history.ordinal 
_pdbx_audit_revision_history.data_content_type 
_pdbx_audit_revision_history.major_revision 
_pdbx_audit_revision_history.minor_revision 
_pdbx_audit_revision_history.revision_date 
1 'Structure model' 1 0 2012-11-21 
2 'Structure model' 1 1 2023-11-08 
# 
_pdbx_audit_revision_details.ordinal             1 
_pdbx_audit_revision_details.revision_ordinal    1 
_pdbx_audit_revision_details.data_content_type   'Structure model' 
_pdbx_audit_revision_details.provider            repository 
_pdbx_audit_revision_details.type                'Initial release' 
_pdbx_audit_revision_details.description         ? 
_pdbx_audit_revision_details.details             ? 
# 
loop_
_pdbx_audit_revision_group.ordinal 
_pdbx_audit_revision_group.revision_ordinal 
_pdbx_audit_revision_group.data_content_type 
_pdbx_audit_revision_group.group 
1 2 'Structure model' 'Data collection'        
2 2 'Structure model' 'Database references'    
3 2 'Structure model' 'Derived calculations'   
4 2 'Structure model' 'Refinement description' 
# 
loop_
_pdbx_audit_revision_category.ordinal 
_pdbx_audit_revision_category.revision_ordinal 
_pdbx_audit_revision_category.data_content_type 
_pdbx_audit_revision_category.category 
1 2 'Structure model' chem_comp_atom                
2 2 'Structure model' chem_comp_bond                
3 2 'Structure model' database_2                    
4 2 'Structure model' pdbx_initial_refinement_model 
5 2 'Structure model' pdbx_struct_conn_angle        
6 2 'Structure model' pdbx_validate_chiral          
7 2 'Structure model' struct_conn                   
8 2 'Structure model' struct_site                   
# 
loop_
_pdbx_audit_revision_item.ordinal 
_pdbx_audit_revision_item.revision_ordinal 
_pdbx_audit_revision_item.data_content_type 
_pdbx_audit_revision_item.item 
1  2 'Structure model' '_database_2.pdbx_DOI'                        
2  2 'Structure model' '_database_2.pdbx_database_accession'         
3  2 'Structure model' '_pdbx_struct_conn_angle.ptnr1_auth_comp_id'  
4  2 'Structure model' '_pdbx_struct_conn_angle.ptnr1_auth_seq_id'   
5  2 'Structure model' '_pdbx_struct_conn_angle.ptnr1_label_asym_id' 
6  2 'Structure model' '_pdbx_struct_conn_angle.ptnr1_label_atom_id' 
7  2 'Structure model' '_pdbx_struct_conn_angle.ptnr1_label_comp_id' 
8  2 'Structure model' '_pdbx_struct_conn_angle.ptnr1_label_seq_id'  
9  2 'Structure model' '_pdbx_struct_conn_angle.ptnr3_auth_comp_id'  
10 2 'Structure model' '_pdbx_struct_conn_angle.ptnr3_auth_seq_id'   
11 2 'Structure model' '_pdbx_struct_conn_angle.ptnr3_label_asym_id' 
12 2 'Structure model' '_pdbx_struct_conn_angle.ptnr3_label_atom_id' 
13 2 'Structure model' '_pdbx_struct_conn_angle.ptnr3_label_comp_id' 
14 2 'Structure model' '_pdbx_struct_conn_angle.ptnr3_label_seq_id'  
15 2 'Structure model' '_pdbx_struct_conn_angle.value'               
16 2 'Structure model' '_struct_conn.pdbx_dist_value'                
17 2 'Structure model' '_struct_conn.ptnr1_auth_comp_id'             
18 2 'Structure model' '_struct_conn.ptnr1_auth_seq_id'              
19 2 'Structure model' '_struct_conn.ptnr1_label_asym_id'            
20 2 'Structure model' '_struct_conn.ptnr1_label_atom_id'            
21 2 'Structure model' '_struct_conn.ptnr1_label_comp_id'            
22 2 'Structure model' '_struct_conn.ptnr1_label_seq_id'             
23 2 'Structure model' '_struct_conn.ptnr2_auth_comp_id'             
24 2 'Structure model' '_struct_conn.ptnr2_auth_seq_id'              
25 2 'Structure model' '_struct_conn.ptnr2_label_asym_id'            
26 2 'Structure model' '_struct_conn.ptnr2_label_atom_id'            
27 2 'Structure model' '_struct_conn.ptnr2_label_comp_id'            
28 2 'Structure model' '_struct_site.pdbx_auth_asym_id'              
29 2 'Structure model' '_struct_site.pdbx_auth_comp_id'              
30 2 'Structure model' '_struct_site.pdbx_auth_seq_id'               
# 
loop_
_software.name 
_software.classification 
_software.version 
_software.citation_id 
_software.pdbx_ordinal 
CrystalClear 'data collection' .        ? 1 
PHASER       phasing           .        ? 2 
REFMAC       refinement        5.5.0109 ? 3 
d*TREK       'data reduction'  .        ? 4 
d*TREK       'data scaling'    .        ? 5 
# 
_pdbx_validate_close_contact.id               1 
_pdbx_validate_close_contact.PDB_model_num    1 
_pdbx_validate_close_contact.auth_atom_id_1   O 
_pdbx_validate_close_contact.auth_asym_id_1   A 
_pdbx_validate_close_contact.auth_comp_id_1   HOH 
_pdbx_validate_close_contact.auth_seq_id_1    220 
_pdbx_validate_close_contact.PDB_ins_code_1   ? 
_pdbx_validate_close_contact.label_alt_id_1   ? 
_pdbx_validate_close_contact.auth_atom_id_2   O 
_pdbx_validate_close_contact.auth_asym_id_2   A 
_pdbx_validate_close_contact.auth_comp_id_2   HOH 
_pdbx_validate_close_contact.auth_seq_id_2    228 
_pdbx_validate_close_contact.PDB_ins_code_2   ? 
_pdbx_validate_close_contact.label_alt_id_2   ? 
_pdbx_validate_close_contact.dist             1.95 
# 
_pdbx_validate_rmsd_angle.id                         1 
_pdbx_validate_rmsd_angle.PDB_model_num              1 
_pdbx_validate_rmsd_angle.auth_atom_id_1             CB 
_pdbx_validate_rmsd_angle.auth_asym_id_1             A 
_pdbx_validate_rmsd_angle.auth_comp_id_1             ASP 
_pdbx_validate_rmsd_angle.auth_seq_id_1              126 
_pdbx_validate_rmsd_angle.PDB_ins_code_1             ? 
_pdbx_validate_rmsd_angle.label_alt_id_1             ? 
_pdbx_validate_rmsd_angle.auth_atom_id_2             CG 
_pdbx_validate_rmsd_angle.auth_asym_id_2             A 
_pdbx_validate_rmsd_angle.auth_comp_id_2             ASP 
_pdbx_validate_rmsd_angle.auth_seq_id_2              126 
_pdbx_validate_rmsd_angle.PDB_ins_code_2             ? 
_pdbx_validate_rmsd_angle.label_alt_id_2             ? 
_pdbx_validate_rmsd_angle.auth_atom_id_3             OD1 
_pdbx_validate_rmsd_angle.auth_asym_id_3             A 
_pdbx_validate_rmsd_angle.auth_comp_id_3             ASP 
_pdbx_validate_rmsd_angle.auth_seq_id_3              126 
_pdbx_validate_rmsd_angle.PDB_ins_code_3             ? 
_pdbx_validate_rmsd_angle.label_alt_id_3             ? 
_pdbx_validate_rmsd_angle.angle_value                123.93 
_pdbx_validate_rmsd_angle.angle_target_value         118.30 
_pdbx_validate_rmsd_angle.angle_deviation            5.63 
_pdbx_validate_rmsd_angle.angle_standard_deviation   0.90 
_pdbx_validate_rmsd_angle.linker_flag                N 
# 
loop_
_pdbx_validate_torsion.id 
_pdbx_validate_torsion.PDB_model_num 
_pdbx_validate_torsion.auth_comp_id 
_pdbx_validate_torsion.auth_asym_id 
_pdbx_validate_torsion.auth_seq_id 
_pdbx_validate_torsion.PDB_ins_code 
_pdbx_validate_torsion.label_alt_id 
_pdbx_validate_torsion.phi 
_pdbx_validate_torsion.psi 
1 1 ASP A 20  ? ? -163.35 70.60 
2 1 PHE A 123 ? ? -142.92 49.35 
# 
_pdbx_validate_peptide_omega.id               1 
_pdbx_validate_peptide_omega.PDB_model_num    1 
_pdbx_validate_peptide_omega.auth_comp_id_1   PHE 
_pdbx_validate_peptide_omega.auth_asym_id_1   A 
_pdbx_validate_peptide_omega.auth_seq_id_1    151 
_pdbx_validate_peptide_omega.PDB_ins_code_1   ? 
_pdbx_validate_peptide_omega.label_alt_id_1   ? 
_pdbx_validate_peptide_omega.auth_comp_id_2   GLN 
_pdbx_validate_peptide_omega.auth_asym_id_2   A 
_pdbx_validate_peptide_omega.auth_seq_id_2    152 
_pdbx_validate_peptide_omega.PDB_ins_code_2   ? 
_pdbx_validate_peptide_omega.label_alt_id_2   ? 
_pdbx_validate_peptide_omega.omega            -30.69 
# 
_pdbx_validate_chiral.id              1 
_pdbx_validate_chiral.PDB_model_num   1 
_pdbx_validate_chiral.auth_atom_id    N3 
_pdbx_validate_chiral.label_alt_id    ? 
_pdbx_validate_chiral.auth_asym_id    A 
_pdbx_validate_chiral.auth_comp_id    HKL 
_pdbx_validate_chiral.auth_seq_id     154 
_pdbx_validate_chiral.PDB_ins_code    ? 
_pdbx_validate_chiral.details         PLANAR 
_pdbx_validate_chiral.omega           . 
# 
_pdbx_unobs_or_zero_occ_residues.id               1 
_pdbx_unobs_or_zero_occ_residues.PDB_model_num    1 
_pdbx_unobs_or_zero_occ_residues.polymer_flag     Y 
_pdbx_unobs_or_zero_occ_residues.occupancy_flag   1 
_pdbx_unobs_or_zero_occ_residues.auth_asym_id     A 
_pdbx_unobs_or_zero_occ_residues.auth_comp_id     GLY 
_pdbx_unobs_or_zero_occ_residues.auth_seq_id      153 
_pdbx_unobs_or_zero_occ_residues.PDB_ins_code     ? 
_pdbx_unobs_or_zero_occ_residues.label_asym_id    A 
_pdbx_unobs_or_zero_occ_residues.label_comp_id    GLY 
_pdbx_unobs_or_zero_occ_residues.label_seq_id     153 
# 
loop_
_chem_comp_atom.comp_id 
_chem_comp_atom.atom_id 
_chem_comp_atom.type_symbol 
_chem_comp_atom.pdbx_aromatic_flag 
_chem_comp_atom.pdbx_stereo_config 
_chem_comp_atom.pdbx_ordinal 
ALA N    N  N N 1   
ALA CA   C  N S 2   
ALA C    C  N N 3   
ALA O    O  N N 4   
ALA CB   C  N N 5   
ALA OXT  O  N N 6   
ALA H    H  N N 7   
ALA H2   H  N N 8   
ALA HA   H  N N 9   
ALA HB1  H  N N 10  
ALA HB2  H  N N 11  
ALA HB3  H  N N 12  
ALA HXT  H  N N 13  
ARG N    N  N N 14  
ARG CA   C  N S 15  
ARG C    C  N N 16  
ARG O    O  N N 17  
ARG CB   C  N N 18  
ARG CG   C  N N 19  
ARG CD   C  N N 20  
ARG NE   N  N N 21  
ARG CZ   C  N N 22  
ARG NH1  N  N N 23  
ARG NH2  N  N N 24  
ARG OXT  O  N N 25  
ARG H    H  N N 26  
ARG H2   H  N N 27  
ARG HA   H  N N 28  
ARG HB2  H  N N 29  
ARG HB3  H  N N 30  
ARG HG2  H  N N 31  
ARG HG3  H  N N 32  
ARG HD2  H  N N 33  
ARG HD3  H  N N 34  
ARG HE   H  N N 35  
ARG HH11 H  N N 36  
ARG HH12 H  N N 37  
ARG HH21 H  N N 38  
ARG HH22 H  N N 39  
ARG HXT  H  N N 40  
ASN N    N  N N 41  
ASN CA   C  N S 42  
ASN C    C  N N 43  
ASN O    O  N N 44  
ASN CB   C  N N 45  
ASN CG   C  N N 46  
ASN OD1  O  N N 47  
ASN ND2  N  N N 48  
ASN OXT  O  N N 49  
ASN H    H  N N 50  
ASN H2   H  N N 51  
ASN HA   H  N N 52  
ASN HB2  H  N N 53  
ASN HB3  H  N N 54  
ASN HD21 H  N N 55  
ASN HD22 H  N N 56  
ASN HXT  H  N N 57  
ASP N    N  N N 58  
ASP CA   C  N S 59  
ASP C    C  N N 60  
ASP O    O  N N 61  
ASP CB   C  N N 62  
ASP CG   C  N N 63  
ASP OD1  O  N N 64  
ASP OD2  O  N N 65  
ASP OXT  O  N N 66  
ASP H    H  N N 67  
ASP H2   H  N N 68  
ASP HA   H  N N 69  
ASP HB2  H  N N 70  
ASP HB3  H  N N 71  
ASP HD2  H  N N 72  
ASP HXT  H  N N 73  
GLN N    N  N N 74  
GLN CA   C  N S 75  
GLN C    C  N N 76  
GLN O    O  N N 77  
GLN CB   C  N N 78  
GLN CG   C  N N 79  
GLN CD   C  N N 80  
GLN OE1  O  N N 81  
GLN NE2  N  N N 82  
GLN OXT  O  N N 83  
GLN H    H  N N 84  
GLN H2   H  N N 85  
GLN HA   H  N N 86  
GLN HB2  H  N N 87  
GLN HB3  H  N N 88  
GLN HG2  H  N N 89  
GLN HG3  H  N N 90  
GLN HE21 H  N N 91  
GLN HE22 H  N N 92  
GLN HXT  H  N N 93  
GLU N    N  N N 94  
GLU CA   C  N S 95  
GLU C    C  N N 96  
GLU O    O  N N 97  
GLU CB   C  N N 98  
GLU CG   C  N N 99  
GLU CD   C  N N 100 
GLU OE1  O  N N 101 
GLU OE2  O  N N 102 
GLU OXT  O  N N 103 
GLU H    H  N N 104 
GLU H2   H  N N 105 
GLU HA   H  N N 106 
GLU HB2  H  N N 107 
GLU HB3  H  N N 108 
GLU HG2  H  N N 109 
GLU HG3  H  N N 110 
GLU HE2  H  N N 111 
GLU HXT  H  N N 112 
GLY N    N  N N 113 
GLY CA   C  N N 114 
GLY C    C  N N 115 
GLY O    O  N N 116 
GLY OXT  O  N N 117 
GLY H    H  N N 118 
GLY H2   H  N N 119 
GLY HA2  H  N N 120 
GLY HA3  H  N N 121 
GLY HXT  H  N N 122 
HIS N    N  N N 123 
HIS CA   C  N S 124 
HIS C    C  N N 125 
HIS O    O  N N 126 
HIS CB   C  N N 127 
HIS CG   C  Y N 128 
HIS ND1  N  Y N 129 
HIS CD2  C  Y N 130 
HIS CE1  C  Y N 131 
HIS NE2  N  Y N 132 
HIS OXT  O  N N 133 
HIS H    H  N N 134 
HIS H2   H  N N 135 
HIS HA   H  N N 136 
HIS HB2  H  N N 137 
HIS HB3  H  N N 138 
HIS HD1  H  N N 139 
HIS HD2  H  N N 140 
HIS HE1  H  N N 141 
HIS HE2  H  N N 142 
HIS HXT  H  N N 143 
HKL N1   N  Y N 144 
HKL C1   C  Y N 145 
HKL C2   C  Y N 146 
HKL C7   C  Y N 147 
HKL C6   C  N N 148 
HKL C5   C  N N 149 
HKL C4   C  Y N 150 
HKL C3   C  N N 151 
HKL N2   N  N N 152 
HKL O1   O  N N 153 
HKL C21  C  N N 154 
HKL C20  C  N N 155 
HKL C23  C  N N 156 
HKL C24  C  N N 157 
HKL C22  C  N N 158 
HKL C18  C  N N 159 
HKL C19  C  N N 160 
HKL C17  C  N N 161 
HKL N3   N  N R 162 
HKL C16  C  N N 163 
HKL C15  C  N N 164 
HKL C12  C  N N 165 
HKL C13  C  N N 166 
HKL C14  C  N N 167 
HKL C10  C  N N 168 
HKL C11  C  N N 169 
HKL C9   C  N N 170 
HKL C8   C  N N 171 
HKL C34  C  N N 172 
HKL FE   FE N N 173 
HKL N4   N  N N 174 
HKL C25  C  N N 175 
HKL C33  C  N N 176 
HKL C31  C  N S 177 
HKL C32  C  N N 178 
HKL C26  C  N S 179 
HKL C27  C  N N 180 
HKL C28  C  N N 181 
HKL C29  C  N N 182 
HKL O4   O  N N 183 
HKL O2   O  N N 184 
HKL C30  C  N N 185 
HKL H6   H  N N 186 
HKL H6A  H  N N 187 
HKL H5   H  N N 188 
HKL H3   H  N N 189 
HKL H3A  H  N N 190 
HKL H3B  H  N N 191 
HKL H22  H  N N 192 
HKL H22A H  N N 193 
HKL H19  H  N N 194 
HKL H19A H  N N 195 
HKL H19B H  N N 196 
HKL H16  H  N N 197 
HKL H13  H  N N 198 
HKL H13A H  N N 199 
HKL H14  H  N N 200 
HKL H14A H  N N 201 
HKL H14B H  N N 202 
HKL H11  H  N N 203 
HKL H11A H  N N 204 
HKL H11B H  N N 205 
HKL H8   H  N N 206 
HKL H34  H  N N 207 
HKL H32  H  N N 208 
HKL H32A H  N N 209 
HKL H32B H  N N 210 
HKL H27  H  N N 211 
HKL H27A H  N N 212 
HKL H28  H  N N 213 
HKL H28A H  N N 214 
HKL H30  H  N N 215 
HKL H30A H  N N 216 
HKL H30B H  N N 217 
HKL H33  H  N N 218 
HKL H341 H  N N 219 
HOH O    O  N N 220 
HOH H1   H  N N 221 
HOH H2   H  N N 222 
ILE N    N  N N 223 
ILE CA   C  N S 224 
ILE C    C  N N 225 
ILE O    O  N N 226 
ILE CB   C  N S 227 
ILE CG1  C  N N 228 
ILE CG2  C  N N 229 
ILE CD1  C  N N 230 
ILE OXT  O  N N 231 
ILE H    H  N N 232 
ILE H2   H  N N 233 
ILE HA   H  N N 234 
ILE HB   H  N N 235 
ILE HG12 H  N N 236 
ILE HG13 H  N N 237 
ILE HG21 H  N N 238 
ILE HG22 H  N N 239 
ILE HG23 H  N N 240 
ILE HD11 H  N N 241 
ILE HD12 H  N N 242 
ILE HD13 H  N N 243 
ILE HXT  H  N N 244 
LEU N    N  N N 245 
LEU CA   C  N S 246 
LEU C    C  N N 247 
LEU O    O  N N 248 
LEU CB   C  N N 249 
LEU CG   C  N N 250 
LEU CD1  C  N N 251 
LEU CD2  C  N N 252 
LEU OXT  O  N N 253 
LEU H    H  N N 254 
LEU H2   H  N N 255 
LEU HA   H  N N 256 
LEU HB2  H  N N 257 
LEU HB3  H  N N 258 
LEU HG   H  N N 259 
LEU HD11 H  N N 260 
LEU HD12 H  N N 261 
LEU HD13 H  N N 262 
LEU HD21 H  N N 263 
LEU HD22 H  N N 264 
LEU HD23 H  N N 265 
LEU HXT  H  N N 266 
LYS N    N  N N 267 
LYS CA   C  N S 268 
LYS C    C  N N 269 
LYS O    O  N N 270 
LYS CB   C  N N 271 
LYS CG   C  N N 272 
LYS CD   C  N N 273 
LYS CE   C  N N 274 
LYS NZ   N  N N 275 
LYS OXT  O  N N 276 
LYS H    H  N N 277 
LYS H2   H  N N 278 
LYS HA   H  N N 279 
LYS HB2  H  N N 280 
LYS HB3  H  N N 281 
LYS HG2  H  N N 282 
LYS HG3  H  N N 283 
LYS HD2  H  N N 284 
LYS HD3  H  N N 285 
LYS HE2  H  N N 286 
LYS HE3  H  N N 287 
LYS HZ1  H  N N 288 
LYS HZ2  H  N N 289 
LYS HZ3  H  N N 290 
LYS HXT  H  N N 291 
MET N    N  N N 292 
MET CA   C  N S 293 
MET C    C  N N 294 
MET O    O  N N 295 
MET CB   C  N N 296 
MET CG   C  N N 297 
MET SD   S  N N 298 
MET CE   C  N N 299 
MET OXT  O  N N 300 
MET H    H  N N 301 
MET H2   H  N N 302 
MET HA   H  N N 303 
MET HB2  H  N N 304 
MET HB3  H  N N 305 
MET HG2  H  N N 306 
MET HG3  H  N N 307 
MET HE1  H  N N 308 
MET HE2  H  N N 309 
MET HE3  H  N N 310 
MET HXT  H  N N 311 
NO2 N    N  N N 312 
NO2 O1   O  N N 313 
NO2 O2   O  N N 314 
PHE N    N  N N 315 
PHE CA   C  N S 316 
PHE C    C  N N 317 
PHE O    O  N N 318 
PHE CB   C  N N 319 
PHE CG   C  Y N 320 
PHE CD1  C  Y N 321 
PHE CD2  C  Y N 322 
PHE CE1  C  Y N 323 
PHE CE2  C  Y N 324 
PHE CZ   C  Y N 325 
PHE OXT  O  N N 326 
PHE H    H  N N 327 
PHE H2   H  N N 328 
PHE HA   H  N N 329 
PHE HB2  H  N N 330 
PHE HB3  H  N N 331 
PHE HD1  H  N N 332 
PHE HD2  H  N N 333 
PHE HE1  H  N N 334 
PHE HE2  H  N N 335 
PHE HZ   H  N N 336 
PHE HXT  H  N N 337 
PRO N    N  N N 338 
PRO CA   C  N S 339 
PRO C    C  N N 340 
PRO O    O  N N 341 
PRO CB   C  N N 342 
PRO CG   C  N N 343 
PRO CD   C  N N 344 
PRO OXT  O  N N 345 
PRO H    H  N N 346 
PRO HA   H  N N 347 
PRO HB2  H  N N 348 
PRO HB3  H  N N 349 
PRO HG2  H  N N 350 
PRO HG3  H  N N 351 
PRO HD2  H  N N 352 
PRO HD3  H  N N 353 
PRO HXT  H  N N 354 
SER N    N  N N 355 
SER CA   C  N S 356 
SER C    C  N N 357 
SER O    O  N N 358 
SER CB   C  N N 359 
SER OG   O  N N 360 
SER OXT  O  N N 361 
SER H    H  N N 362 
SER H2   H  N N 363 
SER HA   H  N N 364 
SER HB2  H  N N 365 
SER HB3  H  N N 366 
SER HG   H  N N 367 
SER HXT  H  N N 368 
SO4 S    S  N N 369 
SO4 O1   O  N N 370 
SO4 O2   O  N N 371 
SO4 O3   O  N N 372 
SO4 O4   O  N N 373 
THR N    N  N N 374 
THR CA   C  N S 375 
THR C    C  N N 376 
THR O    O  N N 377 
THR CB   C  N R 378 
THR OG1  O  N N 379 
THR CG2  C  N N 380 
THR OXT  O  N N 381 
THR H    H  N N 382 
THR H2   H  N N 383 
THR HA   H  N N 384 
THR HB   H  N N 385 
THR HG1  H  N N 386 
THR HG21 H  N N 387 
THR HG22 H  N N 388 
THR HG23 H  N N 389 
THR HXT  H  N N 390 
TRP N    N  N N 391 
TRP CA   C  N S 392 
TRP C    C  N N 393 
TRP O    O  N N 394 
TRP CB   C  N N 395 
TRP CG   C  Y N 396 
TRP CD1  C  Y N 397 
TRP CD2  C  Y N 398 
TRP NE1  N  Y N 399 
TRP CE2  C  Y N 400 
TRP CE3  C  Y N 401 
TRP CZ2  C  Y N 402 
TRP CZ3  C  Y N 403 
TRP CH2  C  Y N 404 
TRP OXT  O  N N 405 
TRP H    H  N N 406 
TRP H2   H  N N 407 
TRP HA   H  N N 408 
TRP HB2  H  N N 409 
TRP HB3  H  N N 410 
TRP HD1  H  N N 411 
TRP HE1  H  N N 412 
TRP HE3  H  N N 413 
TRP HZ2  H  N N 414 
TRP HZ3  H  N N 415 
TRP HH2  H  N N 416 
TRP HXT  H  N N 417 
TYR N    N  N N 418 
TYR CA   C  N S 419 
TYR C    C  N N 420 
TYR O    O  N N 421 
TYR CB   C  N N 422 
TYR CG   C  Y N 423 
TYR CD1  C  Y N 424 
TYR CD2  C  Y N 425 
TYR CE1  C  Y N 426 
TYR CE2  C  Y N 427 
TYR CZ   C  Y N 428 
TYR OH   O  N N 429 
TYR OXT  O  N N 430 
TYR H    H  N N 431 
TYR H2   H  N N 432 
TYR HA   H  N N 433 
TYR HB2  H  N N 434 
TYR HB3  H  N N 435 
TYR HD1  H  N N 436 
TYR HD2  H  N N 437 
TYR HE1  H  N N 438 
TYR HE2  H  N N 439 
TYR HH   H  N N 440 
TYR HXT  H  N N 441 
VAL N    N  N N 442 
VAL CA   C  N S 443 
VAL C    C  N N 444 
VAL O    O  N N 445 
VAL CB   C  N N 446 
VAL CG1  C  N N 447 
VAL CG2  C  N N 448 
VAL OXT  O  N N 449 
VAL H    H  N N 450 
VAL H2   H  N N 451 
VAL HA   H  N N 452 
VAL HB   H  N N 453 
VAL HG11 H  N N 454 
VAL HG12 H  N N 455 
VAL HG13 H  N N 456 
VAL HG21 H  N N 457 
VAL HG22 H  N N 458 
VAL HG23 H  N N 459 
VAL HXT  H  N N 460 
# 
loop_
_chem_comp_bond.comp_id 
_chem_comp_bond.atom_id_1 
_chem_comp_bond.atom_id_2 
_chem_comp_bond.value_order 
_chem_comp_bond.pdbx_aromatic_flag 
_chem_comp_bond.pdbx_stereo_config 
_chem_comp_bond.pdbx_ordinal 
ALA N   CA   sing N N 1   
ALA N   H    sing N N 2   
ALA N   H2   sing N N 3   
ALA CA  C    sing N N 4   
ALA CA  CB   sing N N 5   
ALA CA  HA   sing N N 6   
ALA C   O    doub N N 7   
ALA C   OXT  sing N N 8   
ALA CB  HB1  sing N N 9   
ALA CB  HB2  sing N N 10  
ALA CB  HB3  sing N N 11  
ALA OXT HXT  sing N N 12  
ARG N   CA   sing N N 13  
ARG N   H    sing N N 14  
ARG N   H2   sing N N 15  
ARG CA  C    sing N N 16  
ARG CA  CB   sing N N 17  
ARG CA  HA   sing N N 18  
ARG C   O    doub N N 19  
ARG C   OXT  sing N N 20  
ARG CB  CG   sing N N 21  
ARG CB  HB2  sing N N 22  
ARG CB  HB3  sing N N 23  
ARG CG  CD   sing N N 24  
ARG CG  HG2  sing N N 25  
ARG CG  HG3  sing N N 26  
ARG CD  NE   sing N N 27  
ARG CD  HD2  sing N N 28  
ARG CD  HD3  sing N N 29  
ARG NE  CZ   sing N N 30  
ARG NE  HE   sing N N 31  
ARG CZ  NH1  sing N N 32  
ARG CZ  NH2  doub N N 33  
ARG NH1 HH11 sing N N 34  
ARG NH1 HH12 sing N N 35  
ARG NH2 HH21 sing N N 36  
ARG NH2 HH22 sing N N 37  
ARG OXT HXT  sing N N 38  
ASN N   CA   sing N N 39  
ASN N   H    sing N N 40  
ASN N   H2   sing N N 41  
ASN CA  C    sing N N 42  
ASN CA  CB   sing N N 43  
ASN CA  HA   sing N N 44  
ASN C   O    doub N N 45  
ASN C   OXT  sing N N 46  
ASN CB  CG   sing N N 47  
ASN CB  HB2  sing N N 48  
ASN CB  HB3  sing N N 49  
ASN CG  OD1  doub N N 50  
ASN CG  ND2  sing N N 51  
ASN ND2 HD21 sing N N 52  
ASN ND2 HD22 sing N N 53  
ASN OXT HXT  sing N N 54  
ASP N   CA   sing N N 55  
ASP N   H    sing N N 56  
ASP N   H2   sing N N 57  
ASP CA  C    sing N N 58  
ASP CA  CB   sing N N 59  
ASP CA  HA   sing N N 60  
ASP C   O    doub N N 61  
ASP C   OXT  sing N N 62  
ASP CB  CG   sing N N 63  
ASP CB  HB2  sing N N 64  
ASP CB  HB3  sing N N 65  
ASP CG  OD1  doub N N 66  
ASP CG  OD2  sing N N 67  
ASP OD2 HD2  sing N N 68  
ASP OXT HXT  sing N N 69  
GLN N   CA   sing N N 70  
GLN N   H    sing N N 71  
GLN N   H2   sing N N 72  
GLN CA  C    sing N N 73  
GLN CA  CB   sing N N 74  
GLN CA  HA   sing N N 75  
GLN C   O    doub N N 76  
GLN C   OXT  sing N N 77  
GLN CB  CG   sing N N 78  
GLN CB  HB2  sing N N 79  
GLN CB  HB3  sing N N 80  
GLN CG  CD   sing N N 81  
GLN CG  HG2  sing N N 82  
GLN CG  HG3  sing N N 83  
GLN CD  OE1  doub N N 84  
GLN CD  NE2  sing N N 85  
GLN NE2 HE21 sing N N 86  
GLN NE2 HE22 sing N N 87  
GLN OXT HXT  sing N N 88  
GLU N   CA   sing N N 89  
GLU N   H    sing N N 90  
GLU N   H2   sing N N 91  
GLU CA  C    sing N N 92  
GLU CA  CB   sing N N 93  
GLU CA  HA   sing N N 94  
GLU C   O    doub N N 95  
GLU C   OXT  sing N N 96  
GLU CB  CG   sing N N 97  
GLU CB  HB2  sing N N 98  
GLU CB  HB3  sing N N 99  
GLU CG  CD   sing N N 100 
GLU CG  HG2  sing N N 101 
GLU CG  HG3  sing N N 102 
GLU CD  OE1  doub N N 103 
GLU CD  OE2  sing N N 104 
GLU OE2 HE2  sing N N 105 
GLU OXT HXT  sing N N 106 
GLY N   CA   sing N N 107 
GLY N   H    sing N N 108 
GLY N   H2   sing N N 109 
GLY CA  C    sing N N 110 
GLY CA  HA2  sing N N 111 
GLY CA  HA3  sing N N 112 
GLY C   O    doub N N 113 
GLY C   OXT  sing N N 114 
GLY OXT HXT  sing N N 115 
HIS N   CA   sing N N 116 
HIS N   H    sing N N 117 
HIS N   H2   sing N N 118 
HIS CA  C    sing N N 119 
HIS CA  CB   sing N N 120 
HIS CA  HA   sing N N 121 
HIS C   O    doub N N 122 
HIS C   OXT  sing N N 123 
HIS CB  CG   sing N N 124 
HIS CB  HB2  sing N N 125 
HIS CB  HB3  sing N N 126 
HIS CG  ND1  sing Y N 127 
HIS CG  CD2  doub Y N 128 
HIS ND1 CE1  doub Y N 129 
HIS ND1 HD1  sing N N 130 
HIS CD2 NE2  sing Y N 131 
HIS CD2 HD2  sing N N 132 
HIS CE1 NE2  sing Y N 133 
HIS CE1 HE1  sing N N 134 
HIS NE2 HE2  sing N N 135 
HIS OXT HXT  sing N N 136 
HKL N1  C1   sing Y N 137 
HKL N1  FE   sing N N 138 
HKL C1  C34  sing N N 139 
HKL C2  C1   doub Y N 140 
HKL C7  N1   sing Y N 141 
HKL C6  H6   sing N N 142 
HKL C6  H6A  sing N N 143 
HKL C5  C6   doub N N 144 
HKL C5  C4   sing N N 145 
HKL C5  H5   sing N N 146 
HKL C4  C2   sing Y N 147 
HKL C4  C7   doub Y N 148 
HKL C3  C2   sing N N 149 
HKL C3  H3   sing N N 150 
HKL C3  H3A  sing N N 151 
HKL C3  H3B  sing N N 152 
HKL N2  C15  doub N N 153 
HKL N2  FE   sing N N 154 
HKL C21 O1   doub N N 155 
HKL C20 C21  sing N N 156 
HKL C23 C20  sing N N 157 
HKL C23 C24  doub N N 158 
HKL C24 C22  sing N N 159 
HKL C22 C21  sing N N 160 
HKL C22 H22  sing N N 161 
HKL C22 H22A sing N N 162 
HKL C18 C20  doub N N 163 
HKL C18 C19  sing N N 164 
HKL C19 H19  sing N N 165 
HKL C19 H19A sing N N 166 
HKL C19 H19B sing N N 167 
HKL C17 C18  sing N N 168 
HKL N3  C23  sing N N 169 
HKL N3  C17  sing N N 170 
HKL C16 C17  doub N N 171 
HKL C16 H16  sing N N 172 
HKL C15 C16  sing N N 173 
HKL C12 C15  sing N N 174 
HKL C12 C13  sing N N 175 
HKL C13 C14  sing N N 176 
HKL C13 H13  sing N N 177 
HKL C13 H13A sing N N 178 
HKL C14 H14  sing N N 179 
HKL C14 H14A sing N N 180 
HKL C14 H14B sing N N 181 
HKL C10 C12  doub N N 182 
HKL C10 C9   sing N N 183 
HKL C11 C10  sing N N 184 
HKL C11 H11  sing N N 185 
HKL C11 H11A sing N N 186 
HKL C11 H11B sing N N 187 
HKL C9  N2   sing N N 188 
HKL C8  C7   sing N N 189 
HKL C8  C9   doub N N 190 
HKL C8  H8   sing N N 191 
HKL C34 C33  doub N N 192 
HKL C34 H34  sing N N 193 
HKL FE  N3   sing N N 194 
HKL FE  N4   sing N N 195 
HKL N4  C33  sing N N 196 
HKL N4  C25  doub N N 197 
HKL C25 C24  sing N N 198 
HKL C25 C26  sing N N 199 
HKL C33 C31  sing N N 200 
HKL C31 C32  sing N N 201 
HKL C32 H32  sing N N 202 
HKL C32 H32A sing N N 203 
HKL C32 H32B sing N N 204 
HKL C26 C31  sing N N 205 
HKL C27 C26  sing N N 206 
HKL C27 H27  sing N N 207 
HKL C27 H27A sing N N 208 
HKL C28 C27  sing N N 209 
HKL C28 H28  sing N N 210 
HKL C28 H28A sing N N 211 
HKL C29 C28  sing N N 212 
HKL O4  C29  doub N N 213 
HKL O2  C29  sing N N 214 
HKL C30 O2   sing N N 215 
HKL C30 H30  sing N N 216 
HKL C30 H30A sing N N 217 
HKL C30 H30B sing N N 218 
HKL C31 H33  sing N N 219 
HKL C26 H341 sing N N 220 
HOH O   H1   sing N N 221 
HOH O   H2   sing N N 222 
ILE N   CA   sing N N 223 
ILE N   H    sing N N 224 
ILE N   H2   sing N N 225 
ILE CA  C    sing N N 226 
ILE CA  CB   sing N N 227 
ILE CA  HA   sing N N 228 
ILE C   O    doub N N 229 
ILE C   OXT  sing N N 230 
ILE CB  CG1  sing N N 231 
ILE CB  CG2  sing N N 232 
ILE CB  HB   sing N N 233 
ILE CG1 CD1  sing N N 234 
ILE CG1 HG12 sing N N 235 
ILE CG1 HG13 sing N N 236 
ILE CG2 HG21 sing N N 237 
ILE CG2 HG22 sing N N 238 
ILE CG2 HG23 sing N N 239 
ILE CD1 HD11 sing N N 240 
ILE CD1 HD12 sing N N 241 
ILE CD1 HD13 sing N N 242 
ILE OXT HXT  sing N N 243 
LEU N   CA   sing N N 244 
LEU N   H    sing N N 245 
LEU N   H2   sing N N 246 
LEU CA  C    sing N N 247 
LEU CA  CB   sing N N 248 
LEU CA  HA   sing N N 249 
LEU C   O    doub N N 250 
LEU C   OXT  sing N N 251 
LEU CB  CG   sing N N 252 
LEU CB  HB2  sing N N 253 
LEU CB  HB3  sing N N 254 
LEU CG  CD1  sing N N 255 
LEU CG  CD2  sing N N 256 
LEU CG  HG   sing N N 257 
LEU CD1 HD11 sing N N 258 
LEU CD1 HD12 sing N N 259 
LEU CD1 HD13 sing N N 260 
LEU CD2 HD21 sing N N 261 
LEU CD2 HD22 sing N N 262 
LEU CD2 HD23 sing N N 263 
LEU OXT HXT  sing N N 264 
LYS N   CA   sing N N 265 
LYS N   H    sing N N 266 
LYS N   H2   sing N N 267 
LYS CA  C    sing N N 268 
LYS CA  CB   sing N N 269 
LYS CA  HA   sing N N 270 
LYS C   O    doub N N 271 
LYS C   OXT  sing N N 272 
LYS CB  CG   sing N N 273 
LYS CB  HB2  sing N N 274 
LYS CB  HB3  sing N N 275 
LYS CG  CD   sing N N 276 
LYS CG  HG2  sing N N 277 
LYS CG  HG3  sing N N 278 
LYS CD  CE   sing N N 279 
LYS CD  HD2  sing N N 280 
LYS CD  HD3  sing N N 281 
LYS CE  NZ   sing N N 282 
LYS CE  HE2  sing N N 283 
LYS CE  HE3  sing N N 284 
LYS NZ  HZ1  sing N N 285 
LYS NZ  HZ2  sing N N 286 
LYS NZ  HZ3  sing N N 287 
LYS OXT HXT  sing N N 288 
MET N   CA   sing N N 289 
MET N   H    sing N N 290 
MET N   H2   sing N N 291 
MET CA  C    sing N N 292 
MET CA  CB   sing N N 293 
MET CA  HA   sing N N 294 
MET C   O    doub N N 295 
MET C   OXT  sing N N 296 
MET CB  CG   sing N N 297 
MET CB  HB2  sing N N 298 
MET CB  HB3  sing N N 299 
MET CG  SD   sing N N 300 
MET CG  HG2  sing N N 301 
MET CG  HG3  sing N N 302 
MET SD  CE   sing N N 303 
MET CE  HE1  sing N N 304 
MET CE  HE2  sing N N 305 
MET CE  HE3  sing N N 306 
MET OXT HXT  sing N N 307 
NO2 N   O1   doub N N 308 
NO2 N   O2   sing N N 309 
PHE N   CA   sing N N 310 
PHE N   H    sing N N 311 
PHE N   H2   sing N N 312 
PHE CA  C    sing N N 313 
PHE CA  CB   sing N N 314 
PHE CA  HA   sing N N 315 
PHE C   O    doub N N 316 
PHE C   OXT  sing N N 317 
PHE CB  CG   sing N N 318 
PHE CB  HB2  sing N N 319 
PHE CB  HB3  sing N N 320 
PHE CG  CD1  doub Y N 321 
PHE CG  CD2  sing Y N 322 
PHE CD1 CE1  sing Y N 323 
PHE CD1 HD1  sing N N 324 
PHE CD2 CE2  doub Y N 325 
PHE CD2 HD2  sing N N 326 
PHE CE1 CZ   doub Y N 327 
PHE CE1 HE1  sing N N 328 
PHE CE2 CZ   sing Y N 329 
PHE CE2 HE2  sing N N 330 
PHE CZ  HZ   sing N N 331 
PHE OXT HXT  sing N N 332 
PRO N   CA   sing N N 333 
PRO N   CD   sing N N 334 
PRO N   H    sing N N 335 
PRO CA  C    sing N N 336 
PRO CA  CB   sing N N 337 
PRO CA  HA   sing N N 338 
PRO C   O    doub N N 339 
PRO C   OXT  sing N N 340 
PRO CB  CG   sing N N 341 
PRO CB  HB2  sing N N 342 
PRO CB  HB3  sing N N 343 
PRO CG  CD   sing N N 344 
PRO CG  HG2  sing N N 345 
PRO CG  HG3  sing N N 346 
PRO CD  HD2  sing N N 347 
PRO CD  HD3  sing N N 348 
PRO OXT HXT  sing N N 349 
SER N   CA   sing N N 350 
SER N   H    sing N N 351 
SER N   H2   sing N N 352 
SER CA  C    sing N N 353 
SER CA  CB   sing N N 354 
SER CA  HA   sing N N 355 
SER C   O    doub N N 356 
SER C   OXT  sing N N 357 
SER CB  OG   sing N N 358 
SER CB  HB2  sing N N 359 
SER CB  HB3  sing N N 360 
SER OG  HG   sing N N 361 
SER OXT HXT  sing N N 362 
SO4 S   O1   doub N N 363 
SO4 S   O2   doub N N 364 
SO4 S   O3   sing N N 365 
SO4 S   O4   sing N N 366 
THR N   CA   sing N N 367 
THR N   H    sing N N 368 
THR N   H2   sing N N 369 
THR CA  C    sing N N 370 
THR CA  CB   sing N N 371 
THR CA  HA   sing N N 372 
THR C   O    doub N N 373 
THR C   OXT  sing N N 374 
THR CB  OG1  sing N N 375 
THR CB  CG2  sing N N 376 
THR CB  HB   sing N N 377 
THR OG1 HG1  sing N N 378 
THR CG2 HG21 sing N N 379 
THR CG2 HG22 sing N N 380 
THR CG2 HG23 sing N N 381 
THR OXT HXT  sing N N 382 
TRP N   CA   sing N N 383 
TRP N   H    sing N N 384 
TRP N   H2   sing N N 385 
TRP CA  C    sing N N 386 
TRP CA  CB   sing N N 387 
TRP CA  HA   sing N N 388 
TRP C   O    doub N N 389 
TRP C   OXT  sing N N 390 
TRP CB  CG   sing N N 391 
TRP CB  HB2  sing N N 392 
TRP CB  HB3  sing N N 393 
TRP CG  CD1  doub Y N 394 
TRP CG  CD2  sing Y N 395 
TRP CD1 NE1  sing Y N 396 
TRP CD1 HD1  sing N N 397 
TRP CD2 CE2  doub Y N 398 
TRP CD2 CE3  sing Y N 399 
TRP NE1 CE2  sing Y N 400 
TRP NE1 HE1  sing N N 401 
TRP CE2 CZ2  sing Y N 402 
TRP CE3 CZ3  doub Y N 403 
TRP CE3 HE3  sing N N 404 
TRP CZ2 CH2  doub Y N 405 
TRP CZ2 HZ2  sing N N 406 
TRP CZ3 CH2  sing Y N 407 
TRP CZ3 HZ3  sing N N 408 
TRP CH2 HH2  sing N N 409 
TRP OXT HXT  sing N N 410 
TYR N   CA   sing N N 411 
TYR N   H    sing N N 412 
TYR N   H2   sing N N 413 
TYR CA  C    sing N N 414 
TYR CA  CB   sing N N 415 
TYR CA  HA   sing N N 416 
TYR C   O    doub N N 417 
TYR C   OXT  sing N N 418 
TYR CB  CG   sing N N 419 
TYR CB  HB2  sing N N 420 
TYR CB  HB3  sing N N 421 
TYR CG  CD1  doub Y N 422 
TYR CG  CD2  sing Y N 423 
TYR CD1 CE1  sing Y N 424 
TYR CD1 HD1  sing N N 425 
TYR CD2 CE2  doub Y N 426 
TYR CD2 HD2  sing N N 427 
TYR CE1 CZ   doub Y N 428 
TYR CE1 HE1  sing N N 429 
TYR CE2 CZ   sing Y N 430 
TYR CE2 HE2  sing N N 431 
TYR CZ  OH   sing N N 432 
TYR OH  HH   sing N N 433 
TYR OXT HXT  sing N N 434 
VAL N   CA   sing N N 435 
VAL N   H    sing N N 436 
VAL N   H2   sing N N 437 
VAL CA  C    sing N N 438 
VAL CA  CB   sing N N 439 
VAL CA  HA   sing N N 440 
VAL C   O    doub N N 441 
VAL C   OXT  sing N N 442 
VAL CB  CG1  sing N N 443 
VAL CB  CG2  sing N N 444 
VAL CB  HB   sing N N 445 
VAL CG1 HG11 sing N N 446 
VAL CG1 HG12 sing N N 447 
VAL CG1 HG13 sing N N 448 
VAL CG2 HG21 sing N N 449 
VAL CG2 HG22 sing N N 450 
VAL CG2 HG23 sing N N 451 
VAL OXT HXT  sing N N 452 
# 
loop_
_pdbx_entity_nonpoly.entity_id 
_pdbx_entity_nonpoly.name 
_pdbx_entity_nonpoly.comp_id 
2 'Fe(III) pyropheophorbide-a methyl ester' HKL 
3 'NITRITE ION'                             NO2 
4 'SULFATE ION'                             SO4 
5 water                                     HOH 
# 
_pdbx_initial_refinement_model.id               1 
_pdbx_initial_refinement_model.entity_id_list   ? 
_pdbx_initial_refinement_model.type             'experimental model' 
_pdbx_initial_refinement_model.source_name      PDB 
_pdbx_initial_refinement_model.accession_code   3BA2 
_pdbx_initial_refinement_model.details          ? 
# 
